data_3ZXS
#
_entry.id   3ZXS
#
_cell.length_a   137.840
_cell.length_b   137.840
_cell.length_c   521.940
_cell.angle_alpha   90.00
_cell.angle_beta   90.00
_cell.angle_gamma   120.00
#
_symmetry.space_group_name_H-M   'P 65 2 2'
#
loop_
_entity.id
_entity.type
_entity.pdbx_description
1 polymer 'CRYPTOCHROME B'
2 non-polymer 'FLAVIN-ADENINE DINUCLEOTIDE'
3 non-polymer 'IRON/SULFUR CLUSTER'
4 non-polymer 1-deoxy-1-(6,7-dimethyl-2,4-dioxo-3,4-dihydropteridin-8(2H)-yl)-D-ribitol
5 non-polymer 'MAGNESIUM ION'
6 non-polymer 'GADOLINIUM ATOM'
7 water water
#
_entity_poly.entity_id   1
_entity_poly.type   'polypeptide(L)'
_entity_poly.pdbx_seq_one_letter_code
;MRGSHHHHHHGIRMLTRLILVLGDQLSDDLPALRAADPAADLVVMAEVMEEGTYVPHHPQKIALILAAMRKFARRLQERG
FRVAYSRLDDPDTGPSIGAELLRRAAETGAREAVATRPGDWRLIEALEAMPLPVRFLPDDRFLCPADEFARWTEGRKQLR
MEWFYREMRRRTGLLMEGDEPAGGKWNFDTENRKPAAPDLLRPRPLRFEPDAEVRAVLDLVEARFPRHFGRLRPFHWATD
RAEALRALDHFIRESLPRFGDEQDAMLADDPFLSHALLSSSMNLGLLGPMEVCRRAETEWREGRAPLNAVEGFIRQILGW
REYVRGIWTLSGPDYIRSNGLGHSAALPPLYWGKPTRMACLSAAVAQTRDLAYAHHIQRLMVTGNFALLAGVDPAEVHEW
YLSVYIDALEWVEAPNTIGMSQFADHGLLGSKPYVSSGAYIDRMSDYCRGCAYAVKDRTGPRACPFNLLYWHFLNRHRAR
FERNPRMVQMYRTWDRMEETHRARVLTEAEAFLGRLHAGEPV
;
_entity_poly.pdbx_strand_id   A,B,C
#
# COMPACT_ATOMS: atom_id res chain seq x y z
N LEU A 15 14.29 -34.34 5.94
CA LEU A 15 13.87 -33.39 7.02
C LEU A 15 12.97 -32.23 6.52
N THR A 16 12.88 -32.10 5.18
CA THR A 16 12.00 -31.14 4.54
C THR A 16 10.57 -31.64 4.63
N ARG A 17 9.66 -30.74 4.97
CA ARG A 17 8.26 -31.02 4.90
C ARG A 17 7.62 -30.11 3.88
N LEU A 18 6.61 -30.62 3.18
CA LEU A 18 5.82 -29.79 2.28
C LEU A 18 4.73 -29.01 3.06
N ILE A 19 4.60 -27.73 2.79
CA ILE A 19 3.55 -26.91 3.41
C ILE A 19 2.57 -26.46 2.31
N LEU A 20 1.35 -27.00 2.32
CA LEU A 20 0.37 -26.67 1.30
C LEU A 20 -0.35 -25.36 1.64
N VAL A 21 -0.45 -24.47 0.64
CA VAL A 21 -1.35 -23.33 0.71
C VAL A 21 -2.30 -23.37 -0.50
N LEU A 22 -3.56 -23.64 -0.23
CA LEU A 22 -4.57 -23.68 -1.26
C LEU A 22 -5.00 -22.26 -1.57
N GLY A 23 -5.82 -22.12 -2.58
CA GLY A 23 -6.22 -20.80 -3.03
C GLY A 23 -7.18 -20.02 -2.14
N ASP A 24 -7.78 -20.66 -1.16
CA ASP A 24 -8.57 -19.89 -0.22
C ASP A 24 -7.87 -19.74 1.13
N GLN A 25 -6.55 -19.87 1.13
CA GLN A 25 -5.78 -19.89 2.34
C GLN A 25 -4.69 -18.78 2.30
N LEU A 26 -5.05 -17.65 1.70
CA LEU A 26 -4.11 -16.58 1.49
C LEU A 26 -4.06 -15.66 2.72
N SER A 27 -3.67 -16.27 3.84
CA SER A 27 -3.54 -15.54 5.10
C SER A 27 -2.15 -15.65 5.66
N ASP A 28 -1.54 -14.51 5.97
CA ASP A 28 -0.24 -14.48 6.66
C ASP A 28 -0.06 -15.42 7.85
N ASP A 29 -1.11 -15.55 8.65
CA ASP A 29 -1.06 -16.35 9.87
C ASP A 29 -1.81 -17.72 9.73
N LEU A 30 -1.74 -18.29 8.55
CA LEU A 30 -2.36 -19.55 8.26
C LEU A 30 -1.73 -20.61 9.13
N PRO A 31 -2.53 -21.45 9.78
CA PRO A 31 -1.96 -22.48 10.66
C PRO A 31 -0.77 -23.26 10.05
N ALA A 32 -0.91 -23.69 8.79
CA ALA A 32 0.15 -24.46 8.12
C ALA A 32 1.49 -23.65 8.08
N LEU A 33 1.38 -22.33 7.92
CA LEU A 33 2.53 -21.44 7.78
C LEU A 33 3.16 -21.19 9.12
N ARG A 34 2.31 -21.04 10.12
CA ARG A 34 2.79 -20.99 11.48
C ARG A 34 3.63 -22.22 11.83
N ALA A 35 3.26 -23.37 11.30
CA ALA A 35 3.93 -24.62 11.68
C ALA A 35 5.16 -24.88 10.86
N ALA A 36 5.46 -24.03 9.88
CA ALA A 36 6.55 -24.33 8.94
C ALA A 36 7.84 -23.81 9.52
N ASP A 37 8.96 -24.31 9.00
CA ASP A 37 10.29 -23.77 9.32
C ASP A 37 10.78 -23.20 8.02
N PRO A 38 10.86 -21.87 7.92
CA PRO A 38 11.29 -21.30 6.67
C PRO A 38 12.67 -21.78 6.21
N ALA A 39 13.56 -22.13 7.11
CA ALA A 39 14.87 -22.62 6.69
C ALA A 39 14.76 -24.00 6.06
N ALA A 40 13.84 -24.84 6.53
CA ALA A 40 13.80 -26.27 6.17
C ALA A 40 12.68 -26.74 5.21
N ASP A 41 11.52 -26.13 5.29
CA ASP A 41 10.30 -26.63 4.62
C ASP A 41 10.02 -25.92 3.30
N LEU A 42 9.26 -26.54 2.43
CA LEU A 42 9.00 -25.97 1.10
C LEU A 42 7.51 -25.68 1.00
N VAL A 43 7.15 -24.41 0.78
CA VAL A 43 5.74 -24.07 0.57
C VAL A 43 5.35 -24.48 -0.82
N VAL A 44 4.21 -25.14 -0.94
CA VAL A 44 3.68 -25.64 -2.20
C VAL A 44 2.34 -25.00 -2.55
N MET A 45 2.26 -24.39 -3.71
CA MET A 45 1.02 -23.79 -4.21
C MET A 45 0.89 -24.23 -5.66
N ALA A 46 -0.35 -24.42 -6.11
CA ALA A 46 -0.57 -25.09 -7.41
C ALA A 46 -1.90 -24.68 -8.00
N GLU A 47 -1.81 -24.18 -9.23
CA GLU A 47 -2.96 -23.81 -10.00
C GLU A 47 -3.23 -25.01 -10.91
N VAL A 48 -4.37 -25.66 -10.73
CA VAL A 48 -4.64 -26.95 -11.41
C VAL A 48 -6.05 -27.10 -11.93
N MET A 49 -6.18 -27.90 -12.99
CA MET A 49 -7.42 -27.93 -13.75
C MET A 49 -8.55 -28.55 -12.96
N GLU A 50 -8.20 -29.47 -12.06
CA GLU A 50 -9.20 -30.15 -11.27
C GLU A 50 -9.94 -29.15 -10.40
N GLU A 51 -9.21 -28.21 -9.78
CA GLU A 51 -9.84 -27.21 -8.96
C GLU A 51 -10.51 -26.17 -9.83
N GLY A 52 -10.04 -26.00 -11.05
CA GLY A 52 -10.73 -25.10 -11.96
C GLY A 52 -11.97 -25.65 -12.62
N THR A 53 -12.26 -26.94 -12.47
CA THR A 53 -13.38 -27.52 -13.21
C THR A 53 -14.30 -28.46 -12.43
N TYR A 54 -14.05 -28.67 -11.14
CA TYR A 54 -14.92 -29.55 -10.38
C TYR A 54 -16.36 -29.02 -10.39
N VAL A 55 -16.51 -27.71 -10.46
CA VAL A 55 -17.72 -27.12 -10.98
C VAL A 55 -17.25 -26.08 -11.97
N PRO A 56 -18.13 -25.72 -12.93
CA PRO A 56 -17.66 -24.78 -13.94
C PRO A 56 -17.72 -23.34 -13.41
N HIS A 57 -16.70 -22.94 -12.66
CA HIS A 57 -16.73 -21.69 -11.91
C HIS A 57 -16.89 -20.51 -12.85
N HIS A 58 -17.49 -19.44 -12.34
CA HIS A 58 -17.52 -18.18 -13.07
C HIS A 58 -16.05 -17.82 -13.40
N PRO A 59 -15.76 -17.50 -14.64
CA PRO A 59 -14.42 -17.03 -14.95
C PRO A 59 -13.89 -16.00 -14.00
N GLN A 60 -14.73 -15.09 -13.54
CA GLN A 60 -14.22 -14.04 -12.61
C GLN A 60 -13.66 -14.67 -11.35
N LYS A 61 -14.37 -15.65 -10.82
CA LYS A 61 -13.87 -16.43 -9.69
C LYS A 61 -12.53 -17.14 -9.96
N ILE A 62 -12.42 -17.83 -11.08
CA ILE A 62 -11.16 -18.49 -11.38
C ILE A 62 -10.03 -17.44 -11.42
N ALA A 63 -10.27 -16.32 -12.07
CA ALA A 63 -9.28 -15.33 -12.25
C ALA A 63 -8.85 -14.73 -10.92
N LEU A 64 -9.84 -14.44 -10.06
CA LEU A 64 -9.61 -13.89 -8.73
C LEU A 64 -8.68 -14.76 -7.96
N ILE A 65 -8.95 -16.07 -7.95
CA ILE A 65 -8.18 -17.01 -7.11
C ILE A 65 -6.79 -17.18 -7.64
N LEU A 66 -6.65 -17.42 -8.93
CA LEU A 66 -5.31 -17.58 -9.47
C LEU A 66 -4.45 -16.31 -9.24
N ALA A 67 -5.01 -15.11 -9.45
CA ALA A 67 -4.26 -13.88 -9.34
C ALA A 67 -3.87 -13.57 -7.89
N ALA A 68 -4.77 -13.85 -6.99
CA ALA A 68 -4.51 -13.62 -5.57
C ALA A 68 -3.48 -14.64 -5.11
N MET A 69 -3.53 -15.83 -5.71
CA MET A 69 -2.56 -16.88 -5.40
C MET A 69 -1.13 -16.43 -5.75
N ARG A 70 -0.96 -15.85 -6.94
CA ARG A 70 0.38 -15.45 -7.41
C ARG A 70 0.90 -14.36 -6.55
N LYS A 71 0.05 -13.38 -6.25
CA LYS A 71 0.45 -12.28 -5.41
C LYS A 71 0.86 -12.80 -4.04
N PHE A 72 0.08 -13.72 -3.50
CA PHE A 72 0.39 -14.22 -2.17
C PHE A 72 1.66 -15.03 -2.20
N ALA A 73 1.88 -15.82 -3.25
CA ALA A 73 3.13 -16.57 -3.37
C ALA A 73 4.32 -15.63 -3.29
N ARG A 74 4.28 -14.54 -4.03
CA ARG A 74 5.39 -13.58 -4.04
C ARG A 74 5.59 -12.95 -2.66
N ARG A 75 4.51 -12.72 -1.96
CA ARG A 75 4.56 -12.20 -0.64
C ARG A 75 5.23 -13.15 0.34
N LEU A 76 4.87 -14.43 0.25
CA LEU A 76 5.56 -15.45 1.01
C LEU A 76 7.07 -15.43 0.76
N GLN A 77 7.47 -15.16 -0.48
CA GLN A 77 8.90 -15.07 -0.77
C GLN A 77 9.48 -13.85 -0.08
N GLU A 78 8.77 -12.74 -0.08
CA GLU A 78 9.26 -11.52 0.55
C GLU A 78 9.42 -11.70 2.06
N ARG A 79 8.66 -12.62 2.64
CA ARG A 79 8.71 -12.92 4.06
C ARG A 79 9.74 -13.97 4.42
N GLY A 80 10.44 -14.54 3.45
CA GLY A 80 11.46 -15.55 3.75
C GLY A 80 11.15 -17.01 3.42
N PHE A 81 9.92 -17.36 3.05
CA PHE A 81 9.62 -18.76 2.68
C PHE A 81 10.16 -19.16 1.33
N ARG A 82 10.49 -20.43 1.19
CA ARG A 82 10.81 -20.96 -0.13
C ARG A 82 9.52 -21.52 -0.75
N VAL A 83 9.15 -21.01 -1.92
CA VAL A 83 7.89 -21.39 -2.54
C VAL A 83 8.11 -22.13 -3.86
N ALA A 84 7.47 -23.29 -3.99
CA ALA A 84 7.38 -24.06 -5.25
C ALA A 84 6.01 -23.79 -5.88
N TYR A 85 5.97 -22.93 -6.89
CA TYR A 85 4.67 -22.51 -7.44
C TYR A 85 4.42 -23.14 -8.82
N SER A 86 3.37 -23.95 -8.92
CA SER A 86 3.00 -24.61 -10.17
C SER A 86 1.92 -23.82 -10.92
N ARG A 87 2.29 -23.22 -12.03
CA ARG A 87 1.40 -22.42 -12.83
C ARG A 87 0.48 -23.22 -13.74
N LEU A 88 -0.76 -22.76 -13.88
CA LEU A 88 -1.76 -23.48 -14.64
C LEU A 88 -1.30 -23.59 -16.09
N ASP A 89 -0.64 -22.54 -16.55
CA ASP A 89 -0.11 -22.48 -17.91
C ASP A 89 1.32 -23.01 -18.04
N ASP A 90 1.75 -23.87 -17.13
CA ASP A 90 3.01 -24.59 -17.29
C ASP A 90 2.62 -26.02 -17.65
N PRO A 91 3.13 -26.55 -18.76
CA PRO A 91 2.71 -27.89 -19.12
C PRO A 91 3.25 -28.96 -18.15
N ASP A 92 4.25 -28.63 -17.36
CA ASP A 92 4.72 -29.54 -16.31
C ASP A 92 3.74 -29.68 -15.15
N THR A 93 2.81 -28.75 -14.99
CA THR A 93 1.87 -28.83 -13.87
C THR A 93 0.91 -30.01 -14.09
N GLY A 94 0.75 -30.83 -13.06
CA GLY A 94 -0.21 -31.92 -13.07
C GLY A 94 -1.65 -31.50 -12.85
N PRO A 95 -2.56 -32.48 -12.83
CA PRO A 95 -3.97 -32.20 -12.94
C PRO A 95 -4.62 -31.85 -11.63
N SER A 96 -3.96 -32.14 -10.51
CA SER A 96 -4.57 -31.96 -9.22
C SER A 96 -3.62 -31.51 -8.14
N ILE A 97 -4.16 -31.02 -7.03
CA ILE A 97 -3.32 -30.62 -5.92
C ILE A 97 -2.46 -31.80 -5.47
N GLY A 98 -3.05 -33.00 -5.46
CA GLY A 98 -2.33 -34.21 -5.11
C GLY A 98 -1.17 -34.51 -6.02
N ALA A 99 -1.37 -34.39 -7.33
CA ALA A 99 -0.28 -34.67 -8.27
C ALA A 99 0.94 -33.77 -7.97
N GLU A 100 0.69 -32.52 -7.60
CA GLU A 100 1.76 -31.59 -7.37
C GLU A 100 2.47 -31.79 -6.02
N LEU A 101 1.70 -32.11 -4.99
CA LEU A 101 2.28 -32.53 -3.73
C LEU A 101 3.26 -33.71 -3.93
N LEU A 102 2.82 -34.73 -4.66
CA LEU A 102 3.63 -35.87 -4.94
C LEU A 102 4.90 -35.57 -5.73
N ARG A 103 4.79 -34.62 -6.64
CA ARG A 103 5.87 -34.29 -7.53
C ARG A 103 6.95 -33.62 -6.71
N ARG A 104 6.51 -32.79 -5.80
CA ARG A 104 7.42 -31.99 -5.02
C ARG A 104 7.99 -32.85 -3.92
N ALA A 105 7.26 -33.86 -3.49
CA ALA A 105 7.81 -34.85 -2.55
C ALA A 105 9.00 -35.51 -3.23
N ALA A 106 8.79 -35.98 -4.45
CA ALA A 106 9.84 -36.65 -5.20
C ALA A 106 11.05 -35.76 -5.38
N GLU A 107 10.85 -34.50 -5.77
CA GLU A 107 11.95 -33.58 -6.02
C GLU A 107 12.76 -33.25 -4.76
N THR A 108 12.16 -33.43 -3.61
CA THR A 108 12.58 -32.80 -2.39
C THR A 108 13.05 -33.85 -1.35
N GLY A 109 12.41 -35.01 -1.34
CA GLY A 109 12.71 -36.04 -0.36
C GLY A 109 11.72 -36.05 0.80
N ALA A 110 10.72 -35.20 0.75
CA ALA A 110 9.83 -34.97 1.88
C ALA A 110 8.95 -36.18 2.04
N ARG A 111 8.65 -36.54 3.29
CA ARG A 111 7.96 -37.76 3.56
C ARG A 111 6.55 -37.45 4.08
N GLU A 112 6.21 -36.17 4.14
CA GLU A 112 4.98 -35.71 4.77
C GLU A 112 4.61 -34.31 4.26
N ALA A 113 3.31 -34.04 4.13
CA ALA A 113 2.84 -32.68 3.85
C ALA A 113 2.01 -32.19 5.04
N VAL A 114 2.10 -30.91 5.38
CA VAL A 114 1.20 -30.27 6.37
C VAL A 114 0.17 -29.38 5.65
N ALA A 115 -1.08 -29.41 6.07
CA ALA A 115 -2.12 -28.65 5.38
C ALA A 115 -3.19 -28.14 6.32
N THR A 116 -3.51 -26.88 6.20
CA THR A 116 -4.69 -26.39 6.89
C THR A 116 -5.87 -27.05 6.19
N ARG A 117 -6.74 -27.68 6.98
CA ARG A 117 -7.89 -28.40 6.49
C ARG A 117 -8.73 -27.49 5.67
N PRO A 118 -8.97 -27.84 4.42
CA PRO A 118 -9.77 -27.06 3.48
C PRO A 118 -11.26 -27.07 3.77
N GLY A 119 -12.03 -26.34 2.99
CA GLY A 119 -13.47 -26.26 3.23
C GLY A 119 -14.29 -26.87 2.11
N ASP A 120 -13.86 -28.04 1.68
CA ASP A 120 -14.50 -28.76 0.60
C ASP A 120 -14.25 -30.24 0.84
N TRP A 121 -15.32 -31.02 0.94
CA TRP A 121 -15.20 -32.45 1.28
C TRP A 121 -14.49 -33.27 0.22
N ARG A 122 -14.71 -32.98 -1.04
CA ARG A 122 -14.03 -33.68 -2.11
C ARG A 122 -12.53 -33.48 -2.02
N LEU A 123 -12.09 -32.23 -1.78
CA LEU A 123 -10.66 -31.98 -1.58
C LEU A 123 -10.14 -32.66 -0.34
N ILE A 124 -10.91 -32.65 0.74
CA ILE A 124 -10.42 -33.33 1.93
C ILE A 124 -10.12 -34.80 1.56
N GLU A 125 -11.06 -35.47 0.91
CA GLU A 125 -10.93 -36.90 0.64
C GLU A 125 -9.76 -37.19 -0.25
N ALA A 126 -9.53 -36.29 -1.21
CA ALA A 126 -8.48 -36.44 -2.21
C ALA A 126 -7.13 -36.43 -1.53
N LEU A 127 -6.95 -35.49 -0.63
CA LEU A 127 -5.70 -35.39 0.09
C LEU A 127 -5.48 -36.56 1.07
N GLU A 128 -6.54 -37.12 1.62
CA GLU A 128 -6.44 -38.33 2.47
C GLU A 128 -6.07 -39.55 1.65
N ALA A 129 -6.65 -39.67 0.47
CA ALA A 129 -6.42 -40.79 -0.44
C ALA A 129 -5.03 -40.79 -1.07
N MET A 130 -4.36 -39.65 -1.03
CA MET A 130 -3.09 -39.49 -1.69
C MET A 130 -2.08 -40.38 -0.97
N PRO A 131 -1.24 -41.14 -1.70
CA PRO A 131 -0.28 -41.99 -1.01
C PRO A 131 0.91 -41.20 -0.45
N LEU A 132 0.64 -40.09 0.23
CA LEU A 132 1.63 -39.30 0.94
C LEU A 132 0.89 -38.82 2.15
N PRO A 133 1.53 -38.94 3.32
CA PRO A 133 0.76 -38.62 4.51
C PRO A 133 0.60 -37.12 4.66
N VAL A 134 -0.57 -36.71 5.10
CA VAL A 134 -0.88 -35.33 5.26
C VAL A 134 -1.24 -35.05 6.70
N ARG A 135 -0.53 -34.14 7.34
CA ARG A 135 -0.93 -33.71 8.67
C ARG A 135 -1.86 -32.52 8.53
N PHE A 136 -3.12 -32.69 8.90
CA PHE A 136 -4.07 -31.60 8.85
C PHE A 136 -4.04 -30.80 10.14
N LEU A 137 -4.15 -29.47 9.99
CA LEU A 137 -4.35 -28.56 11.11
C LEU A 137 -5.71 -27.95 10.95
N PRO A 138 -6.41 -27.65 12.04
CA PRO A 138 -7.67 -26.95 11.91
C PRO A 138 -7.54 -25.54 11.34
N ASP A 139 -8.62 -25.09 10.69
CA ASP A 139 -8.68 -23.77 10.17
C ASP A 139 -9.19 -22.89 11.29
N ASP A 140 -8.31 -22.04 11.81
CA ASP A 140 -8.63 -21.21 12.96
C ASP A 140 -9.01 -19.76 12.61
N ARG A 141 -9.50 -19.55 11.40
CA ARG A 141 -9.81 -18.21 10.95
C ARG A 141 -11.26 -17.85 11.24
N PHE A 142 -11.99 -18.77 11.82
CA PHE A 142 -13.32 -18.48 12.28
C PHE A 142 -13.35 -18.06 13.75
N LEU A 143 -14.36 -17.30 14.14
CA LEU A 143 -14.49 -16.81 15.50
C LEU A 143 -14.88 -17.92 16.49
N CYS A 144 -15.56 -18.94 15.99
CA CYS A 144 -15.93 -20.08 16.80
C CYS A 144 -15.16 -21.31 16.36
N PRO A 145 -14.34 -21.87 17.25
CA PRO A 145 -13.62 -23.06 16.84
C PRO A 145 -14.57 -24.23 16.57
N ALA A 146 -14.18 -25.13 15.67
CA ALA A 146 -14.97 -26.30 15.34
C ALA A 146 -15.36 -27.09 16.58
N ASP A 147 -14.39 -27.37 17.45
CA ASP A 147 -14.67 -28.24 18.60
C ASP A 147 -15.64 -27.57 19.52
N GLU A 148 -15.63 -26.24 19.55
CA GLU A 148 -16.56 -25.50 20.35
C GLU A 148 -17.95 -25.40 19.73
N PHE A 149 -18.03 -25.37 18.41
CA PHE A 149 -19.34 -25.44 17.75
C PHE A 149 -20.00 -26.75 18.05
N ALA A 150 -19.24 -27.84 17.88
CA ALA A 150 -19.77 -29.17 18.16
C ALA A 150 -20.30 -29.24 19.60
N ARG A 151 -19.50 -28.74 20.55
CA ARG A 151 -19.90 -28.71 21.95
C ARG A 151 -21.19 -27.91 22.16
N TRP A 152 -21.33 -26.75 21.58
CA TRP A 152 -22.54 -26.01 21.77
C TRP A 152 -23.80 -26.75 21.27
N THR A 153 -23.67 -27.57 20.22
CA THR A 153 -24.85 -28.20 19.62
C THR A 153 -25.32 -29.44 20.33
N GLU A 154 -24.42 -30.03 21.11
CA GLU A 154 -24.64 -31.35 21.66
C GLU A 154 -25.93 -31.42 22.50
N GLY A 155 -26.77 -32.40 22.17
CA GLY A 155 -28.01 -32.62 22.87
C GLY A 155 -29.14 -31.74 22.44
N ARG A 156 -28.90 -30.88 21.48
CA ARG A 156 -29.95 -29.97 21.01
C ARG A 156 -30.71 -30.68 19.92
N LYS A 157 -32.02 -30.76 20.09
CA LYS A 157 -32.87 -31.55 19.23
C LYS A 157 -33.26 -30.68 18.05
N GLN A 158 -33.04 -29.39 18.20
CA GLN A 158 -33.34 -28.44 17.15
C GLN A 158 -32.30 -27.33 17.23
N LEU A 159 -31.72 -26.96 16.09
CA LEU A 159 -30.77 -25.83 16.06
C LEU A 159 -31.42 -24.60 15.48
N ARG A 160 -31.01 -23.44 15.99
CA ARG A 160 -31.48 -22.17 15.54
C ARG A 160 -30.32 -21.19 15.60
N MET A 161 -30.02 -20.52 14.50
CA MET A 161 -28.90 -19.57 14.46
C MET A 161 -28.93 -18.55 15.59
N GLU A 162 -30.13 -18.06 15.94
CA GLU A 162 -30.26 -16.97 16.91
C GLU A 162 -29.62 -17.32 18.23
N TRP A 163 -29.81 -18.54 18.71
CA TRP A 163 -29.29 -18.89 20.03
C TRP A 163 -27.79 -18.94 19.97
N PHE A 164 -27.27 -19.49 18.88
CA PHE A 164 -25.83 -19.52 18.63
C PHE A 164 -25.23 -18.11 18.52
N TYR A 165 -25.91 -17.21 17.85
CA TYR A 165 -25.45 -15.83 17.71
C TYR A 165 -25.34 -15.09 19.04
N ARG A 166 -26.35 -15.26 19.89
CA ARG A 166 -26.34 -14.56 21.15
C ARG A 166 -25.17 -15.01 21.95
N GLU A 167 -24.89 -16.32 21.89
CA GLU A 167 -23.77 -16.88 22.63
C GLU A 167 -22.44 -16.37 22.07
N MET A 168 -22.35 -16.27 20.75
CA MET A 168 -21.16 -15.68 20.13
C MET A 168 -20.96 -14.21 20.48
N ARG A 169 -22.07 -13.48 20.64
CA ARG A 169 -21.99 -12.08 21.08
C ARG A 169 -21.34 -12.06 22.46
N ARG A 170 -21.78 -12.98 23.31
CA ARG A 170 -21.27 -13.00 24.67
C ARG A 170 -19.82 -13.47 24.71
N ARG A 171 -19.47 -14.47 23.94
CA ARG A 171 -18.10 -14.93 24.00
C ARG A 171 -17.14 -13.87 23.52
N THR A 172 -17.48 -13.22 22.42
CA THR A 172 -16.55 -12.29 21.80
C THR A 172 -16.55 -10.89 22.45
N GLY A 173 -17.66 -10.52 23.08
CA GLY A 173 -17.86 -9.19 23.62
C GLY A 173 -18.39 -8.17 22.63
N LEU A 174 -18.80 -8.61 21.45
CA LEU A 174 -19.18 -7.65 20.41
C LEU A 174 -20.58 -7.13 20.69
N LEU A 175 -20.71 -5.80 20.63
CA LEU A 175 -21.95 -5.08 21.01
C LEU A 175 -22.47 -5.57 22.34
N MET A 176 -21.56 -5.65 23.29
CA MET A 176 -21.91 -6.06 24.63
C MET A 176 -21.53 -4.94 25.57
N GLU A 177 -22.52 -4.44 26.32
CA GLU A 177 -22.32 -3.45 27.41
C GLU A 177 -22.56 -4.18 28.72
N GLY A 178 -21.51 -4.80 29.25
CA GLY A 178 -21.64 -5.70 30.40
C GLY A 178 -22.09 -7.08 29.95
N ASP A 179 -23.11 -7.61 30.62
CA ASP A 179 -23.72 -8.87 30.24
C ASP A 179 -24.99 -8.53 29.47
N GLU A 180 -25.16 -7.27 29.07
CA GLU A 180 -26.32 -6.84 28.26
C GLU A 180 -25.95 -6.49 26.81
N PRO A 181 -26.88 -6.74 25.87
CA PRO A 181 -26.65 -6.37 24.50
C PRO A 181 -26.82 -4.87 24.27
N ALA A 182 -25.93 -4.30 23.47
CA ALA A 182 -26.02 -2.88 23.13
C ALA A 182 -27.43 -2.49 22.78
N GLY A 183 -27.88 -1.37 23.35
CA GLY A 183 -29.14 -0.77 22.99
C GLY A 183 -30.35 -1.48 23.52
N GLY A 184 -30.15 -2.49 24.37
CA GLY A 184 -31.23 -3.07 25.17
C GLY A 184 -32.04 -4.18 24.54
N LYS A 185 -31.70 -4.59 23.33
CA LYS A 185 -32.25 -5.82 22.76
C LYS A 185 -31.24 -6.47 21.85
N TRP A 186 -31.52 -7.71 21.52
CA TRP A 186 -30.51 -8.55 20.90
C TRP A 186 -30.37 -8.37 19.40
N ASN A 187 -31.49 -8.23 18.73
CA ASN A 187 -31.59 -8.40 17.29
C ASN A 187 -32.55 -7.36 16.71
N PHE A 188 -32.03 -6.59 15.77
CA PHE A 188 -32.80 -5.51 15.14
C PHE A 188 -33.28 -5.80 13.69
N ASP A 189 -33.42 -7.08 13.30
CA ASP A 189 -33.86 -7.43 11.95
C ASP A 189 -35.23 -6.84 11.61
N THR A 190 -36.09 -6.63 12.61
CA THR A 190 -37.41 -6.04 12.35
C THR A 190 -37.33 -4.61 11.73
N GLU A 191 -36.21 -3.94 11.90
CA GLU A 191 -36.02 -2.58 11.38
C GLU A 191 -35.39 -2.54 9.98
N ASN A 192 -34.95 -3.70 9.52
CA ASN A 192 -34.15 -3.85 8.31
C ASN A 192 -34.92 -4.58 7.18
N ARG A 193 -36.18 -4.23 6.98
CA ARG A 193 -37.04 -4.88 6.01
C ARG A 193 -37.86 -3.95 5.13
N LYS A 194 -37.38 -2.74 4.86
CA LYS A 194 -38.14 -1.81 4.03
C LYS A 194 -37.57 -1.77 2.61
N PRO A 195 -38.36 -1.31 1.63
CA PRO A 195 -37.77 -1.01 0.33
C PRO A 195 -36.90 0.26 0.38
N ALA A 196 -36.21 0.53 -0.72
CA ALA A 196 -35.25 1.61 -0.78
C ALA A 196 -35.56 2.47 -1.97
N ALA A 197 -35.29 3.76 -1.89
CA ALA A 197 -35.47 4.67 -3.02
C ALA A 197 -34.12 4.96 -3.70
N PRO A 198 -34.13 5.23 -5.01
CA PRO A 198 -32.97 5.81 -5.65
C PRO A 198 -32.53 7.10 -4.94
N ASP A 199 -31.23 7.38 -4.88
CA ASP A 199 -30.67 8.36 -3.94
C ASP A 199 -29.33 8.86 -4.41
N LEU A 200 -29.22 10.15 -4.70
CA LEU A 200 -27.99 10.73 -5.19
C LEU A 200 -26.89 10.56 -4.18
N LEU A 201 -27.26 10.54 -2.91
CA LEU A 201 -26.30 10.48 -1.83
C LEU A 201 -25.89 9.08 -1.49
N ARG A 202 -26.34 8.06 -2.24
CA ARG A 202 -25.95 6.69 -1.93
C ARG A 202 -24.71 6.31 -2.69
N PRO A 203 -23.62 6.03 -1.98
CA PRO A 203 -22.37 5.70 -2.64
C PRO A 203 -22.39 4.34 -3.29
N ARG A 204 -21.61 4.24 -4.37
CA ARG A 204 -21.33 3.01 -5.08
C ARG A 204 -20.07 2.43 -4.49
N PRO A 205 -19.98 1.09 -4.46
CA PRO A 205 -18.81 0.48 -3.87
C PRO A 205 -17.59 0.65 -4.70
N LEU A 206 -16.49 0.32 -4.08
CA LEU A 206 -15.21 0.59 -4.63
C LEU A 206 -14.87 -0.53 -5.60
N ARG A 207 -14.37 -0.21 -6.79
CA ARG A 207 -13.95 -1.23 -7.76
C ARG A 207 -12.47 -1.09 -7.99
N PHE A 208 -11.80 -2.14 -8.45
CA PHE A 208 -10.35 -2.17 -8.57
C PHE A 208 -9.91 -2.59 -9.94
N GLU A 209 -9.02 -1.80 -10.51
CA GLU A 209 -8.52 -2.04 -11.85
C GLU A 209 -7.39 -3.06 -11.78
N PRO A 210 -7.45 -4.08 -12.62
CA PRO A 210 -6.39 -5.02 -12.69
C PRO A 210 -5.11 -4.47 -13.21
N ASP A 211 -4.03 -4.73 -12.50
CA ASP A 211 -2.67 -4.49 -12.96
C ASP A 211 -2.23 -5.56 -13.96
N ALA A 212 -0.98 -5.51 -14.40
CA ALA A 212 -0.53 -6.30 -15.55
C ALA A 212 -0.53 -7.78 -15.22
N GLU A 213 -0.23 -8.09 -13.98
CA GLU A 213 -0.14 -9.49 -13.53
C GLU A 213 -1.54 -10.15 -13.46
N VAL A 214 -2.53 -9.39 -12.97
CA VAL A 214 -3.92 -9.79 -13.04
C VAL A 214 -4.38 -9.89 -14.48
N ARG A 215 -3.94 -8.96 -15.31
CA ARG A 215 -4.37 -9.01 -16.70
C ARG A 215 -3.81 -10.26 -17.37
N ALA A 216 -2.58 -10.68 -16.99
CA ALA A 216 -2.01 -11.90 -17.56
C ALA A 216 -2.90 -13.10 -17.18
N VAL A 217 -3.41 -13.11 -15.96
CA VAL A 217 -4.30 -14.16 -15.53
C VAL A 217 -5.65 -14.10 -16.25
N LEU A 218 -6.16 -12.89 -16.47
CA LEU A 218 -7.42 -12.71 -17.17
C LEU A 218 -7.31 -13.28 -18.57
N ASP A 219 -6.21 -13.00 -19.26
CA ASP A 219 -6.00 -13.54 -20.58
C ASP A 219 -5.96 -15.07 -20.61
N LEU A 220 -5.36 -15.65 -19.57
CA LEU A 220 -5.26 -17.10 -19.40
C LEU A 220 -6.61 -17.76 -19.23
N VAL A 221 -7.41 -17.19 -18.33
CA VAL A 221 -8.73 -17.71 -18.02
C VAL A 221 -9.69 -17.61 -19.20
N GLU A 222 -9.57 -16.53 -19.95
CA GLU A 222 -10.38 -16.37 -21.14
C GLU A 222 -10.08 -17.51 -22.11
N ALA A 223 -8.81 -17.84 -22.31
CA ALA A 223 -8.39 -18.88 -23.23
C ALA A 223 -8.67 -20.32 -22.73
N ARG A 224 -8.57 -20.54 -21.42
CA ARG A 224 -8.55 -21.87 -20.86
C ARG A 224 -9.91 -22.38 -20.41
N PHE A 225 -10.83 -21.48 -20.16
CA PHE A 225 -12.12 -21.83 -19.61
C PHE A 225 -13.27 -21.16 -20.37
N PRO A 226 -13.20 -21.17 -21.69
CA PRO A 226 -14.16 -20.43 -22.49
C PRO A 226 -15.62 -20.82 -22.34
N ARG A 227 -15.92 -22.03 -21.90
CA ARG A 227 -17.31 -22.52 -21.94
C ARG A 227 -18.04 -22.37 -20.63
N HIS A 228 -17.38 -21.80 -19.64
CA HIS A 228 -18.02 -21.52 -18.35
C HIS A 228 -18.91 -20.29 -18.53
N PHE A 229 -20.07 -20.34 -17.89
CA PHE A 229 -21.00 -19.23 -17.80
C PHE A 229 -20.39 -18.10 -17.02
N GLY A 230 -20.49 -16.90 -17.59
CA GLY A 230 -20.09 -15.67 -16.92
C GLY A 230 -19.20 -14.80 -17.80
N ARG A 231 -19.39 -13.50 -17.68
CA ARG A 231 -18.59 -12.53 -18.36
C ARG A 231 -17.39 -12.26 -17.47
N LEU A 232 -16.19 -12.41 -18.05
CA LEU A 232 -14.91 -12.24 -17.35
C LEU A 232 -14.62 -10.78 -17.13
N ARG A 233 -14.92 -9.92 -18.10
CA ARG A 233 -14.57 -8.52 -18.01
C ARG A 233 -15.77 -7.61 -18.02
N PRO A 234 -15.67 -6.42 -17.40
CA PRO A 234 -14.55 -5.93 -16.62
C PRO A 234 -14.43 -6.59 -15.27
N PHE A 235 -13.21 -6.88 -14.88
CA PHE A 235 -12.93 -7.51 -13.63
C PHE A 235 -12.53 -6.47 -12.61
N HIS A 236 -13.31 -6.37 -11.53
CA HIS A 236 -13.17 -5.32 -10.52
C HIS A 236 -12.93 -5.74 -9.06
N TRP A 237 -12.51 -6.99 -8.78
CA TRP A 237 -12.41 -7.44 -7.38
C TRP A 237 -10.99 -7.28 -6.80
N ALA A 238 -10.93 -7.15 -5.47
CA ALA A 238 -9.68 -7.00 -4.79
C ALA A 238 -8.90 -8.29 -4.94
N THR A 239 -7.63 -8.21 -5.28
CA THR A 239 -6.78 -9.39 -5.45
C THR A 239 -5.64 -9.55 -4.43
N ASP A 240 -5.61 -8.71 -3.42
CA ASP A 240 -4.66 -8.90 -2.31
C ASP A 240 -5.20 -8.19 -1.07
N ARG A 241 -4.46 -8.33 0.03
CA ARG A 241 -4.88 -7.69 1.28
C ARG A 241 -5.00 -6.17 1.24
N ALA A 242 -4.01 -5.49 0.66
CA ALA A 242 -4.07 -4.03 0.58
C ALA A 242 -5.39 -3.57 -0.07
N GLU A 243 -5.76 -4.17 -1.19
CA GLU A 243 -6.98 -3.79 -1.84
C GLU A 243 -8.22 -4.11 -0.98
N ALA A 244 -8.25 -5.29 -0.35
CA ALA A 244 -9.40 -5.69 0.45
C ALA A 244 -9.58 -4.74 1.61
N LEU A 245 -8.49 -4.27 2.23
CA LEU A 245 -8.61 -3.36 3.34
C LEU A 245 -9.18 -2.02 2.89
N ARG A 246 -8.87 -1.61 1.67
CA ARG A 246 -9.49 -0.41 1.15
C ARG A 246 -10.99 -0.58 0.90
N ALA A 247 -11.39 -1.74 0.39
CA ALA A 247 -12.80 -2.09 0.27
C ALA A 247 -13.48 -2.05 1.63
N LEU A 248 -12.82 -2.56 2.65
CA LEU A 248 -13.36 -2.49 4.00
C LEU A 248 -13.56 -1.07 4.46
N ASP A 249 -12.54 -0.26 4.27
CA ASP A 249 -12.59 1.10 4.73
C ASP A 249 -13.69 1.85 4.01
N HIS A 250 -13.82 1.58 2.73
CA HIS A 250 -14.82 2.27 1.97
C HIS A 250 -16.21 1.99 2.50
N PHE A 251 -16.48 0.70 2.75
CA PHE A 251 -17.77 0.27 3.23
C PHE A 251 -18.12 0.83 4.59
N ILE A 252 -17.16 0.72 5.52
CA ILE A 252 -17.36 1.25 6.88
C ILE A 252 -17.71 2.74 6.84
N ARG A 253 -17.04 3.53 5.99
CA ARG A 253 -17.25 4.97 5.98
C ARG A 253 -18.45 5.43 5.22
N GLU A 254 -18.70 4.77 4.09
CA GLU A 254 -19.65 5.29 3.14
C GLU A 254 -20.99 4.56 3.21
N SER A 255 -20.99 3.25 3.44
CA SER A 255 -22.21 2.44 3.26
C SER A 255 -22.78 1.78 4.51
N LEU A 256 -21.94 1.53 5.52
CA LEU A 256 -22.40 0.89 6.74
C LEU A 256 -23.59 1.61 7.40
N PRO A 257 -23.67 2.94 7.32
CA PRO A 257 -24.81 3.57 7.96
C PRO A 257 -26.15 3.31 7.31
N ARG A 258 -26.14 2.88 6.06
CA ARG A 258 -27.36 2.50 5.39
C ARG A 258 -27.58 1.02 5.46
N PHE A 259 -26.65 0.26 6.00
CA PHE A 259 -26.70 -1.20 5.76
C PHE A 259 -28.00 -1.81 6.23
N GLY A 260 -28.48 -1.35 7.37
CA GLY A 260 -29.69 -1.91 7.94
C GLY A 260 -30.95 -1.53 7.18
N ASP A 261 -31.15 -0.25 6.95
CA ASP A 261 -32.39 0.17 6.37
C ASP A 261 -32.60 -0.53 5.02
N GLU A 262 -31.51 -0.79 4.28
CA GLU A 262 -31.56 -1.24 2.88
C GLU A 262 -31.24 -2.74 2.65
N GLN A 263 -31.27 -3.54 3.70
CA GLN A 263 -30.70 -4.88 3.64
C GLN A 263 -31.46 -5.86 2.77
N ASP A 264 -32.77 -5.66 2.69
CA ASP A 264 -33.64 -6.56 1.97
C ASP A 264 -34.22 -5.92 0.70
N ALA A 265 -33.76 -4.72 0.38
CA ALA A 265 -34.28 -3.96 -0.77
C ALA A 265 -33.67 -4.42 -2.12
N MET A 266 -34.41 -4.21 -3.19
CA MET A 266 -33.93 -4.46 -4.56
C MET A 266 -34.31 -3.31 -5.47
N LEU A 267 -33.36 -2.87 -6.28
CA LEU A 267 -33.59 -1.79 -7.20
C LEU A 267 -33.08 -2.22 -8.55
N ALA A 268 -33.91 -2.03 -9.56
CA ALA A 268 -33.68 -2.55 -10.91
C ALA A 268 -32.39 -1.99 -11.49
N ASP A 269 -32.04 -0.79 -11.06
CA ASP A 269 -30.90 -0.07 -11.58
C ASP A 269 -29.66 -0.03 -10.68
N ASP A 270 -29.72 -0.64 -9.50
CA ASP A 270 -28.56 -0.70 -8.62
C ASP A 270 -28.33 -2.11 -8.16
N PRO A 271 -27.24 -2.73 -8.63
CA PRO A 271 -26.96 -4.12 -8.28
C PRO A 271 -26.32 -4.32 -6.95
N PHE A 272 -25.84 -3.25 -6.33
CA PHE A 272 -25.10 -3.36 -5.08
C PHE A 272 -25.79 -2.73 -3.87
N LEU A 273 -26.61 -1.72 -4.07
CA LEU A 273 -27.07 -0.90 -2.97
C LEU A 273 -26.00 -0.61 -1.91
N SER A 274 -26.27 -0.94 -0.65
CA SER A 274 -25.30 -0.64 0.42
C SER A 274 -24.61 -1.87 1.02
N HIS A 275 -24.52 -2.95 0.27
CA HIS A 275 -23.85 -4.14 0.75
C HIS A 275 -22.37 -3.96 0.68
N ALA A 276 -21.62 -4.77 1.39
CA ALA A 276 -20.20 -4.53 1.56
C ALA A 276 -19.33 -5.08 0.45
N LEU A 277 -19.83 -6.06 -0.30
CA LEU A 277 -19.03 -6.71 -1.33
C LEU A 277 -17.64 -7.19 -0.79
N LEU A 278 -17.65 -7.82 0.38
CA LEU A 278 -16.42 -8.34 1.06
C LEU A 278 -16.34 -9.85 1.14
N SER A 279 -17.44 -10.54 0.88
CA SER A 279 -17.47 -11.97 1.02
C SER A 279 -16.28 -12.69 0.37
N SER A 280 -15.89 -12.30 -0.84
CA SER A 280 -14.77 -12.98 -1.52
C SER A 280 -13.47 -12.73 -0.79
N SER A 281 -13.31 -11.53 -0.31
CA SER A 281 -12.09 -11.20 0.35
C SER A 281 -11.95 -11.97 1.67
N MET A 282 -13.02 -12.05 2.42
CA MET A 282 -13.01 -12.82 3.66
C MET A 282 -12.81 -14.30 3.38
N ASN A 283 -13.51 -14.80 2.38
CA ASN A 283 -13.49 -16.21 2.13
C ASN A 283 -12.12 -16.69 1.65
N LEU A 284 -11.36 -15.88 0.92
CA LEU A 284 -10.03 -16.33 0.44
C LEU A 284 -8.95 -16.08 1.49
N GLY A 285 -9.30 -15.35 2.53
CA GLY A 285 -8.36 -15.13 3.61
C GLY A 285 -7.75 -13.76 3.69
N LEU A 286 -8.17 -12.86 2.80
CA LEU A 286 -7.60 -11.53 2.72
C LEU A 286 -8.14 -10.63 3.85
N LEU A 287 -9.34 -10.91 4.33
CA LEU A 287 -9.85 -10.23 5.51
C LEU A 287 -10.22 -11.30 6.53
N GLY A 288 -10.23 -10.91 7.79
CA GLY A 288 -10.66 -11.78 8.88
C GLY A 288 -11.91 -11.20 9.52
N PRO A 289 -12.80 -12.06 9.99
CA PRO A 289 -14.06 -11.57 10.51
C PRO A 289 -13.99 -10.70 11.73
N MET A 290 -13.07 -10.95 12.66
CA MET A 290 -12.99 -10.10 13.87
C MET A 290 -12.71 -8.68 13.48
N GLU A 291 -11.71 -8.49 12.62
CA GLU A 291 -11.31 -7.12 12.28
C GLU A 291 -12.46 -6.39 11.61
N VAL A 292 -13.25 -7.11 10.82
CA VAL A 292 -14.40 -6.50 10.17
C VAL A 292 -15.50 -6.13 11.16
N CYS A 293 -15.86 -7.05 12.04
CA CYS A 293 -16.89 -6.75 13.02
C CYS A 293 -16.47 -5.63 13.98
N ARG A 294 -15.21 -5.62 14.41
CA ARG A 294 -14.76 -4.57 15.34
C ARG A 294 -14.84 -3.17 14.75
N ARG A 295 -14.41 -3.02 13.50
CA ARG A 295 -14.50 -1.70 12.84
C ARG A 295 -15.95 -1.21 12.81
N ALA A 296 -16.88 -2.13 12.57
CA ALA A 296 -18.29 -1.79 12.47
C ALA A 296 -18.87 -1.38 13.84
N GLU A 297 -18.47 -2.11 14.88
CA GLU A 297 -18.84 -1.78 16.25
C GLU A 297 -18.36 -0.38 16.63
N THR A 298 -17.11 -0.04 16.28
CA THR A 298 -16.56 1.27 16.58
C THR A 298 -17.44 2.38 15.97
N GLU A 299 -17.98 2.14 14.78
CA GLU A 299 -18.77 3.17 14.14
C GLU A 299 -20.04 3.46 14.91
N TRP A 300 -20.61 2.45 15.56
CA TRP A 300 -21.73 2.70 16.45
C TRP A 300 -21.32 3.45 17.70
N ARG A 301 -20.21 3.02 18.33
CA ARG A 301 -19.70 3.62 19.57
C ARG A 301 -19.34 5.09 19.35
N GLU A 302 -19.12 5.52 18.11
CA GLU A 302 -18.78 6.92 17.85
C GLU A 302 -19.84 7.70 17.09
N GLY A 303 -21.05 7.18 17.12
CA GLY A 303 -22.20 7.93 16.59
C GLY A 303 -22.24 8.18 15.11
N ARG A 304 -21.56 7.35 14.34
CA ARG A 304 -21.52 7.50 12.89
C ARG A 304 -22.45 6.55 12.15
N ALA A 305 -22.78 5.43 12.80
CA ALA A 305 -23.64 4.41 12.23
C ALA A 305 -24.67 4.03 13.25
N PRO A 306 -25.94 3.93 12.84
CA PRO A 306 -26.97 3.51 13.77
C PRO A 306 -26.87 2.04 14.15
N LEU A 307 -27.46 1.70 15.27
CA LEU A 307 -27.26 0.37 15.85
C LEU A 307 -27.96 -0.73 15.06
N ASN A 308 -29.11 -0.44 14.47
CA ASN A 308 -29.77 -1.41 13.60
C ASN A 308 -28.87 -1.80 12.44
N ALA A 309 -28.06 -0.85 11.97
CA ALA A 309 -27.16 -1.07 10.83
C ALA A 309 -25.97 -1.92 11.25
N VAL A 310 -25.29 -1.47 12.29
CA VAL A 310 -24.09 -2.12 12.77
C VAL A 310 -24.40 -3.52 13.30
N GLU A 311 -25.51 -3.68 13.99
CA GLU A 311 -25.83 -4.99 14.54
C GLU A 311 -26.28 -5.92 13.45
N GLY A 312 -27.01 -5.39 12.50
CA GLY A 312 -27.42 -6.16 11.35
C GLY A 312 -26.22 -6.68 10.61
N PHE A 313 -25.25 -5.80 10.42
CA PHE A 313 -24.04 -6.17 9.76
C PHE A 313 -23.33 -7.28 10.55
N ILE A 314 -23.07 -7.02 11.83
CA ILE A 314 -22.33 -7.98 12.63
C ILE A 314 -23.01 -9.34 12.64
N ARG A 315 -24.32 -9.37 12.68
CA ARG A 315 -25.08 -10.61 12.77
C ARG A 315 -24.86 -11.53 11.56
N GLN A 316 -24.71 -10.90 10.40
CA GLN A 316 -24.44 -11.66 9.21
C GLN A 316 -23.08 -12.38 9.31
N ILE A 317 -22.12 -11.83 10.04
CA ILE A 317 -20.75 -12.41 10.05
C ILE A 317 -20.52 -13.27 11.29
N LEU A 318 -20.90 -12.70 12.44
CA LEU A 318 -20.71 -13.33 13.73
C LEU A 318 -21.74 -14.45 13.90
N GLY A 319 -22.92 -14.27 13.30
CA GLY A 319 -24.02 -15.24 13.44
C GLY A 319 -24.02 -16.18 12.26
N TRP A 320 -24.55 -15.73 11.14
CA TRP A 320 -24.75 -16.62 10.00
C TRP A 320 -23.51 -17.25 9.38
N ARG A 321 -22.51 -16.42 9.07
CA ARG A 321 -21.29 -16.95 8.50
C ARG A 321 -20.71 -18.06 9.38
N GLU A 322 -20.58 -17.79 10.68
CA GLU A 322 -20.05 -18.79 11.64
C GLU A 322 -20.93 -20.03 11.74
N TYR A 323 -22.21 -19.82 11.88
CA TYR A 323 -23.20 -20.90 11.99
C TYR A 323 -23.20 -21.80 10.77
N VAL A 324 -23.20 -21.19 9.59
CA VAL A 324 -23.09 -21.91 8.34
C VAL A 324 -21.83 -22.76 8.31
N ARG A 325 -20.71 -22.25 8.77
CA ARG A 325 -19.48 -23.05 8.75
C ARG A 325 -19.60 -24.24 9.67
N GLY A 326 -20.27 -24.04 10.79
CA GLY A 326 -20.47 -25.11 11.73
C GLY A 326 -21.35 -26.19 11.19
N ILE A 327 -22.46 -25.79 10.57
CA ILE A 327 -23.36 -26.79 10.02
C ILE A 327 -22.66 -27.60 8.94
N TRP A 328 -21.78 -26.94 8.18
CA TRP A 328 -21.07 -27.62 7.14
C TRP A 328 -20.19 -28.69 7.76
N THR A 329 -19.45 -28.31 8.77
CA THR A 329 -18.49 -29.19 9.40
C THR A 329 -19.17 -30.39 9.98
N LEU A 330 -20.28 -30.17 10.69
CA LEU A 330 -20.97 -31.31 11.30
C LEU A 330 -21.68 -32.18 10.30
N SER A 331 -22.10 -31.63 9.17
CA SER A 331 -23.04 -32.38 8.33
C SER A 331 -22.32 -33.34 7.41
N GLY A 332 -21.03 -33.10 7.22
CA GLY A 332 -20.20 -34.03 6.48
C GLY A 332 -20.40 -34.10 4.97
N PRO A 333 -19.73 -35.06 4.34
CA PRO A 333 -19.65 -35.25 2.92
C PRO A 333 -20.90 -35.68 2.21
N ASP A 334 -21.92 -36.04 2.96
CA ASP A 334 -23.18 -36.49 2.35
C ASP A 334 -24.24 -35.41 2.41
N TYR A 335 -23.90 -34.26 2.98
CA TYR A 335 -24.83 -33.15 3.11
C TYR A 335 -25.44 -32.77 1.75
N ILE A 336 -24.57 -32.56 0.75
CA ILE A 336 -25.03 -32.19 -0.59
C ILE A 336 -25.89 -33.24 -1.26
N ARG A 337 -26.13 -34.37 -0.63
CA ARG A 337 -27.07 -35.36 -1.20
C ARG A 337 -28.46 -35.23 -0.62
N SER A 338 -28.64 -34.32 0.32
CA SER A 338 -29.91 -34.11 0.97
C SER A 338 -31.01 -33.74 -0.02
N ASN A 339 -32.14 -34.43 0.10
CA ASN A 339 -33.27 -34.11 -0.73
C ASN A 339 -34.57 -34.44 0.00
N GLY A 340 -34.72 -33.79 1.14
CA GLY A 340 -35.88 -33.98 1.98
C GLY A 340 -37.24 -33.79 1.36
N LEU A 341 -37.34 -32.97 0.30
CA LEU A 341 -38.63 -32.68 -0.33
C LEU A 341 -38.88 -33.49 -1.61
N GLY A 342 -37.90 -34.31 -1.97
CA GLY A 342 -38.01 -35.17 -3.15
C GLY A 342 -38.08 -34.46 -4.48
N HIS A 343 -37.39 -33.34 -4.60
CA HIS A 343 -37.45 -32.51 -5.77
C HIS A 343 -36.38 -33.00 -6.76
N SER A 344 -36.71 -33.01 -8.05
CA SER A 344 -35.87 -33.67 -9.04
C SER A 344 -35.77 -33.05 -10.44
N ALA A 345 -36.28 -31.84 -10.61
CA ALA A 345 -36.34 -31.23 -11.92
C ALA A 345 -34.97 -30.63 -12.25
N ALA A 346 -34.70 -30.52 -13.54
CA ALA A 346 -33.55 -29.81 -14.07
C ALA A 346 -33.61 -28.35 -13.69
N LEU A 347 -32.47 -27.68 -13.74
CA LEU A 347 -32.43 -26.23 -13.57
C LEU A 347 -32.94 -25.62 -14.86
N PRO A 348 -33.87 -24.65 -14.80
CA PRO A 348 -34.27 -23.99 -16.03
C PRO A 348 -33.13 -23.25 -16.72
N PRO A 349 -33.11 -23.22 -18.05
CA PRO A 349 -32.11 -22.57 -18.89
C PRO A 349 -31.88 -21.10 -18.62
N LEU A 350 -32.91 -20.43 -18.14
CA LEU A 350 -32.76 -19.02 -17.72
C LEU A 350 -31.68 -18.87 -16.68
N TYR A 351 -31.43 -19.88 -15.89
CA TYR A 351 -30.37 -19.72 -14.89
C TYR A 351 -28.99 -19.57 -15.50
N TRP A 352 -28.77 -20.15 -16.68
CA TRP A 352 -27.48 -19.98 -17.36
C TRP A 352 -27.52 -18.88 -18.42
N GLY A 353 -28.44 -17.93 -18.28
CA GLY A 353 -28.45 -16.77 -19.14
C GLY A 353 -29.45 -16.71 -20.28
N LYS A 354 -30.28 -17.73 -20.48
CA LYS A 354 -31.30 -17.65 -21.52
C LYS A 354 -32.39 -16.65 -21.10
N PRO A 355 -33.01 -15.99 -22.07
CA PRO A 355 -33.95 -14.90 -21.74
C PRO A 355 -35.19 -15.32 -20.96
N THR A 356 -35.61 -14.44 -20.07
CA THR A 356 -36.83 -14.67 -19.37
C THR A 356 -37.59 -13.37 -19.20
N ARG A 357 -38.91 -13.50 -19.25
CA ARG A 357 -39.80 -12.37 -19.15
C ARG A 357 -40.04 -11.99 -17.72
N MET A 358 -39.57 -12.80 -16.79
CA MET A 358 -39.69 -12.47 -15.37
C MET A 358 -38.60 -11.45 -14.99
N ALA A 359 -39.02 -10.24 -14.69
CA ALA A 359 -38.06 -9.15 -14.57
C ALA A 359 -37.09 -9.43 -13.45
N CYS A 360 -37.60 -9.82 -12.29
CA CYS A 360 -36.76 -10.12 -11.13
C CYS A 360 -35.66 -11.15 -11.43
N LEU A 361 -36.05 -12.28 -12.01
CA LEU A 361 -35.07 -13.32 -12.33
C LEU A 361 -34.05 -12.86 -13.38
N SER A 362 -34.57 -12.17 -14.37
CA SER A 362 -33.74 -11.64 -15.40
C SER A 362 -32.69 -10.74 -14.82
N ALA A 363 -33.10 -9.80 -13.97
CA ALA A 363 -32.17 -8.87 -13.33
C ALA A 363 -31.10 -9.65 -12.56
N ALA A 364 -31.51 -10.64 -11.78
CA ALA A 364 -30.60 -11.34 -10.90
C ALA A 364 -29.59 -12.16 -11.71
N VAL A 365 -30.09 -12.92 -12.69
CA VAL A 365 -29.21 -13.73 -13.50
C VAL A 365 -28.31 -12.83 -14.31
N ALA A 366 -28.83 -11.75 -14.84
CA ALA A 366 -27.99 -10.83 -15.63
C ALA A 366 -26.78 -10.31 -14.80
N GLN A 367 -27.02 -9.95 -13.55
CA GLN A 367 -25.93 -9.37 -12.76
C GLN A 367 -24.98 -10.42 -12.28
N THR A 368 -25.50 -11.62 -12.03
CA THR A 368 -24.67 -12.76 -11.74
C THR A 368 -23.77 -13.02 -12.93
N ARG A 369 -24.32 -12.99 -14.13
CA ARG A 369 -23.51 -13.15 -15.33
C ARG A 369 -22.40 -12.13 -15.42
N ASP A 370 -22.78 -10.87 -15.23
CA ASP A 370 -21.90 -9.77 -15.55
C ASP A 370 -20.97 -9.41 -14.40
N LEU A 371 -21.39 -9.50 -13.16
CA LEU A 371 -20.57 -9.03 -12.07
C LEU A 371 -20.09 -10.16 -11.14
N ALA A 372 -20.57 -11.38 -11.38
CA ALA A 372 -20.30 -12.51 -10.52
C ALA A 372 -20.83 -12.26 -9.10
N TYR A 373 -21.92 -11.47 -8.97
CA TYR A 373 -22.41 -11.07 -7.68
C TYR A 373 -23.91 -10.78 -7.67
N ALA A 374 -24.60 -11.35 -6.69
CA ALA A 374 -25.99 -11.00 -6.39
C ALA A 374 -26.01 -10.78 -4.90
N HIS A 375 -26.69 -9.75 -4.38
CA HIS A 375 -26.75 -9.64 -2.92
C HIS A 375 -27.74 -10.66 -2.32
N HIS A 376 -27.67 -10.80 -1.01
CA HIS A 376 -28.32 -11.86 -0.30
C HIS A 376 -29.82 -12.08 -0.65
N ILE A 377 -30.61 -11.02 -0.65
CA ILE A 377 -32.05 -11.19 -0.82
C ILE A 377 -32.38 -11.68 -2.21
N GLN A 378 -31.50 -11.39 -3.16
CA GLN A 378 -31.67 -11.92 -4.53
C GLN A 378 -31.42 -13.43 -4.49
N ARG A 379 -30.33 -13.83 -3.83
CA ARG A 379 -29.97 -15.24 -3.77
C ARG A 379 -31.08 -16.07 -3.07
N LEU A 380 -31.67 -15.49 -2.04
CA LEU A 380 -32.66 -16.16 -1.22
C LEU A 380 -34.05 -16.05 -1.83
N MET A 381 -34.54 -14.82 -1.99
CA MET A 381 -35.93 -14.60 -2.37
C MET A 381 -36.23 -14.43 -3.88
N VAL A 382 -35.21 -14.34 -4.74
CA VAL A 382 -35.52 -14.37 -6.15
C VAL A 382 -35.11 -15.67 -6.80
N THR A 383 -33.83 -15.93 -6.95
CA THR A 383 -33.35 -17.12 -7.68
C THR A 383 -33.56 -18.35 -6.86
N GLY A 384 -33.29 -18.27 -5.57
CA GLY A 384 -33.50 -19.39 -4.64
C GLY A 384 -34.96 -19.75 -4.50
N ASN A 385 -35.75 -18.76 -4.16
CA ASN A 385 -37.18 -18.91 -4.01
C ASN A 385 -37.76 -19.57 -5.25
N PHE A 386 -37.43 -19.09 -6.44
CA PHE A 386 -38.00 -19.65 -7.67
C PHE A 386 -37.62 -21.11 -7.92
N ALA A 387 -36.38 -21.49 -7.63
CA ALA A 387 -35.93 -22.85 -7.87
C ALA A 387 -36.67 -23.87 -6.95
N LEU A 388 -36.93 -23.44 -5.73
CA LEU A 388 -37.65 -24.26 -4.76
C LEU A 388 -39.10 -24.42 -5.19
N LEU A 389 -39.75 -23.31 -5.50
CA LEU A 389 -41.13 -23.35 -5.94
C LEU A 389 -41.30 -24.21 -7.17
N ALA A 390 -40.27 -24.33 -8.00
CA ALA A 390 -40.37 -25.03 -9.27
C ALA A 390 -39.93 -26.47 -9.15
N GLY A 391 -39.50 -26.85 -7.97
CA GLY A 391 -39.10 -28.20 -7.71
C GLY A 391 -37.80 -28.65 -8.33
N VAL A 392 -36.86 -27.75 -8.49
CA VAL A 392 -35.58 -28.14 -9.04
C VAL A 392 -34.87 -29.04 -8.02
N ASP A 393 -34.25 -30.08 -8.52
CA ASP A 393 -33.35 -30.88 -7.69
C ASP A 393 -32.34 -30.01 -6.95
N PRO A 394 -32.26 -30.15 -5.64
CA PRO A 394 -31.29 -29.31 -4.93
C PRO A 394 -29.83 -29.53 -5.35
N ALA A 395 -29.52 -30.72 -5.84
CA ALA A 395 -28.18 -30.99 -6.37
C ALA A 395 -27.89 -30.01 -7.53
N GLU A 396 -28.93 -29.68 -8.29
CA GLU A 396 -28.80 -28.77 -9.42
C GLU A 396 -28.71 -27.34 -9.00
N VAL A 397 -29.42 -26.97 -7.94
CA VAL A 397 -29.34 -25.63 -7.42
C VAL A 397 -27.95 -25.41 -6.84
N HIS A 398 -27.45 -26.44 -6.21
CA HIS A 398 -26.17 -26.43 -5.54
C HIS A 398 -25.07 -26.28 -6.53
N GLU A 399 -25.18 -26.93 -7.67
CA GLU A 399 -24.15 -26.81 -8.70
C GLU A 399 -24.10 -25.36 -9.16
N TRP A 400 -25.25 -24.71 -9.25
CA TRP A 400 -25.31 -23.37 -9.81
C TRP A 400 -24.72 -22.33 -8.88
N TYR A 401 -25.16 -22.34 -7.62
CA TYR A 401 -24.68 -21.35 -6.66
C TYR A 401 -23.18 -21.53 -6.39
N LEU A 402 -22.68 -22.75 -6.49
CA LEU A 402 -21.29 -22.98 -6.20
C LEU A 402 -20.49 -22.59 -7.40
N SER A 403 -21.12 -22.63 -8.57
CA SER A 403 -20.40 -22.18 -9.77
C SER A 403 -20.34 -20.66 -9.89
N VAL A 404 -21.47 -19.97 -9.72
CA VAL A 404 -21.61 -18.66 -10.34
C VAL A 404 -21.19 -17.47 -9.56
N TYR A 405 -21.09 -17.56 -8.22
CA TYR A 405 -20.82 -16.35 -7.42
C TYR A 405 -19.38 -16.23 -7.00
N ILE A 406 -18.88 -15.00 -7.00
CA ILE A 406 -17.45 -14.72 -6.79
C ILE A 406 -16.95 -15.28 -5.48
N ASP A 407 -17.86 -15.41 -4.52
CA ASP A 407 -17.55 -15.77 -3.15
C ASP A 407 -17.87 -17.24 -2.81
N ALA A 408 -18.15 -18.06 -3.83
CA ALA A 408 -18.66 -19.43 -3.59
C ALA A 408 -17.55 -20.47 -3.40
N LEU A 409 -17.59 -21.10 -2.23
CA LEU A 409 -16.84 -22.34 -1.93
C LEU A 409 -17.76 -23.25 -1.15
N GLU A 410 -17.51 -24.55 -1.19
CA GLU A 410 -18.45 -25.49 -0.57
C GLU A 410 -18.88 -25.14 0.85
N TRP A 411 -17.94 -24.78 1.71
CA TRP A 411 -18.30 -24.64 3.11
C TRP A 411 -19.36 -23.58 3.34
N VAL A 412 -19.35 -22.50 2.57
CA VAL A 412 -20.29 -21.39 2.81
C VAL A 412 -21.50 -21.49 1.89
N GLU A 413 -21.29 -21.94 0.67
CA GLU A 413 -22.42 -22.09 -0.26
C GLU A 413 -23.38 -23.24 0.12
N ALA A 414 -22.84 -24.37 0.55
CA ALA A 414 -23.69 -25.57 0.63
C ALA A 414 -24.82 -25.42 1.65
N PRO A 415 -24.54 -24.91 2.84
CA PRO A 415 -25.61 -24.78 3.80
C PRO A 415 -26.63 -23.74 3.43
N ASN A 416 -26.16 -22.62 2.88
CA ASN A 416 -27.06 -21.56 2.43
C ASN A 416 -27.98 -22.08 1.35
N THR A 417 -27.50 -22.98 0.50
CA THR A 417 -28.24 -23.44 -0.68
C THR A 417 -29.10 -24.65 -0.36
N ILE A 418 -28.52 -25.68 0.21
CA ILE A 418 -29.24 -26.88 0.51
C ILE A 418 -30.22 -26.66 1.66
N GLY A 419 -29.75 -25.96 2.72
CA GLY A 419 -30.55 -25.70 3.91
C GLY A 419 -31.44 -24.47 3.82
N MET A 420 -30.86 -23.29 4.00
CA MET A 420 -31.61 -22.05 4.02
C MET A 420 -32.53 -21.91 2.83
N SER A 421 -32.03 -22.11 1.62
CA SER A 421 -32.82 -21.78 0.45
C SER A 421 -33.70 -22.92 -0.03
N GLN A 422 -33.13 -24.10 -0.22
CA GLN A 422 -33.91 -25.19 -0.80
C GLN A 422 -34.66 -26.07 0.20
N PHE A 423 -34.41 -25.89 1.48
CA PHE A 423 -35.15 -26.58 2.52
C PHE A 423 -35.06 -28.11 2.35
N ALA A 424 -33.86 -28.58 2.05
CA ALA A 424 -33.66 -29.97 1.63
C ALA A 424 -33.14 -30.84 2.75
N ASP A 425 -32.83 -30.20 3.88
CA ASP A 425 -32.13 -30.84 4.95
C ASP A 425 -33.03 -30.93 6.14
N HIS A 426 -32.45 -30.87 7.32
CA HIS A 426 -33.23 -31.11 8.50
C HIS A 426 -33.82 -29.86 9.14
N GLY A 427 -33.72 -28.73 8.46
CA GLY A 427 -34.31 -27.51 8.95
C GLY A 427 -33.40 -26.77 9.87
N LEU A 428 -32.11 -27.09 9.86
CA LEU A 428 -31.14 -26.41 10.72
C LEU A 428 -30.98 -24.90 10.47
N LEU A 429 -31.27 -24.42 9.26
CA LEU A 429 -31.12 -23.00 8.96
C LEU A 429 -32.43 -22.20 8.82
N GLY A 430 -33.49 -22.70 9.40
CA GLY A 430 -34.79 -22.02 9.35
C GLY A 430 -35.83 -23.10 9.33
N SER A 431 -36.83 -22.93 10.18
CA SER A 431 -37.91 -23.93 10.32
C SER A 431 -39.05 -23.74 9.31
N LYS A 432 -39.02 -22.58 8.61
CA LYS A 432 -39.96 -22.17 7.58
C LYS A 432 -39.12 -22.02 6.31
N PRO A 433 -39.60 -22.60 5.20
CA PRO A 433 -38.96 -22.39 3.93
C PRO A 433 -39.08 -20.95 3.50
N TYR A 434 -38.04 -20.44 2.85
CA TYR A 434 -38.07 -19.09 2.28
C TYR A 434 -38.67 -19.16 0.88
N VAL A 435 -40.00 -19.11 0.83
CA VAL A 435 -40.71 -19.02 -0.43
C VAL A 435 -41.69 -17.89 -0.36
N SER A 436 -42.12 -17.37 -1.51
CA SER A 436 -43.19 -16.39 -1.51
C SER A 436 -43.97 -16.34 -2.79
N SER A 437 -45.03 -15.57 -2.78
CA SER A 437 -45.75 -15.19 -3.98
C SER A 437 -45.01 -13.98 -4.52
N GLY A 438 -45.53 -13.38 -5.57
CA GLY A 438 -44.93 -12.18 -6.10
C GLY A 438 -45.10 -10.98 -5.21
N ALA A 439 -46.14 -10.96 -4.37
CA ALA A 439 -46.35 -9.82 -3.49
C ALA A 439 -45.09 -9.43 -2.75
N TYR A 440 -44.27 -10.39 -2.33
CA TYR A 440 -43.07 -10.06 -1.53
C TYR A 440 -42.06 -9.32 -2.38
N ILE A 441 -41.83 -9.78 -3.62
CA ILE A 441 -40.90 -9.14 -4.53
C ILE A 441 -41.39 -7.73 -4.89
N ASP A 442 -42.70 -7.61 -5.03
CA ASP A 442 -43.30 -6.32 -5.34
C ASP A 442 -43.11 -5.29 -4.21
N ARG A 443 -43.18 -5.74 -2.99
CA ARG A 443 -43.08 -4.86 -1.86
C ARG A 443 -41.66 -4.38 -1.63
N MET A 444 -40.68 -5.21 -1.96
CA MET A 444 -39.29 -4.98 -1.63
C MET A 444 -38.46 -4.43 -2.78
N SER A 445 -38.97 -4.56 -4.00
CA SER A 445 -38.26 -4.13 -5.19
C SER A 445 -39.10 -3.15 -5.96
N ASP A 446 -38.53 -2.62 -7.05
CA ASP A 446 -39.27 -1.88 -8.06
C ASP A 446 -39.31 -2.63 -9.42
N TYR A 447 -39.21 -3.96 -9.39
CA TYR A 447 -39.15 -4.77 -10.61
C TYR A 447 -40.48 -4.87 -11.36
N CYS A 448 -41.56 -4.88 -10.62
CA CYS A 448 -42.79 -5.43 -11.14
C CYS A 448 -43.49 -4.53 -12.16
N ARG A 449 -43.29 -3.22 -12.02
CA ARG A 449 -43.84 -2.28 -12.99
C ARG A 449 -43.21 -2.43 -14.38
N GLY A 450 -41.94 -2.80 -14.42
CA GLY A 450 -41.25 -3.11 -15.67
C GLY A 450 -41.42 -4.51 -16.24
N CYS A 451 -42.19 -5.35 -15.56
CA CYS A 451 -42.31 -6.75 -15.92
C CYS A 451 -43.57 -7.02 -16.75
N ALA A 452 -43.51 -7.88 -17.75
CA ALA A 452 -44.68 -8.19 -18.56
C ALA A 452 -45.73 -8.93 -17.75
N TYR A 453 -45.32 -9.60 -16.67
CA TYR A 453 -46.30 -10.26 -15.80
C TYR A 453 -47.03 -9.23 -14.93
N ALA A 454 -48.20 -9.61 -14.46
CA ALA A 454 -49.03 -8.78 -13.56
C ALA A 454 -49.00 -9.34 -12.15
N VAL A 455 -48.29 -8.67 -11.25
CA VAL A 455 -48.06 -9.22 -9.94
C VAL A 455 -49.35 -9.32 -9.15
N LYS A 456 -50.34 -8.49 -9.43
CA LYS A 456 -51.62 -8.48 -8.68
C LYS A 456 -52.59 -9.51 -9.27
N ASP A 457 -52.26 -10.13 -10.40
CA ASP A 457 -53.10 -11.20 -10.97
C ASP A 457 -52.77 -12.54 -10.34
N ARG A 458 -53.78 -13.17 -9.73
CA ARG A 458 -53.65 -14.46 -9.09
C ARG A 458 -53.81 -15.60 -10.12
N THR A 459 -54.51 -15.34 -11.21
CA THR A 459 -54.68 -16.29 -12.30
C THR A 459 -54.68 -15.56 -13.62
N GLY A 460 -54.67 -16.32 -14.71
CA GLY A 460 -54.73 -15.77 -16.04
C GLY A 460 -53.40 -15.78 -16.77
N PRO A 461 -53.41 -15.37 -18.03
CA PRO A 461 -52.20 -15.42 -18.86
C PRO A 461 -51.09 -14.51 -18.34
N ARG A 462 -51.47 -13.42 -17.66
CA ARG A 462 -50.52 -12.49 -17.07
C ARG A 462 -50.09 -12.78 -15.61
N ALA A 463 -50.72 -13.79 -15.01
CA ALA A 463 -50.43 -14.13 -13.59
C ALA A 463 -48.92 -14.33 -13.29
N CYS A 464 -48.37 -13.55 -12.37
CA CYS A 464 -46.96 -13.66 -11.97
C CYS A 464 -46.71 -15.08 -11.64
N PRO A 465 -45.63 -15.65 -12.16
CA PRO A 465 -45.43 -17.07 -11.87
C PRO A 465 -45.19 -17.43 -10.41
N PHE A 466 -44.71 -16.51 -9.59
CA PHE A 466 -44.57 -16.81 -8.19
C PHE A 466 -45.95 -16.94 -7.57
N ASN A 467 -46.93 -16.23 -8.12
CA ASN A 467 -48.28 -16.34 -7.57
C ASN A 467 -48.83 -17.77 -7.80
N LEU A 468 -48.56 -18.37 -8.95
CA LEU A 468 -49.02 -19.74 -9.23
C LEU A 468 -48.20 -20.75 -8.43
N LEU A 469 -46.89 -20.66 -8.49
CA LEU A 469 -46.08 -21.73 -7.93
C LEU A 469 -46.09 -21.76 -6.41
N TYR A 470 -46.24 -20.61 -5.76
CA TYR A 470 -46.28 -20.54 -4.31
C TYR A 470 -47.35 -21.49 -3.77
N TRP A 471 -48.58 -21.40 -4.26
CA TRP A 471 -49.66 -22.23 -3.80
C TRP A 471 -49.50 -23.66 -4.26
N HIS A 472 -49.02 -23.84 -5.47
CA HIS A 472 -48.75 -25.18 -5.94
C HIS A 472 -47.75 -25.89 -5.03
N PHE A 473 -46.71 -25.16 -4.65
CA PHE A 473 -45.71 -25.67 -3.73
C PHE A 473 -46.38 -26.05 -2.42
N LEU A 474 -47.12 -25.13 -1.82
CA LEU A 474 -47.77 -25.45 -0.55
C LEU A 474 -48.72 -26.62 -0.69
N ASN A 475 -49.45 -26.68 -1.77
CA ASN A 475 -50.35 -27.79 -1.96
C ASN A 475 -49.66 -29.12 -2.06
N ARG A 476 -48.57 -29.21 -2.82
CA ARG A 476 -47.98 -30.51 -3.06
C ARG A 476 -47.25 -31.03 -1.85
N HIS A 477 -46.87 -30.14 -0.93
CA HIS A 477 -46.18 -30.57 0.27
C HIS A 477 -47.02 -30.40 1.54
N ARG A 478 -48.33 -30.37 1.38
CA ARG A 478 -49.23 -30.10 2.48
C ARG A 478 -49.09 -31.09 3.62
N ALA A 479 -49.06 -32.38 3.31
CA ALA A 479 -48.95 -33.41 4.34
C ALA A 479 -47.83 -33.08 5.31
N ARG A 480 -46.66 -32.65 4.83
CA ARG A 480 -45.55 -32.40 5.75
C ARG A 480 -45.61 -30.98 6.33
N PHE A 481 -45.98 -29.99 5.55
CA PHE A 481 -45.94 -28.61 6.04
C PHE A 481 -47.10 -28.21 6.94
N GLU A 482 -48.23 -28.91 6.87
CA GLU A 482 -49.41 -28.49 7.64
C GLU A 482 -49.22 -28.83 9.12
N ARG A 483 -48.38 -29.83 9.39
CA ARG A 483 -47.99 -30.17 10.75
C ARG A 483 -46.77 -29.32 11.17
N ASN A 484 -46.81 -28.04 10.86
CA ASN A 484 -45.68 -27.14 11.10
C ASN A 484 -46.25 -25.82 11.54
N PRO A 485 -46.41 -25.64 12.85
CA PRO A 485 -46.87 -24.40 13.47
C PRO A 485 -46.74 -23.14 12.63
N ARG A 486 -45.51 -22.90 12.14
CA ARG A 486 -45.15 -21.60 11.56
C ARG A 486 -45.76 -21.37 10.19
N MET A 487 -46.47 -22.38 9.68
CA MET A 487 -47.05 -22.36 8.35
C MET A 487 -48.49 -22.80 8.31
N VAL A 488 -49.14 -22.94 9.47
CA VAL A 488 -50.51 -23.44 9.49
C VAL A 488 -51.45 -22.36 8.98
N GLN A 489 -51.08 -21.11 9.23
CA GLN A 489 -51.87 -19.96 8.82
C GLN A 489 -52.06 -19.92 7.31
N MET A 490 -51.00 -20.22 6.59
CA MET A 490 -51.01 -20.09 5.13
C MET A 490 -52.06 -21.03 4.53
N TYR A 491 -52.15 -22.26 5.02
CA TYR A 491 -53.19 -23.20 4.59
C TYR A 491 -54.61 -22.79 4.94
N ARG A 492 -54.77 -22.03 6.04
CA ARG A 492 -56.07 -21.48 6.43
C ARG A 492 -56.59 -20.51 5.35
N THR A 493 -55.70 -19.65 4.84
CA THR A 493 -56.02 -18.68 3.77
C THR A 493 -56.40 -19.35 2.45
N TRP A 494 -55.79 -20.50 2.18
CA TRP A 494 -56.02 -21.27 0.98
C TRP A 494 -57.39 -21.93 1.06
N ASP A 495 -57.68 -22.52 2.22
CA ASP A 495 -58.96 -23.18 2.43
C ASP A 495 -60.16 -22.22 2.32
N ARG A 496 -60.01 -20.95 2.69
CA ARG A 496 -61.11 -19.98 2.64
C ARG A 496 -61.42 -19.44 1.22
N MET A 497 -60.84 -20.05 0.18
CA MET A 497 -61.02 -19.60 -1.21
C MET A 497 -61.92 -20.57 -1.93
N GLU A 498 -62.74 -20.09 -2.86
CA GLU A 498 -63.69 -20.94 -3.57
C GLU A 498 -62.93 -22.13 -4.20
N GLU A 499 -63.54 -23.32 -4.22
CA GLU A 499 -62.91 -24.52 -4.79
C GLU A 499 -62.45 -24.35 -6.27
N THR A 500 -63.24 -23.61 -7.08
CA THR A 500 -62.94 -23.40 -8.50
C THR A 500 -61.72 -22.47 -8.69
N HIS A 501 -61.52 -21.53 -7.78
CA HIS A 501 -60.33 -20.69 -7.78
C HIS A 501 -59.07 -21.51 -7.53
N ARG A 502 -59.10 -22.33 -6.50
CA ARG A 502 -58.03 -23.27 -6.22
C ARG A 502 -57.70 -24.16 -7.42
N ALA A 503 -58.71 -24.81 -7.99
CA ALA A 503 -58.48 -25.67 -9.16
C ALA A 503 -57.76 -24.94 -10.31
N ARG A 504 -58.12 -23.69 -10.52
CA ARG A 504 -57.68 -22.91 -11.65
C ARG A 504 -56.21 -22.58 -11.41
N VAL A 505 -55.91 -22.18 -10.18
CA VAL A 505 -54.54 -21.85 -9.78
C VAL A 505 -53.60 -23.04 -9.99
N LEU A 506 -54.03 -24.24 -9.61
CA LEU A 506 -53.23 -25.42 -9.77
C LEU A 506 -53.15 -25.85 -11.24
N THR A 507 -54.24 -25.80 -11.98
CA THR A 507 -54.16 -26.10 -13.40
C THR A 507 -53.14 -25.20 -14.08
N GLU A 508 -53.11 -23.93 -13.65
CA GLU A 508 -52.23 -22.96 -14.30
C GLU A 508 -50.77 -23.08 -13.89
N ALA A 509 -50.54 -23.43 -12.63
CA ALA A 509 -49.20 -23.67 -12.15
C ALA A 509 -48.64 -24.87 -12.87
N GLU A 510 -49.44 -25.92 -12.93
CA GLU A 510 -49.10 -27.11 -13.67
C GLU A 510 -48.78 -26.78 -15.15
N ALA A 511 -49.63 -26.01 -15.83
CA ALA A 511 -49.30 -25.57 -17.19
C ALA A 511 -47.96 -24.83 -17.27
N PHE A 512 -47.71 -23.92 -16.34
CA PHE A 512 -46.49 -23.16 -16.35
C PHE A 512 -45.29 -24.06 -16.19
N LEU A 513 -45.41 -24.99 -15.26
CA LEU A 513 -44.31 -25.83 -14.89
C LEU A 513 -43.92 -26.65 -16.13
N GLY A 514 -44.91 -27.09 -16.90
CA GLY A 514 -44.66 -27.88 -18.09
C GLY A 514 -43.86 -27.13 -19.12
N ARG A 515 -44.19 -25.86 -19.30
CA ARG A 515 -43.41 -24.99 -20.15
C ARG A 515 -42.00 -24.75 -19.56
N LEU A 516 -41.93 -24.46 -18.26
CA LEU A 516 -40.66 -24.15 -17.64
C LEU A 516 -39.66 -25.25 -17.87
N HIS A 517 -40.06 -26.47 -17.55
CA HIS A 517 -39.14 -27.59 -17.51
C HIS A 517 -39.00 -28.23 -18.86
N ALA A 518 -39.70 -27.72 -19.87
CA ALA A 518 -39.46 -28.07 -21.28
C ALA A 518 -38.43 -27.12 -21.92
N GLY A 519 -38.02 -26.12 -21.16
CA GLY A 519 -37.08 -25.13 -21.66
C GLY A 519 -37.70 -24.01 -22.48
N GLU A 520 -39.03 -23.88 -22.46
CA GLU A 520 -39.69 -22.84 -23.21
C GLU A 520 -39.42 -21.53 -22.48
N PRO A 521 -39.29 -20.43 -23.24
CA PRO A 521 -38.94 -19.17 -22.60
C PRO A 521 -40.07 -18.69 -21.73
N VAL A 522 -39.77 -18.29 -20.51
CA VAL A 522 -40.83 -17.90 -19.62
C VAL A 522 -40.35 -16.73 -18.80
N LEU B 15 -3.46 51.84 -26.75
CA LEU B 15 -3.15 51.70 -25.32
C LEU B 15 -3.16 50.20 -24.85
N THR B 16 -4.30 49.60 -24.49
CA THR B 16 -4.22 48.22 -23.92
C THR B 16 -3.89 47.17 -24.98
N ARG B 17 -2.90 46.36 -24.65
CA ARG B 17 -2.56 45.21 -25.45
C ARG B 17 -2.62 43.93 -24.65
N LEU B 18 -2.91 42.84 -25.35
CA LEU B 18 -2.89 41.52 -24.77
C LEU B 18 -1.51 40.88 -24.88
N ILE B 19 -0.95 40.46 -23.75
CA ILE B 19 0.29 39.69 -23.71
C ILE B 19 -0.07 38.20 -23.45
N LEU B 20 0.10 37.34 -24.46
CA LEU B 20 -0.14 35.91 -24.35
C LEU B 20 1.03 35.18 -23.71
N VAL B 21 0.71 34.36 -22.71
CA VAL B 21 1.66 33.40 -22.16
C VAL B 21 1.10 32.00 -22.26
N LEU B 22 1.71 31.20 -23.11
CA LEU B 22 1.30 29.83 -23.35
C LEU B 22 1.94 28.93 -22.31
N GLY B 23 1.55 27.67 -22.28
CA GLY B 23 1.95 26.76 -21.22
C GLY B 23 3.42 26.35 -21.23
N ASP B 24 4.09 26.46 -22.36
CA ASP B 24 5.51 26.19 -22.38
C ASP B 24 6.31 27.53 -22.33
N GLN B 25 5.70 28.60 -21.81
CA GLN B 25 6.33 29.92 -21.84
C GLN B 25 6.49 30.49 -20.43
N LEU B 26 6.77 29.60 -19.49
CA LEU B 26 6.76 29.97 -18.10
C LEU B 26 8.12 30.47 -17.61
N SER B 27 8.59 31.56 -18.22
CA SER B 27 9.89 32.12 -17.94
C SER B 27 9.71 33.57 -17.59
N ASP B 28 10.38 34.05 -16.54
CA ASP B 28 10.32 35.48 -16.21
C ASP B 28 10.84 36.42 -17.30
N ASP B 29 11.87 35.98 -18.03
CA ASP B 29 12.47 36.79 -19.11
C ASP B 29 11.86 36.46 -20.49
N LEU B 30 10.60 36.06 -20.54
CA LEU B 30 9.97 35.70 -21.80
C LEU B 30 9.83 36.96 -22.65
N PRO B 31 10.17 36.88 -23.95
CA PRO B 31 10.11 38.09 -24.77
C PRO B 31 8.81 38.89 -24.61
N ALA B 32 7.66 38.23 -24.74
CA ALA B 32 6.37 38.91 -24.61
C ALA B 32 6.23 39.64 -23.27
N LEU B 33 6.88 39.17 -22.23
CA LEU B 33 6.74 39.78 -20.92
C LEU B 33 7.68 40.94 -20.76
N ARG B 34 8.85 40.82 -21.35
CA ARG B 34 9.77 41.94 -21.46
C ARG B 34 9.15 43.13 -22.21
N ALA B 35 8.39 42.83 -23.25
CA ALA B 35 7.71 43.84 -24.06
C ALA B 35 6.51 44.47 -23.37
N ALA B 36 6.08 43.91 -22.25
CA ALA B 36 4.83 44.32 -21.65
C ALA B 36 5.04 45.55 -20.79
N ASP B 37 4.01 46.38 -20.73
CA ASP B 37 3.94 47.49 -19.79
C ASP B 37 2.87 47.08 -18.82
N PRO B 38 3.26 46.81 -17.56
CA PRO B 38 2.33 46.37 -16.53
C PRO B 38 1.25 47.37 -16.14
N ALA B 39 1.49 48.66 -16.32
CA ALA B 39 0.46 49.66 -16.02
C ALA B 39 -0.72 49.62 -17.04
N ALA B 40 -0.46 49.10 -18.25
CA ALA B 40 -1.44 49.20 -19.33
C ALA B 40 -1.83 47.89 -19.98
N ASP B 41 -0.96 46.88 -19.94
CA ASP B 41 -1.23 45.67 -20.70
C ASP B 41 -1.90 44.58 -19.84
N LEU B 42 -2.44 43.55 -20.51
CA LEU B 42 -3.17 42.45 -19.84
C LEU B 42 -2.55 41.16 -20.28
N VAL B 43 -2.01 40.41 -19.32
CA VAL B 43 -1.49 39.10 -19.61
C VAL B 43 -2.66 38.13 -19.71
N VAL B 44 -2.59 37.28 -20.72
CA VAL B 44 -3.65 36.34 -21.00
C VAL B 44 -3.09 34.94 -20.95
N MET B 45 -3.64 34.10 -20.08
CA MET B 45 -3.28 32.68 -20.04
C MET B 45 -4.57 31.86 -20.03
N ALA B 46 -4.55 30.69 -20.69
CA ALA B 46 -5.76 29.94 -20.96
C ALA B 46 -5.52 28.42 -21.01
N GLU B 47 -6.24 27.70 -20.14
CA GLU B 47 -6.28 26.28 -20.15
C GLU B 47 -7.48 25.87 -20.99
N VAL B 48 -7.24 25.18 -22.10
CA VAL B 48 -8.31 24.95 -23.07
C VAL B 48 -8.24 23.58 -23.72
N MET B 49 -9.41 23.09 -24.06
CA MET B 49 -9.57 21.73 -24.52
C MET B 49 -8.85 21.44 -25.81
N GLU B 50 -8.74 22.43 -26.68
CA GLU B 50 -8.01 22.22 -27.90
C GLU B 50 -6.54 21.83 -27.64
N GLU B 51 -5.83 22.61 -26.82
CA GLU B 51 -4.45 22.27 -26.46
C GLU B 51 -4.37 21.01 -25.61
N GLY B 52 -5.45 20.71 -24.90
CA GLY B 52 -5.48 19.46 -24.17
C GLY B 52 -5.75 18.22 -24.99
N THR B 53 -6.16 18.33 -26.25
CA THR B 53 -6.52 17.15 -27.01
C THR B 53 -6.08 17.11 -28.46
N TYR B 54 -5.23 18.04 -28.91
CA TYR B 54 -4.81 18.03 -30.30
C TYR B 54 -4.13 16.70 -30.60
N VAL B 55 -3.34 16.23 -29.63
CA VAL B 55 -3.00 14.82 -29.50
C VAL B 55 -3.46 14.41 -28.10
N PRO B 56 -3.69 13.12 -27.88
CA PRO B 56 -4.18 12.65 -26.57
C PRO B 56 -3.07 12.60 -25.52
N HIS B 57 -2.65 13.75 -25.04
CA HIS B 57 -1.44 13.83 -24.18
C HIS B 57 -1.60 12.91 -22.96
N HIS B 58 -0.47 12.45 -22.45
CA HIS B 58 -0.43 11.69 -21.21
C HIS B 58 -1.00 12.55 -20.11
N PRO B 59 -1.82 12.00 -19.27
CA PRO B 59 -2.37 12.78 -18.19
C PRO B 59 -1.36 13.50 -17.35
N GLN B 60 -0.19 12.94 -17.13
CA GLN B 60 0.85 13.65 -16.37
C GLN B 60 1.30 14.89 -17.11
N LYS B 61 1.40 14.83 -18.45
CA LYS B 61 1.81 16.02 -19.15
C LYS B 61 0.78 17.11 -18.97
N ILE B 62 -0.51 16.76 -19.09
CA ILE B 62 -1.56 17.77 -18.96
C ILE B 62 -1.52 18.37 -17.56
N ALA B 63 -1.40 17.51 -16.56
CA ALA B 63 -1.37 17.97 -15.20
C ALA B 63 -0.14 18.88 -14.96
N LEU B 64 1.02 18.51 -15.50
CA LEU B 64 2.23 19.33 -15.39
C LEU B 64 2.01 20.74 -15.88
N ILE B 65 1.49 20.82 -17.10
CA ILE B 65 1.35 22.09 -17.77
C ILE B 65 0.32 22.96 -17.05
N LEU B 66 -0.81 22.39 -16.67
CA LEU B 66 -1.85 23.20 -16.04
C LEU B 66 -1.41 23.65 -14.64
N ALA B 67 -0.75 22.78 -13.88
CA ALA B 67 -0.24 23.15 -12.56
C ALA B 67 0.86 24.21 -12.64
N ALA B 68 1.82 24.00 -13.54
CA ALA B 68 2.85 24.99 -13.79
C ALA B 68 2.26 26.32 -14.23
N MET B 69 1.20 26.27 -15.04
CA MET B 69 0.57 27.50 -15.52
C MET B 69 0.00 28.29 -14.39
N ARG B 70 -0.71 27.59 -13.51
CA ARG B 70 -1.40 28.25 -12.43
C ARG B 70 -0.42 28.89 -11.50
N LYS B 71 0.64 28.16 -11.22
CA LYS B 71 1.68 28.69 -10.35
C LYS B 71 2.35 29.89 -10.97
N PHE B 72 2.67 29.83 -12.26
CA PHE B 72 3.33 30.95 -12.90
C PHE B 72 2.41 32.13 -12.94
N ALA B 73 1.12 31.93 -13.08
CA ALA B 73 0.21 33.09 -13.15
C ALA B 73 0.23 33.86 -11.87
N ARG B 74 0.23 33.15 -10.75
CA ARG B 74 0.29 33.79 -9.44
C ARG B 74 1.58 34.55 -9.27
N ARG B 75 2.64 34.04 -9.86
CA ARG B 75 3.93 34.69 -9.82
C ARG B 75 3.93 35.99 -10.63
N LEU B 76 3.39 35.94 -11.84
CA LEU B 76 3.21 37.14 -12.61
C LEU B 76 2.43 38.20 -11.81
N GLN B 77 1.39 37.78 -11.11
CA GLN B 77 0.65 38.70 -10.23
C GLN B 77 1.50 39.28 -9.11
N GLU B 78 2.35 38.45 -8.49
CA GLU B 78 3.24 38.94 -7.41
C GLU B 78 4.17 40.02 -7.96
N ARG B 79 4.57 39.91 -9.23
CA ARG B 79 5.44 40.92 -9.87
C ARG B 79 4.68 42.16 -10.34
N GLY B 80 3.36 42.16 -10.24
CA GLY B 80 2.58 43.35 -10.52
C GLY B 80 1.96 43.39 -11.90
N PHE B 81 1.93 42.25 -12.61
CA PHE B 81 1.14 42.13 -13.82
C PHE B 81 -0.30 41.89 -13.50
N ARG B 82 -1.17 42.39 -14.36
CA ARG B 82 -2.58 42.07 -14.27
C ARG B 82 -2.83 40.87 -15.20
N VAL B 83 -3.47 39.83 -14.67
CA VAL B 83 -3.55 38.54 -15.38
C VAL B 83 -4.98 38.06 -15.56
N ALA B 84 -5.41 37.88 -16.81
CA ALA B 84 -6.70 37.25 -17.09
C ALA B 84 -6.46 35.77 -17.26
N TYR B 85 -6.95 34.96 -16.33
CA TYR B 85 -6.70 33.51 -16.38
C TYR B 85 -7.98 32.68 -16.65
N SER B 86 -7.97 31.91 -17.72
CA SER B 86 -9.14 31.16 -18.09
C SER B 86 -8.90 29.73 -17.68
N ARG B 87 -9.58 29.27 -16.64
CA ARG B 87 -9.42 27.91 -16.15
C ARG B 87 -10.14 26.88 -16.98
N LEU B 88 -9.54 25.70 -17.09
CA LEU B 88 -10.13 24.67 -17.92
C LEU B 88 -11.50 24.29 -17.38
N ASP B 89 -11.64 24.36 -16.08
CA ASP B 89 -12.86 23.91 -15.40
C ASP B 89 -13.80 25.07 -15.10
N ASP B 90 -13.71 26.15 -15.85
CA ASP B 90 -14.69 27.21 -15.82
C ASP B 90 -15.49 27.11 -17.12
N PRO B 91 -16.81 27.04 -17.02
CA PRO B 91 -17.57 26.82 -18.25
C PRO B 91 -17.68 28.01 -19.18
N ASP B 92 -17.24 29.18 -18.72
CA ASP B 92 -17.07 30.34 -19.59
C ASP B 92 -15.85 30.20 -20.51
N THR B 93 -14.86 29.37 -20.17
CA THR B 93 -13.69 29.22 -21.02
C THR B 93 -14.06 28.62 -22.39
N GLY B 94 -13.51 29.19 -23.46
CA GLY B 94 -13.79 28.76 -24.80
C GLY B 94 -12.81 27.67 -25.18
N PRO B 95 -12.87 27.24 -26.44
CA PRO B 95 -12.27 25.97 -26.75
C PRO B 95 -10.82 26.03 -27.13
N SER B 96 -10.35 27.24 -27.43
CA SER B 96 -9.04 27.41 -28.03
C SER B 96 -8.36 28.63 -27.48
N ILE B 97 -7.04 28.72 -27.67
CA ILE B 97 -6.33 29.92 -27.25
C ILE B 97 -6.92 31.14 -27.98
N GLY B 98 -7.15 30.98 -29.26
CA GLY B 98 -7.71 32.05 -30.04
C GLY B 98 -9.04 32.50 -29.52
N ALA B 99 -9.90 31.59 -29.06
CA ALA B 99 -11.22 32.03 -28.55
C ALA B 99 -11.07 32.95 -27.34
N GLU B 100 -10.13 32.64 -26.46
CA GLU B 100 -9.92 33.45 -25.26
C GLU B 100 -9.18 34.76 -25.52
N LEU B 101 -8.31 34.80 -26.51
CA LEU B 101 -7.75 36.08 -26.93
C LEU B 101 -8.87 37.00 -27.43
N LEU B 102 -9.76 36.45 -28.24
CA LEU B 102 -10.86 37.22 -28.74
C LEU B 102 -11.77 37.76 -27.64
N ARG B 103 -12.06 36.91 -26.69
CA ARG B 103 -12.89 37.27 -25.57
C ARG B 103 -12.27 38.41 -24.76
N ARG B 104 -10.98 38.32 -24.49
CA ARG B 104 -10.31 39.35 -23.71
C ARG B 104 -10.13 40.65 -24.50
N ALA B 105 -9.98 40.56 -25.81
CA ALA B 105 -9.97 41.76 -26.65
C ALA B 105 -11.30 42.50 -26.47
N ALA B 106 -12.40 41.79 -26.74
CA ALA B 106 -13.73 42.34 -26.57
C ALA B 106 -13.94 42.93 -25.18
N GLU B 107 -13.27 42.44 -24.14
CA GLU B 107 -13.52 42.93 -22.79
C GLU B 107 -12.73 44.21 -22.48
N THR B 108 -11.54 44.33 -23.05
CA THR B 108 -10.64 45.42 -22.73
C THR B 108 -10.63 46.48 -23.81
N GLY B 109 -10.93 46.09 -25.04
CA GLY B 109 -10.83 46.99 -26.16
C GLY B 109 -9.52 46.89 -26.90
N ALA B 110 -8.64 45.95 -26.52
CA ALA B 110 -7.37 45.74 -27.22
C ALA B 110 -7.58 45.51 -28.70
N ARG B 111 -6.62 45.97 -29.49
CA ARG B 111 -6.68 45.86 -30.95
C ARG B 111 -5.51 45.01 -31.47
N GLU B 112 -4.75 44.43 -30.55
CA GLU B 112 -3.51 43.74 -30.87
C GLU B 112 -3.18 42.77 -29.72
N ALA B 113 -2.53 41.64 -30.02
CA ALA B 113 -1.91 40.75 -29.02
C ALA B 113 -0.42 40.58 -29.35
N VAL B 114 0.44 40.49 -28.31
CA VAL B 114 1.85 40.18 -28.47
C VAL B 114 2.07 38.77 -27.99
N ALA B 115 2.85 37.99 -28.72
CA ALA B 115 3.08 36.60 -28.35
C ALA B 115 4.48 36.16 -28.71
N THR B 116 5.18 35.50 -27.81
CA THR B 116 6.39 34.83 -28.17
C THR B 116 6.03 33.65 -29.10
N ARG B 117 6.64 33.58 -30.27
CA ARG B 117 6.46 32.50 -31.25
C ARG B 117 6.41 31.16 -30.59
N PRO B 118 5.28 30.46 -30.67
CA PRO B 118 5.14 29.12 -30.10
C PRO B 118 5.97 28.05 -30.81
N GLY B 119 6.05 26.86 -30.24
CA GLY B 119 6.81 25.80 -30.89
C GLY B 119 5.90 24.72 -31.46
N ASP B 120 4.85 25.13 -32.15
CA ASP B 120 3.90 24.21 -32.73
C ASP B 120 3.28 24.89 -33.91
N TRP B 121 3.47 24.30 -35.09
CA TRP B 121 2.99 24.94 -36.32
C TRP B 121 1.47 25.10 -36.36
N ARG B 122 0.74 24.11 -35.87
CA ARG B 122 -0.70 24.20 -35.75
C ARG B 122 -1.10 25.42 -34.96
N LEU B 123 -0.46 25.64 -33.81
CA LEU B 123 -0.80 26.79 -32.99
C LEU B 123 -0.35 28.09 -33.65
N ILE B 124 0.82 28.12 -34.27
CA ILE B 124 1.21 29.32 -34.98
C ILE B 124 0.10 29.69 -35.97
N GLU B 125 -0.33 28.73 -36.80
CA GLU B 125 -1.27 29.01 -37.85
C GLU B 125 -2.63 29.41 -37.32
N ALA B 126 -3.06 28.81 -36.21
CA ALA B 126 -4.33 29.17 -35.62
C ALA B 126 -4.28 30.63 -35.16
N LEU B 127 -3.20 31.03 -34.53
CA LEU B 127 -3.05 32.40 -34.13
C LEU B 127 -3.02 33.39 -35.30
N GLU B 128 -2.53 32.97 -36.46
CA GLU B 128 -2.48 33.86 -37.64
C GLU B 128 -3.87 34.03 -38.26
N ALA B 129 -4.64 32.96 -38.34
CA ALA B 129 -6.02 32.99 -38.86
C ALA B 129 -6.99 33.79 -37.98
N MET B 130 -6.60 34.02 -36.75
CA MET B 130 -7.48 34.65 -35.78
C MET B 130 -7.74 36.09 -36.27
N PRO B 131 -8.99 36.57 -36.20
CA PRO B 131 -9.28 37.91 -36.69
C PRO B 131 -8.98 38.96 -35.59
N LEU B 132 -7.72 38.94 -35.17
CA LEU B 132 -7.14 39.86 -34.24
C LEU B 132 -5.65 39.75 -34.49
N PRO B 133 -5.00 40.89 -34.74
CA PRO B 133 -3.62 40.82 -35.17
C PRO B 133 -2.68 40.46 -34.03
N VAL B 134 -1.69 39.66 -34.36
CA VAL B 134 -0.74 39.19 -33.39
C VAL B 134 0.65 39.58 -33.82
N ARG B 135 1.42 40.14 -32.90
CA ARG B 135 2.79 40.48 -33.15
C ARG B 135 3.63 39.41 -32.49
N PHE B 136 4.27 38.60 -33.31
CA PHE B 136 5.17 37.59 -32.84
C PHE B 136 6.56 38.15 -32.52
N LEU B 137 7.04 37.80 -31.33
CA LEU B 137 8.43 38.00 -30.97
C LEU B 137 9.11 36.66 -31.12
N PRO B 138 10.39 36.65 -31.53
CA PRO B 138 11.14 35.42 -31.52
C PRO B 138 11.33 34.88 -30.11
N ASP B 139 11.37 33.57 -29.99
CA ASP B 139 11.62 32.92 -28.71
C ASP B 139 13.12 32.94 -28.52
N ASP B 140 13.61 33.78 -27.62
CA ASP B 140 15.05 33.96 -27.49
C ASP B 140 15.63 33.20 -26.34
N ARG B 141 14.92 32.18 -25.92
CA ARG B 141 15.34 31.35 -24.82
C ARG B 141 16.34 30.25 -25.22
N PHE B 142 16.48 30.01 -26.51
CA PHE B 142 17.52 29.12 -27.02
C PHE B 142 18.87 29.84 -27.15
N LEU B 143 19.96 29.08 -27.07
CA LEU B 143 21.29 29.64 -27.16
C LEU B 143 21.67 30.10 -28.60
N CYS B 144 20.98 29.55 -29.58
CA CYS B 144 21.17 29.92 -30.95
C CYS B 144 19.92 30.60 -31.47
N PRO B 145 20.02 31.88 -31.82
CA PRO B 145 18.84 32.53 -32.37
C PRO B 145 18.38 31.91 -33.68
N ALA B 146 17.07 31.94 -33.96
CA ALA B 146 16.51 31.38 -35.18
C ALA B 146 17.27 31.83 -36.46
N ASP B 147 17.55 33.14 -36.57
CA ASP B 147 18.08 33.71 -37.81
C ASP B 147 19.53 33.31 -37.99
N GLU B 148 20.21 33.17 -36.85
CA GLU B 148 21.59 32.75 -36.80
C GLU B 148 21.75 31.30 -37.17
N PHE B 149 20.74 30.48 -36.89
CA PHE B 149 20.73 29.10 -37.31
C PHE B 149 20.48 29.02 -38.81
N ALA B 150 19.50 29.79 -39.28
CA ALA B 150 19.19 29.87 -40.70
C ALA B 150 20.47 30.19 -41.50
N ARG B 151 21.25 31.13 -40.97
CA ARG B 151 22.49 31.55 -41.60
C ARG B 151 23.55 30.48 -41.65
N TRP B 152 23.79 29.86 -40.51
CA TRP B 152 24.77 28.82 -40.43
C TRP B 152 24.50 27.69 -41.45
N THR B 153 23.24 27.41 -41.74
CA THR B 153 22.92 26.33 -42.65
C THR B 153 23.04 26.68 -44.10
N GLU B 154 23.08 27.97 -44.40
CA GLU B 154 22.86 28.41 -45.77
C GLU B 154 23.96 27.84 -46.67
N GLY B 155 23.51 27.25 -47.76
CA GLY B 155 24.41 26.68 -48.75
C GLY B 155 24.96 25.30 -48.49
N ARG B 156 24.81 24.79 -47.27
CA ARG B 156 25.20 23.41 -46.95
C ARG B 156 24.25 22.43 -47.61
N LYS B 157 24.81 21.44 -48.32
CA LYS B 157 24.06 20.45 -49.08
C LYS B 157 23.81 19.21 -48.20
N GLN B 158 24.64 19.08 -47.17
CA GLN B 158 24.52 18.04 -46.15
C GLN B 158 24.69 18.77 -44.80
N LEU B 159 23.87 18.42 -43.83
CA LEU B 159 23.87 19.10 -42.54
C LEU B 159 24.18 18.01 -41.56
N ARG B 160 24.97 18.32 -40.54
CA ARG B 160 25.44 17.39 -39.54
C ARG B 160 25.53 18.12 -38.20
N MET B 161 25.02 17.50 -37.14
CA MET B 161 24.96 18.13 -35.84
C MET B 161 26.34 18.53 -35.31
N GLU B 162 27.33 17.65 -35.50
CA GLU B 162 28.69 17.88 -34.96
C GLU B 162 29.26 19.23 -35.33
N TRP B 163 29.19 19.58 -36.60
CA TRP B 163 29.77 20.83 -37.06
C TRP B 163 29.08 21.98 -36.38
N PHE B 164 27.75 21.89 -36.27
CA PHE B 164 26.96 22.89 -35.60
C PHE B 164 27.35 23.00 -34.11
N TYR B 165 27.51 21.86 -33.47
CA TYR B 165 27.89 21.80 -32.07
C TYR B 165 29.22 22.47 -31.81
N ARG B 166 30.23 22.15 -32.63
CA ARG B 166 31.54 22.76 -32.46
C ARG B 166 31.42 24.27 -32.54
N GLU B 167 30.65 24.76 -33.50
CA GLU B 167 30.49 26.19 -33.63
C GLU B 167 29.77 26.79 -32.41
N MET B 168 28.80 26.05 -31.85
CA MET B 168 28.11 26.49 -30.66
C MET B 168 29.05 26.53 -29.46
N ARG B 169 29.97 25.59 -29.41
CA ARG B 169 30.99 25.60 -28.37
C ARG B 169 31.82 26.88 -28.45
N ARG B 170 32.23 27.23 -29.66
CA ARG B 170 33.05 28.41 -29.87
C ARG B 170 32.31 29.69 -29.57
N ARG B 171 31.05 29.77 -29.95
CA ARG B 171 30.26 30.97 -29.73
C ARG B 171 29.97 31.19 -28.26
N THR B 172 29.79 30.11 -27.52
CA THR B 172 29.40 30.21 -26.12
C THR B 172 30.60 30.18 -25.18
N GLY B 173 31.68 29.54 -25.59
CA GLY B 173 32.81 29.38 -24.70
C GLY B 173 32.67 28.21 -23.77
N LEU B 174 31.55 27.50 -23.82
CA LEU B 174 31.43 26.30 -23.00
C LEU B 174 32.51 25.27 -23.42
N LEU B 175 33.31 24.87 -22.42
CA LEU B 175 34.40 23.90 -22.54
C LEU B 175 35.43 24.31 -23.57
N MET B 176 35.74 25.59 -23.61
CA MET B 176 36.81 26.11 -24.43
C MET B 176 37.94 26.69 -23.56
N GLU B 177 39.18 26.32 -23.92
CA GLU B 177 40.43 26.94 -23.42
C GLU B 177 40.97 27.87 -24.51
N GLY B 178 40.58 29.13 -24.49
CA GLY B 178 40.82 29.99 -25.64
C GLY B 178 40.16 29.39 -26.86
N ASP B 179 40.95 29.15 -27.91
CA ASP B 179 40.39 28.72 -29.16
C ASP B 179 40.36 27.19 -29.26
N GLU B 180 40.80 26.48 -28.21
CA GLU B 180 40.86 25.00 -28.22
C GLU B 180 39.82 24.29 -27.31
N PRO B 181 39.31 23.13 -27.75
CA PRO B 181 38.34 22.42 -26.91
C PRO B 181 38.98 21.79 -25.67
N ALA B 182 38.30 21.89 -24.53
CA ALA B 182 38.74 21.25 -23.29
C ALA B 182 39.23 19.85 -23.54
N GLY B 183 40.41 19.51 -23.04
CA GLY B 183 40.92 18.14 -23.08
C GLY B 183 41.56 17.74 -24.39
N GLY B 184 41.68 18.69 -25.33
CA GLY B 184 42.34 18.46 -26.61
C GLY B 184 41.60 17.63 -27.65
N LYS B 185 40.30 17.41 -27.48
CA LYS B 185 39.48 16.70 -28.47
C LYS B 185 38.03 17.20 -28.25
N TRP B 186 37.25 17.17 -29.30
CA TRP B 186 35.97 17.88 -29.31
C TRP B 186 34.82 17.12 -28.69
N ASN B 187 34.79 15.82 -28.95
CA ASN B 187 33.65 14.96 -28.69
C ASN B 187 34.14 13.63 -28.11
N PHE B 188 33.57 13.27 -26.96
CA PHE B 188 33.97 12.09 -26.19
C PHE B 188 32.89 10.97 -26.21
N ASP B 189 31.97 10.98 -27.18
CA ASP B 189 30.83 10.01 -27.21
C ASP B 189 31.33 8.58 -27.33
N THR B 190 32.48 8.33 -27.99
CA THR B 190 32.98 6.94 -28.12
C THR B 190 33.26 6.26 -26.76
N GLU B 191 33.51 7.05 -25.72
CA GLU B 191 33.71 6.56 -24.35
C GLU B 191 32.40 6.38 -23.54
N ASN B 192 31.26 6.71 -24.14
CA ASN B 192 29.97 6.77 -23.41
C ASN B 192 28.92 5.70 -23.89
N ARG B 193 29.39 4.47 -24.14
CA ARG B 193 28.58 3.43 -24.74
C ARG B 193 28.80 2.04 -24.15
N LYS B 194 28.96 1.96 -22.84
CA LYS B 194 29.13 0.68 -22.16
C LYS B 194 27.87 0.41 -21.29
N PRO B 195 27.71 -0.80 -20.71
CA PRO B 195 26.43 -1.27 -20.17
C PRO B 195 25.95 -1.07 -18.71
N ALA B 196 26.75 -0.67 -17.75
CA ALA B 196 26.16 -0.42 -16.41
C ALA B 196 25.76 -1.67 -15.63
N ALA B 197 26.29 -1.82 -14.42
CA ALA B 197 25.91 -2.93 -13.51
C ALA B 197 24.74 -2.48 -12.63
N PRO B 198 23.92 -3.44 -12.10
CA PRO B 198 22.90 -3.06 -11.09
C PRO B 198 23.58 -2.68 -9.79
N ASP B 199 22.88 -1.87 -9.00
CA ASP B 199 23.55 -1.09 -7.98
C ASP B 199 22.54 -0.20 -7.26
N LEU B 200 22.11 -0.65 -6.08
CA LEU B 200 21.44 0.23 -5.11
C LEU B 200 22.53 1.23 -4.70
N LEU B 201 22.15 2.39 -4.23
CA LEU B 201 23.18 3.44 -4.05
C LEU B 201 23.66 4.14 -5.37
N ARG B 202 23.12 3.79 -6.55
CA ARG B 202 23.09 4.70 -7.68
C ARG B 202 21.98 5.65 -7.35
N PRO B 203 22.28 6.94 -7.26
CA PRO B 203 21.25 7.86 -6.78
C PRO B 203 20.03 8.06 -7.70
N ARG B 204 18.88 8.24 -7.08
CA ARG B 204 17.61 8.39 -7.76
C ARG B 204 17.23 9.86 -7.84
N PRO B 205 16.57 10.27 -8.94
CA PRO B 205 16.14 11.65 -9.17
C PRO B 205 15.10 12.17 -8.18
N LEU B 206 15.07 13.45 -7.93
CA LEU B 206 14.19 13.96 -6.89
C LEU B 206 12.75 13.80 -7.32
N ARG B 207 11.87 13.50 -6.37
CA ARG B 207 10.46 13.40 -6.65
C ARG B 207 9.73 14.45 -5.84
N PHE B 208 8.78 15.14 -6.47
CA PHE B 208 8.13 16.29 -5.86
C PHE B 208 6.69 16.00 -5.50
N GLU B 209 6.34 16.37 -4.27
CA GLU B 209 5.07 16.05 -3.64
C GLU B 209 4.11 17.15 -4.02
N PRO B 210 3.00 16.80 -4.65
CA PRO B 210 1.98 17.74 -5.05
C PRO B 210 1.38 18.54 -3.92
N ASP B 211 1.36 19.85 -4.08
CA ASP B 211 0.75 20.71 -3.11
C ASP B 211 -0.71 20.86 -3.43
N ALA B 212 -1.42 21.69 -2.67
CA ALA B 212 -2.84 21.92 -2.88
C ALA B 212 -3.16 22.16 -4.35
N GLU B 213 -2.45 23.11 -4.93
CA GLU B 213 -2.70 23.55 -6.28
C GLU B 213 -2.55 22.39 -7.29
N VAL B 214 -1.47 21.61 -7.13
CA VAL B 214 -1.21 20.48 -8.02
C VAL B 214 -2.28 19.37 -7.87
N ARG B 215 -2.69 19.16 -6.63
CA ARG B 215 -3.74 18.23 -6.32
C ARG B 215 -5.11 18.58 -6.96
N ALA B 216 -5.50 19.84 -6.93
CA ALA B 216 -6.71 20.31 -7.61
C ALA B 216 -6.61 19.99 -9.12
N VAL B 217 -5.43 20.21 -9.68
CA VAL B 217 -5.20 19.91 -11.09
C VAL B 217 -5.25 18.38 -11.34
N LEU B 218 -4.69 17.59 -10.42
CA LEU B 218 -4.71 16.12 -10.62
C LEU B 218 -6.15 15.64 -10.66
N ASP B 219 -6.97 16.05 -9.70
CA ASP B 219 -8.40 15.73 -9.70
C ASP B 219 -9.12 16.09 -11.01
N LEU B 220 -8.86 17.29 -11.52
CA LEU B 220 -9.42 17.74 -12.77
C LEU B 220 -9.02 16.85 -13.96
N VAL B 221 -7.71 16.61 -14.08
CA VAL B 221 -7.19 15.83 -15.23
C VAL B 221 -7.71 14.40 -15.27
N GLU B 222 -7.85 13.84 -14.09
CA GLU B 222 -8.39 12.52 -13.91
C GLU B 222 -9.84 12.41 -14.39
N ALA B 223 -10.66 13.39 -14.01
CA ALA B 223 -12.04 13.49 -14.43
C ALA B 223 -12.23 13.83 -15.93
N ARG B 224 -11.42 14.75 -16.44
CA ARG B 224 -11.66 15.38 -17.75
C ARG B 224 -11.00 14.67 -18.93
N PHE B 225 -9.92 13.92 -18.70
CA PHE B 225 -9.22 13.23 -19.75
C PHE B 225 -8.98 11.74 -19.42
N PRO B 226 -10.04 11.02 -19.05
CA PRO B 226 -9.95 9.63 -18.62
C PRO B 226 -9.48 8.58 -19.66
N ARG B 227 -9.69 8.84 -20.94
CA ARG B 227 -9.39 7.87 -21.99
C ARG B 227 -8.01 8.01 -22.59
N HIS B 228 -7.24 8.98 -22.13
CA HIS B 228 -5.89 9.13 -22.62
C HIS B 228 -5.02 8.04 -22.00
N PHE B 229 -4.19 7.38 -22.80
CA PHE B 229 -3.17 6.48 -22.29
C PHE B 229 -2.28 7.10 -21.26
N GLY B 230 -2.07 6.38 -20.17
CA GLY B 230 -1.05 6.71 -19.17
C GLY B 230 -1.60 6.85 -17.76
N ARG B 231 -0.76 6.63 -16.77
CA ARG B 231 -1.13 6.71 -15.38
C ARG B 231 -0.86 8.08 -14.81
N LEU B 232 -1.89 8.69 -14.25
CA LEU B 232 -1.78 10.02 -13.69
C LEU B 232 -0.97 10.00 -12.41
N ARG B 233 -1.19 9.00 -11.55
CA ARG B 233 -0.68 8.99 -10.16
C ARG B 233 0.29 7.85 -9.91
N PRO B 234 1.33 8.07 -9.08
CA PRO B 234 1.70 9.32 -8.45
C PRO B 234 2.34 10.30 -9.43
N PHE B 235 2.09 11.57 -9.20
CA PHE B 235 2.68 12.63 -9.96
C PHE B 235 3.86 13.24 -9.21
N HIS B 236 5.02 13.29 -9.84
CA HIS B 236 6.26 13.69 -9.19
C HIS B 236 7.07 14.79 -9.86
N TRP B 237 6.56 15.43 -10.91
CA TRP B 237 7.41 16.33 -11.67
C TRP B 237 7.41 17.69 -11.03
N ALA B 238 8.49 18.44 -11.27
CA ALA B 238 8.61 19.79 -10.76
C ALA B 238 7.59 20.64 -11.48
N THR B 239 6.93 21.52 -10.74
CA THR B 239 5.92 22.40 -11.32
C THR B 239 6.22 23.89 -11.19
N ASP B 240 7.41 24.21 -10.70
CA ASP B 240 7.89 25.60 -10.77
C ASP B 240 9.39 25.66 -10.76
N ARG B 241 9.93 26.85 -10.94
CA ARG B 241 11.36 27.00 -11.14
C ARG B 241 12.14 26.57 -9.89
N ALA B 242 11.63 26.93 -8.72
CA ALA B 242 12.27 26.53 -7.47
C ALA B 242 12.47 24.98 -7.43
N GLU B 243 11.44 24.21 -7.72
CA GLU B 243 11.57 22.77 -7.74
C GLU B 243 12.55 22.33 -8.82
N ALA B 244 12.50 22.96 -9.99
CA ALA B 244 13.33 22.56 -11.07
C ALA B 244 14.79 22.82 -10.72
N LEU B 245 15.06 23.94 -10.04
CA LEU B 245 16.42 24.25 -9.61
C LEU B 245 16.88 23.20 -8.66
N ARG B 246 16.02 22.77 -7.77
CA ARG B 246 16.38 21.65 -6.88
C ARG B 246 16.73 20.36 -7.60
N ALA B 247 15.94 19.99 -8.62
CA ALA B 247 16.23 18.88 -9.50
C ALA B 247 17.60 19.03 -10.19
N LEU B 248 17.89 20.24 -10.66
CA LEU B 248 19.17 20.54 -11.29
C LEU B 248 20.29 20.32 -10.30
N ASP B 249 20.11 20.86 -9.12
CA ASP B 249 21.13 20.75 -8.11
C ASP B 249 21.36 19.28 -7.76
N HIS B 250 20.28 18.53 -7.61
CA HIS B 250 20.45 17.14 -7.32
C HIS B 250 21.27 16.43 -8.38
N PHE B 251 20.95 16.64 -9.67
CA PHE B 251 21.60 15.87 -10.73
C PHE B 251 23.07 16.23 -10.81
N ILE B 252 23.35 17.53 -10.74
CA ILE B 252 24.71 18.01 -10.81
C ILE B 252 25.57 17.42 -9.71
N ARG B 253 25.04 17.36 -8.50
CA ARG B 253 25.84 16.89 -7.39
C ARG B 253 25.96 15.39 -7.33
N GLU B 254 24.91 14.67 -7.74
CA GLU B 254 24.83 13.23 -7.47
C GLU B 254 24.96 12.35 -8.71
N SER B 255 24.41 12.75 -9.84
CA SER B 255 24.41 11.88 -11.04
C SER B 255 25.33 12.28 -12.21
N LEU B 256 25.68 13.56 -12.30
CA LEU B 256 26.52 14.00 -13.41
C LEU B 256 27.81 13.17 -13.56
N PRO B 257 28.47 12.80 -12.46
CA PRO B 257 29.70 12.06 -12.67
C PRO B 257 29.60 10.73 -13.38
N ARG B 258 28.41 10.14 -13.37
CA ARG B 258 28.18 8.88 -14.02
C ARG B 258 27.46 9.10 -15.34
N PHE B 259 27.21 10.33 -15.74
CA PHE B 259 26.27 10.55 -16.84
C PHE B 259 26.77 9.87 -18.09
N GLY B 260 28.09 9.93 -18.25
CA GLY B 260 28.78 9.43 -19.42
C GLY B 260 28.92 7.93 -19.48
N ASP B 261 29.35 7.28 -18.41
CA ASP B 261 29.55 5.82 -18.49
C ASP B 261 28.28 5.12 -18.85
N GLU B 262 27.16 5.66 -18.37
CA GLU B 262 25.86 4.97 -18.34
C GLU B 262 24.83 5.49 -19.36
N GLN B 263 25.28 6.35 -20.26
CA GLN B 263 24.37 7.15 -21.07
C GLN B 263 23.45 6.33 -21.97
N ASP B 264 23.98 5.22 -22.47
CA ASP B 264 23.29 4.37 -23.46
C ASP B 264 22.86 3.05 -22.82
N ALA B 265 22.89 2.94 -21.50
CA ALA B 265 22.54 1.67 -20.80
C ALA B 265 21.05 1.57 -20.45
N MET B 266 20.59 0.33 -20.34
CA MET B 266 19.25 0.02 -19.94
C MET B 266 19.26 -1.09 -18.87
N LEU B 267 18.44 -0.95 -17.84
CA LEU B 267 18.31 -1.95 -16.81
C LEU B 267 16.83 -2.17 -16.50
N ALA B 268 16.43 -3.43 -16.39
CA ALA B 268 15.04 -3.78 -16.12
C ALA B 268 14.53 -3.10 -14.86
N ASP B 269 15.35 -3.05 -13.84
CA ASP B 269 14.88 -2.56 -12.57
C ASP B 269 15.19 -1.08 -12.31
N ASP B 270 15.80 -0.41 -13.27
CA ASP B 270 16.03 1.01 -13.14
C ASP B 270 15.61 1.79 -14.36
N PRO B 271 14.58 2.61 -14.22
CA PRO B 271 14.05 3.37 -15.36
C PRO B 271 14.73 4.73 -15.59
N PHE B 272 15.64 5.09 -14.71
CA PHE B 272 16.22 6.39 -14.72
C PHE B 272 17.71 6.42 -14.91
N LEU B 273 18.39 5.36 -14.55
CA LEU B 273 19.83 5.37 -14.37
C LEU B 273 20.39 6.70 -13.88
N SER B 274 21.27 7.34 -14.63
CA SER B 274 21.86 8.62 -14.24
C SER B 274 21.46 9.81 -15.12
N HIS B 275 20.32 9.72 -15.76
CA HIS B 275 19.82 10.83 -16.52
C HIS B 275 19.33 11.95 -15.63
N ALA B 276 19.22 13.13 -16.19
CA ALA B 276 18.91 14.30 -15.41
C ALA B 276 17.40 14.50 -15.11
N LEU B 277 16.55 13.92 -15.96
CA LEU B 277 15.12 14.20 -15.93
C LEU B 277 14.82 15.70 -15.84
N LEU B 278 15.49 16.51 -16.66
CA LEU B 278 15.23 17.95 -16.71
C LEU B 278 14.45 18.41 -17.93
N SER B 279 14.27 17.57 -18.94
CA SER B 279 13.66 18.02 -20.18
C SER B 279 12.35 18.79 -20.03
N SER B 280 11.43 18.30 -19.22
CA SER B 280 10.15 18.99 -19.02
C SER B 280 10.34 20.33 -18.42
N SER B 281 11.25 20.44 -17.47
CA SER B 281 11.47 21.75 -16.85
C SER B 281 12.09 22.76 -17.83
N MET B 282 13.10 22.33 -18.60
CA MET B 282 13.67 23.18 -19.67
C MET B 282 12.63 23.52 -20.70
N ASN B 283 11.84 22.55 -21.14
CA ASN B 283 10.95 22.79 -22.27
C ASN B 283 9.83 23.69 -21.88
N LEU B 284 9.41 23.67 -20.62
CA LEU B 284 8.32 24.57 -20.21
C LEU B 284 8.80 25.96 -19.80
N GLY B 285 10.12 26.12 -19.70
CA GLY B 285 10.70 27.45 -19.46
C GLY B 285 11.16 27.70 -18.03
N LEU B 286 11.10 26.64 -17.21
CA LEU B 286 11.44 26.73 -15.81
C LEU B 286 12.95 26.71 -15.58
N LEU B 287 13.68 26.06 -16.46
CA LEU B 287 15.12 26.16 -16.48
C LEU B 287 15.53 26.69 -17.83
N GLY B 288 16.75 27.23 -17.88
CA GLY B 288 17.36 27.67 -19.14
C GLY B 288 18.59 26.85 -19.50
N PRO B 289 18.82 26.65 -20.80
CA PRO B 289 19.93 25.85 -21.19
C PRO B 289 21.29 26.33 -20.72
N MET B 290 21.51 27.63 -20.63
CA MET B 290 22.86 28.10 -20.28
C MET B 290 23.17 27.79 -18.84
N GLU B 291 22.27 28.15 -17.93
CA GLU B 291 22.51 27.87 -16.52
C GLU B 291 22.80 26.40 -16.24
N VAL B 292 22.15 25.52 -16.99
CA VAL B 292 22.32 24.09 -16.83
C VAL B 292 23.68 23.64 -17.35
N CYS B 293 24.06 24.13 -18.52
CA CYS B 293 25.35 23.79 -19.08
C CYS B 293 26.50 24.38 -18.24
N ARG B 294 26.34 25.63 -17.78
CA ARG B 294 27.41 26.25 -16.98
C ARG B 294 27.66 25.46 -15.71
N ARG B 295 26.58 25.00 -15.13
CA ARG B 295 26.67 24.25 -13.91
C ARG B 295 27.45 22.93 -14.04
N ALA B 296 27.26 22.25 -15.16
CA ALA B 296 28.01 21.04 -15.47
C ALA B 296 29.49 21.36 -15.72
N GLU B 297 29.72 22.40 -16.52
CA GLU B 297 31.07 22.87 -16.84
C GLU B 297 31.85 23.09 -15.56
N THR B 298 31.25 23.78 -14.59
CA THR B 298 31.91 24.04 -13.31
C THR B 298 32.36 22.75 -12.62
N GLU B 299 31.54 21.71 -12.71
CA GLU B 299 31.92 20.46 -12.08
C GLU B 299 33.15 19.88 -12.70
N TRP B 300 33.32 20.07 -14.00
CA TRP B 300 34.53 19.61 -14.67
C TRP B 300 35.73 20.41 -14.17
N ARG B 301 35.56 21.72 -14.12
CA ARG B 301 36.62 22.66 -13.79
C ARG B 301 37.15 22.44 -12.41
N GLU B 302 36.34 21.95 -11.50
CA GLU B 302 36.80 21.75 -10.13
C GLU B 302 36.99 20.29 -9.82
N GLY B 303 37.15 19.50 -10.87
CA GLY B 303 37.56 18.11 -10.71
C GLY B 303 36.63 17.17 -9.99
N ARG B 304 35.31 17.46 -9.98
CA ARG B 304 34.27 16.59 -9.36
C ARG B 304 33.51 15.74 -10.36
N ALA B 305 33.60 16.08 -11.65
CA ALA B 305 33.06 15.24 -12.72
C ALA B 305 34.07 15.12 -13.85
N PRO B 306 34.21 13.92 -14.41
CA PRO B 306 35.11 13.75 -15.54
C PRO B 306 34.56 14.36 -16.81
N LEU B 307 35.47 14.67 -17.71
CA LEU B 307 35.16 15.41 -18.93
C LEU B 307 34.22 14.65 -19.88
N ASN B 308 34.35 13.33 -19.93
CA ASN B 308 33.48 12.54 -20.80
C ASN B 308 32.04 12.70 -20.37
N ALA B 309 31.82 12.83 -19.07
CA ALA B 309 30.47 13.03 -18.55
C ALA B 309 29.97 14.43 -18.83
N VAL B 310 30.77 15.42 -18.49
CA VAL B 310 30.33 16.80 -18.56
C VAL B 310 30.16 17.22 -20.02
N GLU B 311 31.08 16.81 -20.87
CA GLU B 311 30.98 17.12 -22.28
C GLU B 311 29.81 16.38 -22.90
N GLY B 312 29.63 15.13 -22.53
CA GLY B 312 28.49 14.35 -22.99
C GLY B 312 27.16 14.99 -22.66
N PHE B 313 27.02 15.46 -21.45
CA PHE B 313 25.81 16.10 -21.01
C PHE B 313 25.56 17.37 -21.81
N ILE B 314 26.59 18.24 -21.86
CA ILE B 314 26.50 19.53 -22.56
C ILE B 314 26.12 19.39 -24.04
N ARG B 315 26.70 18.39 -24.70
CA ARG B 315 26.42 18.12 -26.11
C ARG B 315 24.94 17.85 -26.36
N GLN B 316 24.27 17.25 -25.40
CA GLN B 316 22.85 16.99 -25.60
C GLN B 316 22.01 18.28 -25.59
N ILE B 317 22.46 19.33 -24.88
CA ILE B 317 21.69 20.59 -24.77
C ILE B 317 22.21 21.66 -25.74
N LEU B 318 23.52 21.91 -25.67
CA LEU B 318 24.18 22.83 -26.56
C LEU B 318 24.10 22.34 -28.00
N GLY B 319 24.12 21.01 -28.14
CA GLY B 319 24.21 20.37 -29.45
C GLY B 319 22.87 19.96 -29.97
N TRP B 320 22.39 18.78 -29.57
CA TRP B 320 21.11 18.22 -30.12
C TRP B 320 19.87 19.09 -29.89
N ARG B 321 19.71 19.58 -28.67
CA ARG B 321 18.53 20.34 -28.36
C ARG B 321 18.46 21.55 -29.27
N GLU B 322 19.54 22.32 -29.31
CA GLU B 322 19.61 23.50 -30.19
C GLU B 322 19.45 23.11 -31.66
N TYR B 323 20.12 22.06 -32.07
CA TYR B 323 20.05 21.64 -33.46
C TYR B 323 18.64 21.20 -33.86
N VAL B 324 17.97 20.53 -32.95
CA VAL B 324 16.63 20.06 -33.23
C VAL B 324 15.69 21.25 -33.36
N ARG B 325 15.85 22.25 -32.51
CA ARG B 325 14.97 23.41 -32.61
C ARG B 325 15.17 24.07 -33.97
N GLY B 326 16.42 24.08 -34.40
CA GLY B 326 16.76 24.68 -35.66
C GLY B 326 16.10 24.01 -36.83
N ILE B 327 16.15 22.69 -36.85
CA ILE B 327 15.59 21.94 -37.96
C ILE B 327 14.10 22.16 -38.00
N TRP B 328 13.46 22.10 -36.84
CA TRP B 328 12.04 22.35 -36.76
C TRP B 328 11.66 23.66 -37.41
N THR B 329 12.40 24.70 -37.07
CA THR B 329 12.14 26.03 -37.58
C THR B 329 12.29 26.09 -39.07
N LEU B 330 13.38 25.53 -39.59
CA LEU B 330 13.58 25.54 -41.04
C LEU B 330 12.59 24.74 -41.83
N SER B 331 12.15 23.61 -41.28
CA SER B 331 11.41 22.62 -42.07
C SER B 331 9.92 22.94 -42.21
N GLY B 332 9.41 23.77 -41.33
CA GLY B 332 8.07 24.30 -41.51
C GLY B 332 6.92 23.35 -41.26
N PRO B 333 5.72 23.79 -41.60
CA PRO B 333 4.49 23.10 -41.25
C PRO B 333 4.26 21.75 -41.91
N ASP B 334 4.98 21.46 -42.99
CA ASP B 334 4.82 20.21 -43.74
C ASP B 334 5.78 19.13 -43.31
N TYR B 335 6.65 19.42 -42.35
CA TYR B 335 7.65 18.45 -41.92
C TYR B 335 7.02 17.16 -41.44
N ILE B 336 5.98 17.23 -40.63
CA ILE B 336 5.38 16.01 -40.09
C ILE B 336 4.67 15.16 -41.12
N ARG B 337 4.62 15.65 -42.35
CA ARG B 337 4.03 14.91 -43.43
C ARG B 337 5.11 14.07 -44.17
N SER B 338 6.39 14.22 -43.79
CA SER B 338 7.48 13.49 -44.42
C SER B 338 7.38 12.00 -44.29
N ASN B 339 7.73 11.30 -45.35
CA ASN B 339 7.65 9.86 -45.41
C ASN B 339 8.50 9.38 -46.53
N GLY B 340 9.79 9.71 -46.43
CA GLY B 340 10.77 9.29 -47.40
C GLY B 340 10.88 7.81 -47.67
N LEU B 341 10.62 6.96 -46.69
CA LEU B 341 10.76 5.51 -46.86
C LEU B 341 9.46 4.81 -47.29
N GLY B 342 8.36 5.57 -47.36
CA GLY B 342 7.08 5.09 -47.84
C GLY B 342 6.46 4.06 -46.90
N HIS B 343 6.65 4.24 -45.60
CA HIS B 343 6.07 3.36 -44.60
C HIS B 343 4.63 3.78 -44.28
N SER B 344 3.77 2.78 -44.06
CA SER B 344 2.34 3.07 -43.90
C SER B 344 1.59 2.23 -42.89
N ALA B 345 2.25 1.39 -42.12
CA ALA B 345 1.56 0.46 -41.24
C ALA B 345 1.01 1.20 -40.02
N ALA B 346 -0.04 0.66 -39.39
CA ALA B 346 -0.57 1.21 -38.15
C ALA B 346 0.46 1.01 -37.02
N LEU B 347 0.26 1.70 -35.89
CA LEU B 347 1.13 1.47 -34.72
C LEU B 347 0.67 0.22 -34.04
N PRO B 348 1.59 -0.71 -33.70
CA PRO B 348 1.07 -1.87 -33.02
C PRO B 348 0.48 -1.51 -31.67
N PRO B 349 -0.60 -2.20 -31.26
CA PRO B 349 -1.27 -1.92 -29.99
C PRO B 349 -0.42 -2.06 -28.73
N LEU B 350 0.68 -2.78 -28.79
CA LEU B 350 1.58 -2.83 -27.66
C LEU B 350 2.03 -1.42 -27.26
N TYR B 351 2.09 -0.50 -28.21
CA TYR B 351 2.51 0.87 -27.88
C TYR B 351 1.52 1.60 -26.96
N TRP B 352 0.25 1.23 -27.01
CA TRP B 352 -0.68 1.90 -26.11
C TRP B 352 -1.02 1.00 -24.93
N GLY B 353 -0.15 0.04 -24.62
CA GLY B 353 -0.24 -0.68 -23.35
C GLY B 353 -0.67 -2.13 -23.37
N LYS B 354 -1.06 -2.64 -24.54
CA LYS B 354 -1.41 -4.03 -24.68
C LYS B 354 -0.14 -4.85 -24.46
N PRO B 355 -0.29 -6.08 -23.94
CA PRO B 355 0.89 -6.82 -23.54
C PRO B 355 1.72 -7.33 -24.72
N THR B 356 3.03 -7.43 -24.50
CA THR B 356 3.91 -7.98 -25.50
C THR B 356 4.91 -8.88 -24.85
N ARG B 357 5.33 -9.89 -25.58
CA ARG B 357 6.32 -10.84 -25.10
C ARG B 357 7.72 -10.38 -25.36
N MET B 358 7.89 -9.28 -26.04
CA MET B 358 9.22 -8.71 -26.21
C MET B 358 9.62 -7.92 -24.96
N ALA B 359 10.52 -8.48 -24.16
CA ALA B 359 10.84 -7.87 -22.83
C ALA B 359 11.22 -6.40 -22.90
N CYS B 360 12.05 -6.04 -23.87
CA CYS B 360 12.54 -4.66 -24.00
C CYS B 360 11.40 -3.67 -24.22
N LEU B 361 10.59 -3.98 -25.23
CA LEU B 361 9.42 -3.17 -25.53
C LEU B 361 8.45 -3.05 -24.34
N SER B 362 8.17 -4.17 -23.70
CA SER B 362 7.34 -4.19 -22.53
C SER B 362 7.86 -3.23 -21.47
N ALA B 363 9.13 -3.31 -21.16
CA ALA B 363 9.72 -2.48 -20.16
C ALA B 363 9.61 -1.00 -20.52
N ALA B 364 9.83 -0.64 -21.77
CA ALA B 364 9.84 0.79 -22.19
C ALA B 364 8.40 1.38 -22.18
N VAL B 365 7.47 0.64 -22.77
CA VAL B 365 6.10 1.07 -22.76
C VAL B 365 5.58 1.11 -21.33
N ALA B 366 5.95 0.13 -20.52
CA ALA B 366 5.45 0.11 -19.12
C ALA B 366 5.88 1.37 -18.35
N GLN B 367 7.15 1.81 -18.50
CA GLN B 367 7.56 3.01 -17.77
C GLN B 367 7.02 4.28 -18.41
N THR B 368 6.78 4.24 -19.72
CA THR B 368 6.17 5.36 -20.40
C THR B 368 4.77 5.56 -19.82
N ARG B 369 4.03 4.45 -19.71
CA ARG B 369 2.71 4.48 -19.14
C ARG B 369 2.73 5.00 -17.72
N ASP B 370 3.63 4.46 -16.92
CA ASP B 370 3.58 4.73 -15.49
C ASP B 370 4.27 6.04 -15.08
N LEU B 371 5.38 6.39 -15.69
CA LEU B 371 6.10 7.58 -15.29
C LEU B 371 6.04 8.74 -16.29
N ALA B 372 5.53 8.49 -17.48
CA ALA B 372 5.54 9.49 -18.55
C ALA B 372 6.95 9.79 -19.01
N TYR B 373 7.87 8.82 -18.86
CA TYR B 373 9.25 9.03 -19.17
C TYR B 373 9.97 7.76 -19.60
N ALA B 374 10.76 7.85 -20.66
CA ALA B 374 11.71 6.83 -21.05
C ALA B 374 12.99 7.63 -21.30
N HIS B 375 14.17 7.09 -21.03
CA HIS B 375 15.38 7.84 -21.39
C HIS B 375 15.76 7.67 -22.86
N HIS B 376 16.75 8.42 -23.32
CA HIS B 376 16.93 8.59 -24.74
C HIS B 376 17.15 7.29 -25.53
N ILE B 377 17.94 6.37 -24.98
CA ILE B 377 18.32 5.19 -25.75
C ILE B 377 17.14 4.26 -25.90
N GLN B 378 16.20 4.33 -24.97
CA GLN B 378 14.92 3.63 -25.08
C GLN B 378 14.03 4.18 -26.23
N ARG B 379 13.94 5.51 -26.27
CA ARG B 379 13.19 6.16 -27.30
C ARG B 379 13.76 5.89 -28.70
N LEU B 380 15.08 5.86 -28.80
CA LEU B 380 15.76 5.72 -30.06
C LEU B 380 15.86 4.25 -30.43
N MET B 381 16.50 3.48 -29.57
CA MET B 381 16.90 2.12 -29.92
C MET B 381 15.94 1.01 -29.46
N VAL B 382 14.90 1.32 -28.70
CA VAL B 382 13.89 0.29 -28.44
C VAL B 382 12.59 0.58 -29.18
N THR B 383 11.80 1.56 -28.72
CA THR B 383 10.50 1.83 -29.33
C THR B 383 10.65 2.42 -30.72
N GLY B 384 11.56 3.37 -30.90
CA GLY B 384 11.84 3.91 -32.23
C GLY B 384 12.32 2.85 -33.21
N ASN B 385 13.38 2.17 -32.82
CA ASN B 385 14.01 1.17 -33.65
C ASN B 385 12.96 0.19 -34.17
N PHE B 386 12.14 -0.32 -33.25
CA PHE B 386 11.12 -1.29 -33.60
C PHE B 386 10.06 -0.76 -34.57
N ALA B 387 9.53 0.43 -34.32
CA ALA B 387 8.59 1.04 -35.23
C ALA B 387 9.13 1.16 -36.68
N LEU B 388 10.38 1.58 -36.81
CA LEU B 388 10.98 1.80 -38.10
C LEU B 388 11.14 0.46 -38.77
N LEU B 389 11.70 -0.50 -38.04
CA LEU B 389 11.86 -1.85 -38.59
C LEU B 389 10.53 -2.44 -39.02
N ALA B 390 9.46 -2.13 -38.31
CA ALA B 390 8.15 -2.72 -38.52
C ALA B 390 7.38 -1.98 -39.59
N GLY B 391 7.95 -0.90 -40.13
CA GLY B 391 7.36 -0.19 -41.24
C GLY B 391 6.14 0.64 -40.88
N VAL B 392 6.11 1.18 -39.66
CA VAL B 392 4.98 1.98 -39.23
C VAL B 392 5.04 3.31 -39.91
N ASP B 393 3.88 3.82 -40.31
CA ASP B 393 3.77 5.17 -40.85
C ASP B 393 4.41 6.15 -39.88
N PRO B 394 5.27 7.03 -40.37
CA PRO B 394 5.84 7.91 -39.40
C PRO B 394 4.85 8.90 -38.78
N ALA B 395 3.73 9.17 -39.46
CA ALA B 395 2.66 10.01 -38.86
C ALA B 395 2.20 9.34 -37.55
N GLU B 396 2.19 8.02 -37.52
CA GLU B 396 1.71 7.29 -36.38
C GLU B 396 2.77 7.23 -35.29
N VAL B 397 4.02 7.09 -35.65
CA VAL B 397 5.02 7.11 -34.63
C VAL B 397 5.00 8.52 -34.00
N HIS B 398 4.76 9.54 -34.83
CA HIS B 398 4.74 10.91 -34.39
C HIS B 398 3.65 11.21 -33.40
N GLU B 399 2.44 10.76 -33.66
CA GLU B 399 1.34 10.95 -32.73
C GLU B 399 1.66 10.35 -31.33
N TRP B 400 2.39 9.25 -31.31
CA TRP B 400 2.65 8.58 -30.04
C TRP B 400 3.67 9.34 -29.20
N TYR B 401 4.84 9.60 -29.79
CA TYR B 401 5.87 10.32 -29.06
C TYR B 401 5.35 11.70 -28.63
N LEU B 402 4.56 12.35 -29.47
CA LEU B 402 4.09 13.66 -29.10
C LEU B 402 3.05 13.52 -27.99
N SER B 403 2.42 12.36 -27.89
CA SER B 403 1.45 12.18 -26.82
C SER B 403 2.03 11.74 -25.49
N VAL B 404 2.92 10.77 -25.49
CA VAL B 404 3.11 9.96 -24.29
C VAL B 404 4.14 10.46 -23.31
N TYR B 405 5.03 11.36 -23.73
CA TYR B 405 6.19 11.74 -22.90
C TYR B 405 6.02 13.11 -22.28
N ILE B 406 6.42 13.20 -21.02
CA ILE B 406 6.22 14.36 -20.18
C ILE B 406 6.79 15.64 -20.79
N ASP B 407 7.84 15.47 -21.59
CA ASP B 407 8.55 16.57 -22.18
C ASP B 407 8.23 16.79 -23.65
N ALA B 408 7.12 16.21 -24.16
CA ALA B 408 6.85 16.29 -25.61
C ALA B 408 6.05 17.54 -26.00
N LEU B 409 6.68 18.36 -26.85
CA LEU B 409 6.05 19.46 -27.60
C LEU B 409 6.57 19.36 -29.01
N GLU B 410 5.81 19.79 -30.00
CA GLU B 410 6.20 19.60 -31.41
C GLU B 410 7.63 19.95 -31.73
N TRP B 411 8.09 21.09 -31.26
CA TRP B 411 9.33 21.57 -31.77
C TRP B 411 10.47 20.61 -31.48
N VAL B 412 10.41 19.94 -30.34
CA VAL B 412 11.48 19.06 -29.91
C VAL B 412 11.20 17.59 -30.24
N GLU B 413 9.96 17.19 -30.21
CA GLU B 413 9.64 15.80 -30.52
C GLU B 413 9.76 15.46 -32.03
N ALA B 414 9.38 16.41 -32.88
CA ALA B 414 9.17 16.11 -34.29
C ALA B 414 10.47 15.77 -34.99
N PRO B 415 11.52 16.52 -34.73
CA PRO B 415 12.73 16.20 -35.44
C PRO B 415 13.37 14.92 -34.96
N ASN B 416 13.30 14.70 -33.65
CA ASN B 416 13.76 13.44 -33.08
C ASN B 416 12.98 12.26 -33.64
N THR B 417 11.70 12.40 -33.92
CA THR B 417 10.89 11.24 -34.25
C THR B 417 10.86 10.98 -35.75
N ILE B 418 10.45 11.98 -36.50
CA ILE B 418 10.37 11.90 -37.93
C ILE B 418 11.76 11.72 -38.51
N GLY B 419 12.74 12.48 -37.96
CA GLY B 419 14.11 12.53 -38.47
C GLY B 419 15.06 11.52 -37.88
N MET B 420 15.55 11.76 -36.67
CA MET B 420 16.53 10.89 -36.02
C MET B 420 16.06 9.45 -36.01
N SER B 421 14.85 9.23 -35.48
CA SER B 421 14.35 7.88 -35.33
C SER B 421 13.81 7.22 -36.59
N GLN B 422 12.93 7.85 -37.34
CA GLN B 422 12.21 7.14 -38.39
C GLN B 422 12.77 7.34 -39.79
N PHE B 423 13.84 8.13 -39.89
CA PHE B 423 14.57 8.30 -41.11
C PHE B 423 13.65 8.65 -42.28
N ALA B 424 12.75 9.58 -42.02
CA ALA B 424 11.62 9.86 -42.90
C ALA B 424 11.81 11.15 -43.69
N ASP B 425 12.92 11.83 -43.41
CA ASP B 425 13.24 13.13 -43.98
C ASP B 425 14.46 13.01 -44.88
N HIS B 426 15.15 14.12 -45.13
CA HIS B 426 16.33 14.05 -46.02
C HIS B 426 17.65 13.83 -45.22
N GLY B 427 17.58 13.28 -44.02
CA GLY B 427 18.79 12.82 -43.34
C GLY B 427 19.52 13.90 -42.57
N LEU B 428 18.78 14.95 -42.22
CA LEU B 428 19.36 16.08 -41.53
C LEU B 428 19.86 15.70 -40.09
N LEU B 429 19.31 14.67 -39.46
CA LEU B 429 19.74 14.27 -38.11
C LEU B 429 20.56 12.93 -38.01
N GLY B 430 21.13 12.49 -39.12
CA GLY B 430 21.91 11.26 -39.13
C GLY B 430 21.90 10.80 -40.56
N SER B 431 23.04 10.31 -41.03
CA SER B 431 23.16 9.82 -42.41
C SER B 431 22.85 8.31 -42.52
N LYS B 432 22.90 7.63 -41.36
CA LYS B 432 22.57 6.19 -41.20
C LYS B 432 21.38 6.07 -40.27
N PRO B 433 20.45 5.18 -40.59
CA PRO B 433 19.30 5.02 -39.70
C PRO B 433 19.71 4.37 -38.41
N TYR B 434 19.00 4.70 -37.34
CA TYR B 434 19.20 4.08 -36.05
C TYR B 434 18.36 2.81 -35.96
N VAL B 435 18.87 1.73 -36.53
CA VAL B 435 18.19 0.45 -36.46
C VAL B 435 19.18 -0.56 -35.98
N SER B 436 18.70 -1.67 -35.47
CA SER B 436 19.60 -2.70 -35.02
C SER B 436 18.90 -4.03 -34.96
N SER B 437 19.68 -5.11 -34.96
CA SER B 437 19.19 -6.41 -34.61
C SER B 437 19.10 -6.42 -33.09
N GLY B 438 18.72 -7.53 -32.51
CA GLY B 438 18.69 -7.65 -31.07
C GLY B 438 20.04 -7.68 -30.37
N ALA B 439 21.11 -8.04 -31.10
CA ALA B 439 22.46 -8.08 -30.53
C ALA B 439 22.75 -6.78 -29.77
N TYR B 440 22.32 -5.65 -30.30
CA TYR B 440 22.62 -4.36 -29.71
C TYR B 440 21.91 -4.18 -28.38
N ILE B 441 20.64 -4.61 -28.30
CA ILE B 441 19.82 -4.43 -27.08
C ILE B 441 20.34 -5.34 -25.97
N ASP B 442 20.73 -6.56 -26.34
CA ASP B 442 21.44 -7.52 -25.49
C ASP B 442 22.77 -6.94 -24.94
N ARG B 443 23.56 -6.32 -25.79
CA ARG B 443 24.83 -5.76 -25.32
C ARG B 443 24.60 -4.72 -24.24
N MET B 444 23.55 -3.90 -24.40
CA MET B 444 23.39 -2.68 -23.62
C MET B 444 22.42 -2.81 -22.46
N SER B 445 21.63 -3.87 -22.44
CA SER B 445 20.62 -4.05 -21.44
C SER B 445 20.79 -5.39 -20.76
N ASP B 446 19.97 -5.63 -19.73
CA ASP B 446 19.77 -6.96 -19.14
C ASP B 446 18.37 -7.52 -19.44
N TYR B 447 17.72 -7.05 -20.49
CA TYR B 447 16.36 -7.53 -20.83
C TYR B 447 16.30 -8.97 -21.33
N CYS B 448 17.21 -9.32 -22.22
CA CYS B 448 17.12 -10.55 -22.98
C CYS B 448 17.14 -11.85 -22.18
N ARG B 449 17.84 -11.87 -21.07
CA ARG B 449 17.93 -13.05 -20.24
C ARG B 449 16.53 -13.52 -19.86
N GLY B 450 15.70 -12.61 -19.37
CA GLY B 450 14.30 -12.93 -19.04
C GLY B 450 13.23 -12.99 -20.15
N CYS B 451 13.61 -12.98 -21.43
CA CYS B 451 12.64 -12.77 -22.49
C CYS B 451 12.11 -14.06 -23.11
N ALA B 452 10.85 -14.05 -23.49
CA ALA B 452 10.27 -15.13 -24.28
C ALA B 452 11.10 -15.46 -25.54
N TYR B 453 11.68 -14.45 -26.18
CA TYR B 453 12.44 -14.69 -27.39
C TYR B 453 13.90 -14.98 -27.01
N ALA B 454 14.61 -15.55 -27.97
CA ALA B 454 16.02 -15.92 -27.83
C ALA B 454 16.84 -15.01 -28.72
N VAL B 455 17.57 -14.09 -28.11
CA VAL B 455 18.31 -13.07 -28.83
C VAL B 455 19.41 -13.65 -29.68
N LYS B 456 19.85 -14.86 -29.37
CA LYS B 456 20.91 -15.52 -30.17
C LYS B 456 20.38 -16.35 -31.34
N ASP B 457 19.08 -16.56 -31.44
CA ASP B 457 18.46 -17.23 -32.58
C ASP B 457 18.23 -16.28 -33.74
N ARG B 458 18.76 -16.58 -34.92
CA ARG B 458 18.64 -15.69 -36.07
C ARG B 458 17.38 -16.01 -36.88
N THR B 459 16.91 -17.25 -36.72
CA THR B 459 15.66 -17.77 -37.26
C THR B 459 15.10 -18.77 -36.25
N GLY B 460 13.85 -19.19 -36.46
CA GLY B 460 13.20 -20.18 -35.63
C GLY B 460 12.08 -19.54 -34.87
N PRO B 461 11.26 -20.34 -34.20
CA PRO B 461 10.11 -19.82 -33.47
C PRO B 461 10.43 -18.86 -32.35
N ARG B 462 11.64 -18.90 -31.77
CA ARG B 462 12.05 -17.98 -30.69
C ARG B 462 12.94 -16.83 -31.18
N ALA B 463 13.15 -16.75 -32.50
CA ALA B 463 14.02 -15.73 -33.07
C ALA B 463 13.54 -14.33 -32.61
N CYS B 464 14.44 -13.58 -32.01
CA CYS B 464 14.17 -12.22 -31.58
C CYS B 464 13.60 -11.48 -32.75
N PRO B 465 12.49 -10.77 -32.56
CA PRO B 465 11.97 -10.10 -33.76
C PRO B 465 12.89 -9.01 -34.33
N PHE B 466 13.76 -8.42 -33.51
CA PHE B 466 14.67 -7.45 -34.04
C PHE B 466 15.63 -8.15 -34.99
N ASN B 467 16.01 -9.39 -34.66
CA ASN B 467 16.89 -10.11 -35.57
C ASN B 467 16.28 -10.34 -36.95
N LEU B 468 14.98 -10.58 -37.01
CA LEU B 468 14.31 -10.82 -38.27
C LEU B 468 14.13 -9.52 -39.05
N LEU B 469 13.54 -8.54 -38.36
CA LEU B 469 13.10 -7.32 -39.01
C LEU B 469 14.28 -6.47 -39.47
N TYR B 470 15.36 -6.49 -38.72
CA TYR B 470 16.53 -5.75 -39.12
C TYR B 470 16.94 -6.06 -40.56
N TRP B 471 17.08 -7.32 -40.90
CA TRP B 471 17.49 -7.66 -42.26
C TRP B 471 16.34 -7.47 -43.26
N HIS B 472 15.13 -7.75 -42.85
CA HIS B 472 13.98 -7.42 -43.70
C HIS B 472 13.98 -5.97 -44.17
N PHE B 473 14.25 -5.09 -43.22
CA PHE B 473 14.27 -3.66 -43.46
C PHE B 473 15.40 -3.33 -44.42
N LEU B 474 16.59 -3.83 -44.15
CA LEU B 474 17.70 -3.54 -45.04
C LEU B 474 17.41 -4.07 -46.43
N ASN B 475 16.78 -5.23 -46.50
CA ASN B 475 16.44 -5.80 -47.79
C ASN B 475 15.41 -5.00 -48.58
N ARG B 476 14.35 -4.53 -47.94
CA ARG B 476 13.33 -3.84 -48.69
C ARG B 476 13.75 -2.46 -49.13
N HIS B 477 14.74 -1.90 -48.46
CA HIS B 477 15.24 -0.59 -48.83
C HIS B 477 16.64 -0.60 -49.44
N ARG B 478 17.00 -1.72 -50.05
CA ARG B 478 18.35 -1.89 -50.62
C ARG B 478 18.68 -0.91 -51.75
N ALA B 479 17.85 -0.82 -52.77
CA ALA B 479 18.04 0.15 -53.83
C ALA B 479 18.47 1.50 -53.25
N ARG B 480 17.87 1.95 -52.16
CA ARG B 480 18.22 3.24 -51.61
C ARG B 480 19.47 3.21 -50.75
N PHE B 481 19.58 2.25 -49.85
CA PHE B 481 20.62 2.26 -48.83
C PHE B 481 21.95 1.73 -49.27
N GLU B 482 21.96 1.06 -50.42
CA GLU B 482 23.13 0.41 -51.01
C GLU B 482 24.11 1.46 -51.50
N ARG B 483 23.54 2.55 -52.02
CA ARG B 483 24.29 3.70 -52.52
C ARG B 483 24.69 4.67 -51.40
N ASN B 484 24.63 4.23 -50.14
CA ASN B 484 24.92 5.05 -48.95
C ASN B 484 26.22 4.53 -48.31
N PRO B 485 27.32 5.29 -48.41
CA PRO B 485 28.60 4.70 -47.99
C PRO B 485 28.72 4.31 -46.50
N ARG B 486 27.86 4.80 -45.63
CA ARG B 486 27.90 4.37 -44.23
C ARG B 486 27.19 3.01 -43.99
N MET B 487 26.53 2.48 -45.03
CA MET B 487 25.73 1.23 -44.96
C MET B 487 26.29 0.02 -45.73
N VAL B 488 27.32 0.27 -46.55
CA VAL B 488 27.83 -0.71 -47.51
C VAL B 488 28.20 -2.02 -46.82
N GLN B 489 28.71 -1.94 -45.62
CA GLN B 489 29.31 -3.06 -44.95
C GLN B 489 28.24 -4.01 -44.46
N MET B 490 27.07 -3.47 -44.11
CA MET B 490 25.96 -4.28 -43.65
C MET B 490 25.43 -5.15 -44.80
N TYR B 491 25.43 -4.66 -46.02
CA TYR B 491 25.03 -5.49 -47.15
C TYR B 491 26.12 -6.49 -47.57
N ARG B 492 27.37 -6.25 -47.18
CA ARG B 492 28.46 -7.22 -47.43
C ARG B 492 28.29 -8.47 -46.56
N THR B 493 27.97 -8.29 -45.28
CA THR B 493 27.63 -9.41 -44.37
C THR B 493 26.45 -10.26 -44.88
N TRP B 494 25.41 -9.59 -45.34
CA TRP B 494 24.20 -10.23 -45.86
C TRP B 494 24.53 -11.09 -47.06
N ASP B 495 25.16 -10.50 -48.06
CA ASP B 495 25.49 -11.24 -49.29
C ASP B 495 26.37 -12.48 -49.05
N ARG B 496 27.11 -12.51 -47.94
CA ARG B 496 28.01 -13.61 -47.63
C ARG B 496 27.32 -14.74 -46.83
N MET B 497 26.00 -14.71 -46.76
CA MET B 497 25.22 -15.76 -46.11
C MET B 497 24.61 -16.62 -47.20
N GLU B 498 24.22 -17.85 -46.87
CA GLU B 498 23.68 -18.75 -47.89
C GLU B 498 22.30 -18.34 -48.34
N GLU B 499 22.03 -18.47 -49.64
CA GLU B 499 20.73 -18.09 -50.20
C GLU B 499 19.57 -18.63 -49.34
N THR B 500 19.67 -19.87 -48.85
CA THR B 500 18.56 -20.51 -48.12
C THR B 500 18.32 -19.90 -46.76
N HIS B 501 19.39 -19.48 -46.09
CA HIS B 501 19.26 -18.81 -44.81
C HIS B 501 18.65 -17.41 -44.96
N ARG B 502 19.13 -16.67 -45.93
CA ARG B 502 18.55 -15.41 -46.31
C ARG B 502 17.06 -15.52 -46.60
N ALA B 503 16.67 -16.53 -47.37
CA ALA B 503 15.26 -16.73 -47.72
C ALA B 503 14.45 -16.97 -46.45
N ARG B 504 15.05 -17.70 -45.51
CA ARG B 504 14.36 -18.09 -44.30
C ARG B 504 14.13 -16.90 -43.40
N VAL B 505 15.12 -16.03 -43.30
CA VAL B 505 15.02 -14.87 -42.44
C VAL B 505 13.89 -13.98 -42.95
N LEU B 506 13.92 -13.69 -44.25
CA LEU B 506 12.91 -12.89 -44.86
C LEU B 506 11.52 -13.55 -44.76
N THR B 507 11.41 -14.86 -44.98
CA THR B 507 10.09 -15.51 -44.92
C THR B 507 9.57 -15.33 -43.53
N GLU B 508 10.42 -15.60 -42.56
CA GLU B 508 10.05 -15.51 -41.16
C GLU B 508 9.75 -14.07 -40.70
N ALA B 509 10.55 -13.10 -41.16
CA ALA B 509 10.24 -11.68 -40.94
C ALA B 509 8.83 -11.32 -41.44
N GLU B 510 8.48 -11.77 -42.63
CA GLU B 510 7.20 -11.45 -43.24
C GLU B 510 6.07 -12.01 -42.44
N ALA B 511 6.26 -13.22 -41.91
CA ALA B 511 5.24 -13.89 -41.09
C ALA B 511 5.01 -13.14 -39.77
N PHE B 512 6.06 -12.61 -39.18
CA PHE B 512 5.99 -11.92 -37.93
C PHE B 512 5.23 -10.62 -38.13
N LEU B 513 5.60 -9.94 -39.20
CA LEU B 513 4.95 -8.72 -39.57
C LEU B 513 3.44 -8.92 -39.75
N GLY B 514 3.05 -10.06 -40.32
CA GLY B 514 1.65 -10.40 -40.48
C GLY B 514 0.96 -10.50 -39.14
N ARG B 515 1.64 -11.09 -38.18
CA ARG B 515 1.12 -11.20 -36.85
C ARG B 515 1.11 -9.85 -36.14
N LEU B 516 2.22 -9.14 -36.17
CA LEU B 516 2.29 -7.82 -35.58
C LEU B 516 1.14 -6.95 -36.01
N HIS B 517 0.96 -6.82 -37.32
CA HIS B 517 0.07 -5.78 -37.83
C HIS B 517 -1.38 -6.21 -37.83
N ALA B 518 -1.62 -7.50 -37.54
CA ALA B 518 -2.97 -7.99 -37.32
C ALA B 518 -3.38 -7.82 -35.84
N GLY B 519 -2.47 -7.33 -35.02
CA GLY B 519 -2.77 -7.04 -33.65
C GLY B 519 -2.57 -8.19 -32.69
N GLU B 520 -1.87 -9.23 -33.14
CA GLU B 520 -1.64 -10.41 -32.33
C GLU B 520 -0.68 -10.05 -31.25
N PRO B 521 -0.74 -10.75 -30.11
CA PRO B 521 0.06 -10.37 -28.96
C PRO B 521 1.47 -10.93 -29.03
N VAL B 522 2.16 -10.61 -30.09
CA VAL B 522 3.56 -10.87 -30.17
C VAL B 522 4.33 -9.94 -29.20
N LEU C 15 -16.24 24.06 6.26
CA LEU C 15 -16.51 22.60 5.94
C LEU C 15 -15.23 21.75 6.12
N THR C 16 -14.22 21.90 5.24
CA THR C 16 -12.97 21.10 5.33
C THR C 16 -12.31 21.23 6.74
N ARG C 17 -11.72 20.11 7.21
CA ARG C 17 -11.09 20.05 8.52
C ARG C 17 -9.66 19.53 8.43
N LEU C 18 -8.79 19.96 9.33
CA LEU C 18 -7.43 19.45 9.42
C LEU C 18 -7.42 18.19 10.28
N ILE C 19 -6.88 17.10 9.74
CA ILE C 19 -6.69 15.86 10.48
C ILE C 19 -5.21 15.75 10.77
N LEU C 20 -4.83 15.94 12.01
CA LEU C 20 -3.43 15.85 12.40
C LEU C 20 -3.05 14.41 12.59
N VAL C 21 -1.88 14.05 12.05
CA VAL C 21 -1.21 12.76 12.36
C VAL C 21 0.23 13.00 12.80
N LEU C 22 0.54 12.64 14.04
CA LEU C 22 1.86 12.87 14.61
C LEU C 22 2.76 11.68 14.34
N GLY C 23 4.03 11.85 14.62
CA GLY C 23 5.03 10.84 14.33
C GLY C 23 4.89 9.53 15.11
N ASP C 24 4.13 9.54 16.19
CA ASP C 24 3.89 8.26 16.87
C ASP C 24 2.49 7.77 16.61
N GLN C 25 1.88 8.22 15.52
CA GLN C 25 0.50 7.86 15.26
C GLN C 25 0.39 7.20 13.89
N LEU C 26 1.40 6.38 13.57
CA LEU C 26 1.45 5.79 12.23
C LEU C 26 0.65 4.46 12.18
N SER C 27 -0.66 4.54 12.45
CA SER C 27 -1.53 3.37 12.36
C SER C 27 -2.68 3.64 11.38
N ASP C 28 -3.04 2.66 10.58
CA ASP C 28 -4.13 2.87 9.61
C ASP C 28 -5.50 3.20 10.23
N ASP C 29 -5.80 2.63 11.38
CA ASP C 29 -7.07 2.96 12.05
C ASP C 29 -6.92 3.91 13.22
N LEU C 30 -5.97 4.83 13.10
CA LEU C 30 -5.85 5.90 14.05
C LEU C 30 -7.21 6.60 14.14
N PRO C 31 -7.68 6.90 15.36
CA PRO C 31 -9.02 7.51 15.54
C PRO C 31 -9.25 8.77 14.71
N ALA C 32 -8.25 9.65 14.66
CA ALA C 32 -8.40 10.87 13.85
C ALA C 32 -8.69 10.51 12.40
N LEU C 33 -8.01 9.49 11.89
CA LEU C 33 -8.12 9.10 10.48
C LEU C 33 -9.47 8.51 10.26
N ARG C 34 -9.92 7.70 11.19
CA ARG C 34 -11.30 7.21 11.21
C ARG C 34 -12.40 8.26 11.17
N ALA C 35 -12.18 9.39 11.84
CA ALA C 35 -13.17 10.45 11.92
C ALA C 35 -13.18 11.25 10.63
N ALA C 36 -12.13 11.09 9.83
CA ALA C 36 -11.88 11.97 8.70
C ALA C 36 -12.74 11.55 7.53
N ASP C 37 -13.19 12.53 6.74
CA ASP C 37 -13.76 12.26 5.42
C ASP C 37 -12.67 12.53 4.41
N PRO C 38 -12.21 11.49 3.67
CA PRO C 38 -11.07 11.62 2.77
C PRO C 38 -11.29 12.55 1.60
N ALA C 39 -12.52 12.67 1.15
CA ALA C 39 -12.83 13.59 0.07
C ALA C 39 -12.84 15.03 0.60
N ALA C 40 -13.28 15.26 1.82
CA ALA C 40 -13.47 16.64 2.30
C ALA C 40 -12.30 17.19 3.12
N ASP C 41 -11.65 16.35 3.90
CA ASP C 41 -10.67 16.80 4.91
C ASP C 41 -9.19 16.67 4.44
N LEU C 42 -8.30 17.35 5.15
CA LEU C 42 -6.87 17.41 4.79
C LEU C 42 -6.03 16.84 5.92
N VAL C 43 -5.28 15.78 5.63
CA VAL C 43 -4.39 15.25 6.66
C VAL C 43 -3.14 16.11 6.72
N VAL C 44 -2.72 16.40 7.94
CA VAL C 44 -1.58 17.27 8.19
C VAL C 44 -0.47 16.53 8.93
N MET C 45 0.73 16.52 8.38
CA MET C 45 1.89 15.91 9.05
C MET C 45 3.08 16.86 8.94
N ALA C 46 3.80 17.07 10.05
CA ALA C 46 4.92 18.01 10.04
C ALA C 46 6.10 17.47 10.81
N GLU C 47 7.26 17.57 10.16
CA GLU C 47 8.57 17.30 10.72
C GLU C 47 9.07 18.68 11.16
N VAL C 48 9.22 18.91 12.46
CA VAL C 48 9.53 20.25 12.99
C VAL C 48 10.60 20.26 14.07
N MET C 49 11.30 21.38 14.21
CA MET C 49 12.44 21.43 15.12
C MET C 49 12.05 21.42 16.59
N GLU C 50 10.83 21.82 16.91
CA GLU C 50 10.38 21.79 18.31
C GLU C 50 10.27 20.35 18.79
N GLU C 51 9.66 19.47 17.99
CA GLU C 51 9.57 18.05 18.33
C GLU C 51 10.94 17.38 18.22
N GLY C 52 11.75 17.91 17.34
CA GLY C 52 13.08 17.37 17.17
C GLY C 52 14.00 17.76 18.26
N THR C 53 13.67 18.76 19.09
CA THR C 53 14.63 19.23 20.10
C THR C 53 14.12 19.49 21.51
N TYR C 54 12.88 19.15 21.84
CA TYR C 54 12.36 19.51 23.20
C TYR C 54 13.17 18.76 24.27
N VAL C 55 13.74 17.63 23.81
CA VAL C 55 14.86 16.97 24.45
C VAL C 55 15.80 16.56 23.34
N PRO C 56 17.08 16.42 23.66
CA PRO C 56 17.97 16.21 22.54
C PRO C 56 17.94 14.77 22.09
N HIS C 57 16.96 14.39 21.29
CA HIS C 57 16.77 12.97 20.96
C HIS C 57 17.99 12.36 20.31
N HIS C 58 18.18 11.09 20.59
CA HIS C 58 19.15 10.25 19.89
C HIS C 58 18.87 10.37 18.41
N PRO C 59 19.89 10.67 17.60
CA PRO C 59 19.73 10.77 16.19
C PRO C 59 18.98 9.60 15.56
N GLN C 60 19.22 8.40 16.05
CA GLN C 60 18.55 7.23 15.49
C GLN C 60 17.06 7.35 15.69
N LYS C 61 16.62 7.91 16.82
CA LYS C 61 15.20 8.07 17.06
C LYS C 61 14.60 9.12 16.15
N ILE C 62 15.32 10.23 15.94
CA ILE C 62 14.83 11.26 15.05
C ILE C 62 14.68 10.64 13.66
N ALA C 63 15.72 9.96 13.24
CA ALA C 63 15.79 9.40 11.91
C ALA C 63 14.62 8.42 11.74
N LEU C 64 14.37 7.60 12.76
CA LEU C 64 13.28 6.62 12.73
C LEU C 64 11.95 7.28 12.52
N ILE C 65 11.67 8.34 13.29
CA ILE C 65 10.38 8.94 13.27
C ILE C 65 10.14 9.61 11.95
N LEU C 66 11.14 10.33 11.48
CA LEU C 66 10.97 11.06 10.25
C LEU C 66 10.81 10.06 9.10
N ALA C 67 11.62 9.02 9.06
CA ALA C 67 11.54 8.00 7.97
C ALA C 67 10.15 7.34 7.93
N ALA C 68 9.70 6.97 9.12
CA ALA C 68 8.44 6.29 9.28
C ALA C 68 7.33 7.20 8.89
N MET C 69 7.50 8.47 9.18
CA MET C 69 6.47 9.44 8.87
C MET C 69 6.28 9.55 7.39
N ARG C 70 7.39 9.62 6.67
CA ARG C 70 7.34 9.78 5.21
C ARG C 70 6.72 8.58 4.56
N LYS C 71 7.15 7.41 4.99
CA LYS C 71 6.59 6.20 4.47
C LYS C 71 5.11 6.14 4.73
N PHE C 72 4.69 6.64 5.88
CA PHE C 72 3.30 6.52 6.27
C PHE C 72 2.48 7.49 5.46
N ALA C 73 3.06 8.65 5.16
CA ALA C 73 2.36 9.65 4.38
C ALA C 73 2.06 9.07 3.03
N ARG C 74 3.03 8.42 2.40
CA ARG C 74 2.77 7.78 1.10
C ARG C 74 1.67 6.72 1.18
N ARG C 75 1.65 5.98 2.27
CA ARG C 75 0.62 4.98 2.48
C ARG C 75 -0.79 5.58 2.60
N LEU C 76 -0.91 6.70 3.28
CA LEU C 76 -2.19 7.41 3.32
C LEU C 76 -2.65 7.87 1.93
N GLN C 77 -1.72 8.30 1.09
CA GLN C 77 -2.03 8.71 -0.27
C GLN C 77 -2.55 7.54 -1.10
N GLU C 78 -1.90 6.38 -0.97
CA GLU C 78 -2.38 5.14 -1.60
C GLU C 78 -3.82 4.72 -1.19
N ARG C 79 -4.22 5.13 0.02
CA ARG C 79 -5.57 4.95 0.52
C ARG C 79 -6.57 6.06 0.11
N GLY C 80 -6.09 7.09 -0.57
CA GLY C 80 -6.97 8.13 -1.07
C GLY C 80 -7.09 9.32 -0.15
N PHE C 81 -6.20 9.47 0.83
CA PHE C 81 -6.21 10.67 1.63
C PHE C 81 -5.42 11.77 0.93
N ARG C 82 -5.87 13.01 1.10
CA ARG C 82 -5.16 14.19 0.61
C ARG C 82 -4.24 14.56 1.80
N VAL C 83 -2.92 14.59 1.57
CA VAL C 83 -1.96 14.80 2.65
C VAL C 83 -1.10 16.04 2.42
N ALA C 84 -1.05 16.91 3.45
CA ALA C 84 -0.23 18.11 3.48
C ALA C 84 1.00 17.81 4.31
N TYR C 85 2.12 17.50 3.67
CA TYR C 85 3.33 17.11 4.40
C TYR C 85 4.37 18.26 4.50
N SER C 86 4.73 18.65 5.71
CA SER C 86 5.77 19.62 5.92
C SER C 86 7.11 18.97 6.24
N ARG C 87 8.04 18.98 5.29
CA ARG C 87 9.38 18.40 5.47
C ARG C 87 10.28 19.25 6.36
N LEU C 88 11.14 18.60 7.13
CA LEU C 88 11.98 19.32 8.07
C LEU C 88 13.00 20.12 7.29
N ASP C 89 13.35 19.64 6.11
CA ASP C 89 14.30 20.31 5.22
C ASP C 89 13.67 21.24 4.17
N ASP C 90 12.39 21.58 4.31
CA ASP C 90 11.76 22.63 3.51
C ASP C 90 11.81 23.91 4.34
N PRO C 91 12.36 24.98 3.80
CA PRO C 91 12.51 26.18 4.63
C PRO C 91 11.20 26.89 4.91
N ASP C 92 10.18 26.51 4.14
CA ASP C 92 8.84 26.97 4.41
C ASP C 92 8.27 26.40 5.72
N THR C 93 8.77 25.26 6.19
CA THR C 93 8.21 24.65 7.38
C THR C 93 8.44 25.51 8.64
N GLY C 94 7.39 25.69 9.43
CA GLY C 94 7.48 26.45 10.65
C GLY C 94 8.08 25.64 11.77
N PRO C 95 8.16 26.22 12.98
CA PRO C 95 8.98 25.63 13.99
C PRO C 95 8.24 24.61 14.85
N SER C 96 6.94 24.49 14.66
CA SER C 96 6.15 23.67 15.56
C SER C 96 4.91 23.07 14.93
N ILE C 97 4.37 22.05 15.55
CA ILE C 97 3.14 21.46 15.01
C ILE C 97 2.05 22.54 14.85
N GLY C 98 1.90 23.33 15.91
CA GLY C 98 0.93 24.41 15.92
C GLY C 98 1.12 25.35 14.77
N ALA C 99 2.37 25.76 14.52
CA ALA C 99 2.61 26.67 13.41
C ALA C 99 2.14 26.05 12.11
N GLU C 100 2.37 24.75 11.94
CA GLU C 100 1.97 24.11 10.70
C GLU C 100 0.47 23.91 10.57
N LEU C 101 -0.22 23.70 11.67
CA LEU C 101 -1.67 23.65 11.62
C LEU C 101 -2.24 25.02 11.27
N LEU C 102 -1.73 26.09 11.85
CA LEU C 102 -2.25 27.41 11.56
C LEU C 102 -2.06 27.77 10.08
N ARG C 103 -0.96 27.31 9.52
CA ARG C 103 -0.62 27.59 8.14
C ARG C 103 -1.60 26.91 7.23
N ARG C 104 -2.03 25.71 7.57
CA ARG C 104 -2.93 24.95 6.69
C ARG C 104 -4.38 25.34 6.90
N ALA C 105 -4.70 25.79 8.11
CA ALA C 105 -5.99 26.48 8.33
C ALA C 105 -6.04 27.75 7.45
N ALA C 106 -5.01 28.59 7.47
CA ALA C 106 -5.04 29.79 6.62
C ALA C 106 -5.20 29.38 5.13
N GLU C 107 -4.49 28.36 4.66
CA GLU C 107 -4.47 27.99 3.23
C GLU C 107 -5.79 27.40 2.74
N THR C 108 -6.48 26.78 3.67
CA THR C 108 -7.59 25.88 3.43
C THR C 108 -8.95 26.49 3.84
N GLY C 109 -8.94 27.31 4.89
CA GLY C 109 -10.17 27.84 5.47
C GLY C 109 -10.73 26.96 6.56
N ALA C 110 -9.97 25.96 7.01
CA ALA C 110 -10.43 25.08 8.08
C ALA C 110 -10.66 25.93 9.31
N ARG C 111 -11.66 25.57 10.12
CA ARG C 111 -11.94 26.29 11.35
C ARG C 111 -11.73 25.38 12.58
N GLU C 112 -11.17 24.19 12.33
CA GLU C 112 -11.08 23.13 13.32
C GLU C 112 -10.04 22.10 12.87
N ALA C 113 -9.24 21.61 13.81
CA ALA C 113 -8.34 20.49 13.58
C ALA C 113 -8.85 19.33 14.43
N VAL C 114 -8.76 18.10 13.91
CA VAL C 114 -9.02 16.86 14.68
C VAL C 114 -7.71 16.11 15.01
N ALA C 115 -7.57 15.63 16.24
CA ALA C 115 -6.30 15.07 16.70
C ALA C 115 -6.50 13.91 17.63
N THR C 116 -5.91 12.79 17.32
CA THR C 116 -5.81 11.72 18.30
C THR C 116 -4.89 12.27 19.40
N ARG C 117 -5.30 12.16 20.64
CA ARG C 117 -4.56 12.83 21.72
C ARG C 117 -3.16 12.24 21.93
N PRO C 118 -2.12 13.07 21.89
CA PRO C 118 -0.75 12.58 21.99
C PRO C 118 -0.36 12.08 23.36
N GLY C 119 0.82 11.50 23.46
CA GLY C 119 1.26 11.00 24.74
C GLY C 119 2.35 11.88 25.28
N ASP C 120 2.16 13.18 25.17
CA ASP C 120 3.13 14.11 25.72
C ASP C 120 2.34 15.33 26.15
N TRP C 121 2.39 15.66 27.44
CA TRP C 121 1.60 16.78 27.98
C TRP C 121 2.02 18.16 27.46
N ARG C 122 3.31 18.34 27.18
CA ARG C 122 3.78 19.61 26.60
C ARG C 122 3.05 19.86 25.29
N LEU C 123 2.98 18.82 24.46
CA LEU C 123 2.36 18.93 23.15
C LEU C 123 0.88 19.12 23.31
N ILE C 124 0.26 18.35 24.20
CA ILE C 124 -1.15 18.56 24.48
C ILE C 124 -1.39 20.04 24.78
N GLU C 125 -0.65 20.62 25.71
CA GLU C 125 -0.92 22.01 26.08
C GLU C 125 -0.62 22.99 24.96
N ALA C 126 0.40 22.68 24.17
CA ALA C 126 0.75 23.51 22.99
C ALA C 126 -0.43 23.55 22.03
N LEU C 127 -1.02 22.41 21.76
CA LEU C 127 -2.15 22.37 20.85
C LEU C 127 -3.38 23.05 21.42
N GLU C 128 -3.55 23.04 22.75
CA GLU C 128 -4.68 23.77 23.42
C GLU C 128 -4.57 25.28 23.28
N ALA C 129 -3.37 25.78 23.49
CA ALA C 129 -3.10 27.23 23.58
C ALA C 129 -3.12 27.86 22.18
N MET C 130 -2.94 27.02 21.17
CA MET C 130 -3.05 27.44 19.76
C MET C 130 -4.46 27.99 19.52
N PRO C 131 -4.57 29.08 18.72
CA PRO C 131 -5.86 29.71 18.44
C PRO C 131 -6.54 29.10 17.22
N LEU C 132 -6.59 27.78 17.19
CA LEU C 132 -7.38 27.05 16.23
C LEU C 132 -7.96 25.98 17.09
N PRO C 133 -9.28 25.79 17.02
CA PRO C 133 -9.82 24.82 17.97
C PRO C 133 -9.44 23.40 17.56
N VAL C 134 -9.08 22.60 18.54
CA VAL C 134 -8.72 21.20 18.34
C VAL C 134 -9.76 20.28 19.00
N ARG C 135 -10.29 19.30 18.25
CA ARG C 135 -11.13 18.24 18.82
C ARG C 135 -10.20 17.08 19.06
N PHE C 136 -9.92 16.79 20.33
CA PHE C 136 -9.17 15.58 20.71
C PHE C 136 -10.05 14.34 20.73
N LEU C 137 -9.56 13.26 20.10
CA LEU C 137 -10.12 11.94 20.23
C LEU C 137 -9.17 11.15 21.12
N PRO C 138 -9.69 10.22 21.94
CA PRO C 138 -8.81 9.37 22.73
C PRO C 138 -8.00 8.39 21.89
N ASP C 139 -6.78 8.11 22.33
CA ASP C 139 -5.96 7.13 21.65
C ASP C 139 -6.49 5.73 21.99
N ASP C 140 -7.07 5.07 21.01
CA ASP C 140 -7.73 3.82 21.29
C ASP C 140 -6.84 2.62 20.93
N ARG C 141 -5.55 2.86 20.81
CA ARG C 141 -4.63 1.80 20.37
C ARG C 141 -4.11 0.97 21.51
N PHE C 142 -4.65 1.18 22.71
CA PHE C 142 -4.27 0.42 23.87
C PHE C 142 -5.39 -0.58 24.20
N LEU C 143 -5.03 -1.70 24.81
CA LEU C 143 -6.00 -2.73 25.15
C LEU C 143 -6.99 -2.29 26.25
N CYS C 144 -6.60 -1.34 27.08
CA CYS C 144 -7.48 -0.85 28.10
C CYS C 144 -7.76 0.57 27.77
N PRO C 145 -9.02 0.88 27.46
CA PRO C 145 -9.30 2.27 27.15
C PRO C 145 -9.17 3.19 28.38
N ALA C 146 -8.86 4.46 28.13
CA ALA C 146 -8.67 5.46 29.17
C ALA C 146 -9.77 5.54 30.24
N ASP C 147 -11.02 5.67 29.83
CA ASP C 147 -12.15 5.81 30.80
C ASP C 147 -12.29 4.58 31.68
N GLU C 148 -11.97 3.41 31.14
CA GLU C 148 -12.01 2.17 31.91
C GLU C 148 -10.84 2.07 32.88
N PHE C 149 -9.71 2.67 32.55
CA PHE C 149 -8.63 2.72 33.50
C PHE C 149 -8.98 3.64 34.68
N ALA C 150 -9.53 4.81 34.37
CA ALA C 150 -10.00 5.75 35.39
C ALA C 150 -11.06 5.11 36.32
N ARG C 151 -12.07 4.44 35.74
CA ARG C 151 -13.08 3.73 36.57
C ARG C 151 -12.39 2.69 37.43
N TRP C 152 -11.55 1.86 36.84
CA TRP C 152 -10.87 0.80 37.60
C TRP C 152 -10.13 1.36 38.82
N THR C 153 -9.64 2.60 38.76
CA THR C 153 -8.91 3.21 39.90
C THR C 153 -9.79 3.80 41.01
N GLU C 154 -10.98 4.28 40.66
CA GLU C 154 -11.89 4.94 41.62
C GLU C 154 -12.21 3.98 42.79
N GLY C 155 -11.57 4.19 43.94
CA GLY C 155 -11.72 3.33 45.14
C GLY C 155 -10.41 3.10 45.91
N LEU C 159 -4.05 0.60 44.30
CA LEU C 159 -3.61 0.41 42.92
C LEU C 159 -2.18 -0.17 42.81
N ARG C 160 -2.09 -1.42 42.35
CA ARG C 160 -0.81 -2.09 42.07
C ARG C 160 -0.97 -2.81 40.70
N MET C 161 0.13 -2.96 39.97
CA MET C 161 0.06 -3.51 38.62
C MET C 161 -0.55 -4.91 38.54
N GLU C 162 -0.35 -5.71 39.57
CA GLU C 162 -0.77 -7.10 39.55
C GLU C 162 -2.29 -7.23 39.51
N TRP C 163 -2.98 -6.58 40.46
CA TRP C 163 -4.45 -6.55 40.44
C TRP C 163 -4.92 -6.12 39.03
N PHE C 164 -4.28 -5.10 38.46
CA PHE C 164 -4.65 -4.57 37.13
C PHE C 164 -4.46 -5.58 36.02
N TYR C 165 -3.29 -6.21 36.00
CA TYR C 165 -2.94 -7.22 35.01
C TYR C 165 -3.90 -8.38 35.00
N ARG C 166 -4.28 -8.80 36.20
CA ARG C 166 -5.15 -9.93 36.37
C ARG C 166 -6.49 -9.64 35.72
N GLU C 167 -6.99 -8.43 35.93
CA GLU C 167 -8.25 -7.98 35.33
C GLU C 167 -8.17 -7.91 33.80
N MET C 168 -7.05 -7.42 33.29
CA MET C 168 -6.86 -7.36 31.84
C MET C 168 -6.80 -8.76 31.26
N ARG C 169 -6.33 -9.70 32.05
CA ARG C 169 -6.34 -11.06 31.57
C ARG C 169 -7.76 -11.60 31.44
N ARG C 170 -8.57 -11.36 32.47
CA ARG C 170 -9.98 -11.72 32.43
C ARG C 170 -10.71 -11.05 31.27
N ARG C 171 -10.47 -9.76 31.06
CA ARG C 171 -11.23 -9.02 30.06
C ARG C 171 -10.84 -9.39 28.66
N THR C 172 -9.58 -9.71 28.45
CA THR C 172 -9.09 -9.99 27.10
C THR C 172 -9.21 -11.45 26.74
N GLY C 173 -9.14 -12.34 27.72
CA GLY C 173 -9.16 -13.77 27.47
C GLY C 173 -7.79 -14.35 27.17
N LEU C 174 -6.75 -13.51 27.27
CA LEU C 174 -5.41 -13.96 26.98
C LEU C 174 -4.91 -14.89 28.08
N LEU C 175 -4.53 -16.09 27.68
CA LEU C 175 -4.04 -17.14 28.55
C LEU C 175 -5.05 -17.49 29.63
N MET C 176 -6.32 -17.49 29.25
CA MET C 176 -7.39 -17.93 30.13
C MET C 176 -8.00 -19.24 29.64
N GLU C 177 -8.09 -20.20 30.56
CA GLU C 177 -8.91 -21.42 30.47
C GLU C 177 -10.19 -21.16 31.28
N GLY C 178 -11.27 -20.76 30.61
CA GLY C 178 -12.46 -20.34 31.33
C GLY C 178 -12.10 -19.18 32.26
N ASP C 179 -12.35 -19.34 33.56
CA ASP C 179 -12.09 -18.29 34.52
C ASP C 179 -10.77 -18.53 35.25
N GLU C 180 -10.07 -19.58 34.82
CA GLU C 180 -8.77 -19.90 35.40
C GLU C 180 -7.61 -19.49 34.46
N PRO C 181 -6.49 -19.05 35.03
CA PRO C 181 -5.31 -18.78 34.23
C PRO C 181 -4.63 -20.03 33.73
N ALA C 182 -4.12 -19.99 32.50
CA ALA C 182 -3.30 -21.04 31.93
C ALA C 182 -2.20 -21.44 32.89
N GLY C 183 -1.96 -22.74 32.98
CA GLY C 183 -0.96 -23.31 33.88
C GLY C 183 -1.35 -23.40 35.34
N GLY C 184 -2.52 -22.88 35.72
CA GLY C 184 -2.96 -22.87 37.11
C GLY C 184 -2.38 -21.78 38.02
N LYS C 185 -1.37 -21.04 37.58
CA LYS C 185 -0.81 -19.90 38.34
C LYS C 185 -0.89 -18.64 37.45
N TRP C 186 -1.14 -17.48 38.06
CA TRP C 186 -1.19 -16.21 37.33
C TRP C 186 0.18 -15.77 36.77
N ASN C 187 1.23 -15.91 37.57
CA ASN C 187 2.51 -15.22 37.37
C ASN C 187 3.68 -16.20 37.43
N PHE C 188 4.41 -16.32 36.33
CA PHE C 188 5.60 -17.18 36.28
C PHE C 188 6.92 -16.42 36.43
N ASP C 189 6.87 -15.21 37.01
CA ASP C 189 8.04 -14.33 37.15
C ASP C 189 9.18 -14.96 37.95
N THR C 190 8.84 -15.85 38.89
CA THR C 190 9.83 -16.58 39.69
C THR C 190 10.73 -17.51 38.83
N GLU C 191 10.15 -18.10 37.78
CA GLU C 191 10.90 -18.97 36.85
C GLU C 191 11.68 -18.17 35.76
N ASN C 192 11.59 -16.83 35.79
CA ASN C 192 12.26 -15.92 34.83
C ASN C 192 13.31 -14.98 35.47
N ARG C 193 14.18 -15.53 36.33
CA ARG C 193 15.13 -14.73 37.10
C ARG C 193 16.51 -15.39 37.22
N LYS C 194 16.89 -16.22 36.24
CA LYS C 194 18.17 -16.94 36.26
C LYS C 194 19.19 -16.23 35.33
N PRO C 195 20.50 -16.42 35.56
CA PRO C 195 21.56 -15.86 34.70
C PRO C 195 21.47 -16.43 33.27
N ALA C 196 22.53 -16.31 32.48
CA ALA C 196 22.51 -16.86 31.13
C ALA C 196 23.86 -17.47 30.77
N ALA C 197 24.00 -17.93 29.54
CA ALA C 197 25.25 -18.49 29.04
C ALA C 197 25.61 -17.86 27.69
N PRO C 198 26.77 -18.25 27.10
CA PRO C 198 27.11 -17.90 25.71
C PRO C 198 26.57 -18.94 24.68
N ASP C 199 25.24 -19.07 24.57
CA ASP C 199 24.64 -19.93 23.52
C ASP C 199 24.96 -19.33 22.14
N LEU C 200 26.08 -19.78 21.54
CA LEU C 200 26.55 -19.33 20.21
C LEU C 200 25.48 -19.47 19.10
N LEU C 201 24.47 -20.31 19.36
CA LEU C 201 23.26 -20.38 18.53
C LEU C 201 22.08 -19.61 19.17
N ARG C 202 22.36 -18.43 19.74
CA ARG C 202 21.31 -17.53 20.24
C ARG C 202 21.04 -16.59 19.11
N PRO C 203 19.87 -16.72 18.47
CA PRO C 203 19.64 -15.93 17.27
C PRO C 203 19.62 -14.42 17.53
N ARG C 204 20.01 -13.66 16.50
CA ARG C 204 20.13 -12.21 16.58
C ARG C 204 18.91 -11.62 15.90
N PRO C 205 18.36 -10.52 16.44
CA PRO C 205 17.21 -9.84 15.83
C PRO C 205 17.45 -9.32 14.43
N LEU C 206 16.37 -9.10 13.71
CA LEU C 206 16.48 -8.66 12.34
C LEU C 206 17.00 -7.23 12.30
N ARG C 207 17.97 -6.98 11.42
CA ARG C 207 18.45 -5.66 11.11
C ARG C 207 17.97 -5.34 9.71
N PHE C 208 17.34 -4.18 9.54
CA PHE C 208 16.83 -3.71 8.25
C PHE C 208 17.73 -2.66 7.59
N GLU C 209 17.92 -2.89 6.30
CA GLU C 209 18.78 -2.09 5.43
C GLU C 209 18.04 -0.84 5.02
N PRO C 210 18.61 0.35 5.29
CA PRO C 210 17.97 1.57 4.83
C PRO C 210 17.87 1.69 3.32
N ASP C 211 16.67 1.97 2.83
CA ASP C 211 16.42 2.21 1.42
C ASP C 211 16.69 3.65 1.13
N ALA C 212 16.56 4.03 -0.14
CA ALA C 212 17.02 5.32 -0.60
C ALA C 212 16.47 6.42 0.26
N GLU C 213 15.22 6.28 0.67
CA GLU C 213 14.53 7.37 1.29
C GLU C 213 14.81 7.47 2.81
N VAL C 214 15.09 6.34 3.45
CA VAL C 214 15.63 6.34 4.80
C VAL C 214 17.04 6.96 4.78
N ARG C 215 17.79 6.67 3.73
CA ARG C 215 19.12 7.23 3.55
C ARG C 215 19.07 8.75 3.44
N ALA C 216 18.13 9.27 2.67
CA ALA C 216 17.92 10.70 2.59
C ALA C 216 17.70 11.33 3.99
N VAL C 217 17.01 10.61 4.86
CA VAL C 217 16.71 11.09 6.20
C VAL C 217 17.94 11.02 7.11
N LEU C 218 18.69 9.93 7.01
CA LEU C 218 19.93 9.80 7.75
C LEU C 218 20.85 10.97 7.44
N ASP C 219 21.02 11.31 6.17
CA ASP C 219 21.87 12.48 5.81
C ASP C 219 21.41 13.79 6.41
N LEU C 220 20.09 13.98 6.47
CA LEU C 220 19.52 15.20 7.00
C LEU C 220 19.79 15.31 8.51
N VAL C 221 19.51 14.22 9.23
CA VAL C 221 19.65 14.17 10.69
C VAL C 221 21.09 14.33 11.12
N GLU C 222 21.97 13.73 10.35
CA GLU C 222 23.40 13.77 10.62
C GLU C 222 23.89 15.20 10.57
N ALA C 223 23.34 15.97 9.65
CA ALA C 223 23.71 17.36 9.45
C ALA C 223 22.94 18.36 10.32
N ARG C 224 21.73 18.02 10.73
CA ARG C 224 20.80 18.98 11.35
C ARG C 224 20.83 18.93 12.86
N PHE C 225 21.14 17.76 13.41
CA PHE C 225 21.24 17.54 14.83
C PHE C 225 22.58 16.95 15.25
N PRO C 226 23.70 17.59 14.91
CA PRO C 226 25.02 17.01 15.16
C PRO C 226 25.48 16.90 16.62
N ARG C 227 24.87 17.65 17.53
CA ARG C 227 25.35 17.68 18.93
C ARG C 227 24.55 16.81 19.89
N HIS C 228 23.55 16.10 19.38
CA HIS C 228 22.79 15.18 20.20
C HIS C 228 23.66 13.98 20.39
N PHE C 229 23.68 13.46 21.60
CA PHE C 229 24.36 12.24 21.93
C PHE C 229 23.74 11.06 21.17
N GLY C 230 24.59 10.23 20.59
CA GLY C 230 24.16 8.95 20.03
C GLY C 230 24.80 8.81 18.68
N ARG C 231 25.18 7.61 18.30
CA ARG C 231 25.71 7.35 16.96
C ARG C 231 24.55 7.02 16.04
N LEU C 232 24.50 7.70 14.91
CA LEU C 232 23.42 7.53 13.94
C LEU C 232 23.55 6.23 13.17
N ARG C 233 24.76 5.92 12.74
CA ARG C 233 24.95 4.80 11.82
C ARG C 233 25.66 3.67 12.52
N PRO C 234 25.44 2.44 12.09
CA PRO C 234 24.43 2.02 11.12
C PRO C 234 23.04 1.97 11.75
N PHE C 235 22.08 2.48 10.99
CA PHE C 235 20.70 2.48 11.36
C PHE C 235 20.05 1.20 10.89
N HIS C 236 19.45 0.45 11.82
CA HIS C 236 18.86 -0.85 11.52
C HIS C 236 17.38 -1.06 11.90
N TRP C 237 16.67 -0.01 12.26
CA TRP C 237 15.34 -0.14 12.83
C TRP C 237 14.28 -0.25 11.75
N ALA C 238 13.22 -1.00 12.06
CA ALA C 238 12.10 -1.10 11.15
C ALA C 238 11.52 0.28 10.96
N THR C 239 11.28 0.68 9.71
CA THR C 239 10.66 1.98 9.42
C THR C 239 9.25 1.92 8.83
N ASP C 240 8.65 0.74 8.74
CA ASP C 240 7.23 0.68 8.39
C ASP C 240 6.60 -0.60 8.96
N ARG C 241 5.31 -0.80 8.74
CA ARG C 241 4.62 -1.95 9.29
C ARG C 241 5.18 -3.25 8.72
N ALA C 242 5.42 -3.29 7.43
CA ALA C 242 5.91 -4.53 6.80
C ALA C 242 7.23 -5.01 7.45
N GLU C 243 8.17 -4.10 7.65
CA GLU C 243 9.41 -4.45 8.31
C GLU C 243 9.08 -4.88 9.74
N ALA C 244 8.19 -4.15 10.42
CA ALA C 244 7.86 -4.44 11.80
C ALA C 244 7.27 -5.85 11.91
N LEU C 245 6.38 -6.21 10.98
CA LEU C 245 5.75 -7.53 11.07
C LEU C 245 6.79 -8.57 10.86
N ARG C 246 7.82 -8.30 10.07
CA ARG C 246 8.87 -9.28 9.84
C ARG C 246 9.68 -9.47 11.10
N ALA C 247 9.97 -8.38 11.80
CA ALA C 247 10.61 -8.41 13.13
C ALA C 247 9.79 -9.21 14.13
N LEU C 248 8.47 -9.08 14.07
CA LEU C 248 7.59 -9.77 15.01
C LEU C 248 7.64 -11.25 14.74
N ASP C 249 7.61 -11.60 13.48
CA ASP C 249 7.63 -13.00 13.05
C ASP C 249 8.92 -13.65 13.46
N HIS C 250 10.01 -12.95 13.33
CA HIS C 250 11.28 -13.51 13.71
C HIS C 250 11.33 -13.74 15.22
N PHE C 251 10.86 -12.77 15.99
CA PHE C 251 10.91 -12.96 17.43
C PHE C 251 10.07 -14.15 17.88
N ILE C 252 8.86 -14.27 17.33
CA ILE C 252 7.93 -15.29 17.75
C ILE C 252 8.52 -16.66 17.49
N ARG C 253 9.16 -16.83 16.34
CA ARG C 253 9.74 -18.10 15.94
C ARG C 253 11.06 -18.42 16.61
N GLU C 254 11.95 -17.44 16.69
CA GLU C 254 13.35 -17.71 17.04
C GLU C 254 13.71 -17.42 18.50
N SER C 255 13.09 -16.43 19.12
CA SER C 255 13.52 -15.95 20.43
C SER C 255 12.49 -16.09 21.56
N LEU C 256 11.21 -16.14 21.26
CA LEU C 256 10.20 -16.25 22.30
C LEU C 256 10.39 -17.48 23.20
N PRO C 257 10.79 -18.62 22.62
CA PRO C 257 11.06 -19.77 23.49
C PRO C 257 12.03 -19.53 24.65
N ARG C 258 13.01 -18.63 24.49
CA ARG C 258 13.98 -18.36 25.55
C ARG C 258 13.67 -17.11 26.35
N PHE C 259 12.60 -16.42 25.98
CA PHE C 259 12.34 -15.10 26.50
C PHE C 259 12.32 -15.08 28.01
N GLY C 260 11.74 -16.13 28.59
CA GLY C 260 11.55 -16.20 30.04
C GLY C 260 12.81 -16.57 30.80
N ASP C 261 13.52 -17.58 30.31
CA ASP C 261 14.76 -17.99 30.92
C ASP C 261 15.77 -16.84 31.09
N GLU C 262 15.77 -15.89 30.15
CA GLU C 262 16.84 -14.87 30.04
C GLU C 262 16.36 -13.43 30.20
N GLN C 263 15.21 -13.24 30.82
CA GLN C 263 14.60 -11.94 30.90
C GLN C 263 15.40 -10.94 31.70
N ASP C 264 16.15 -11.41 32.70
CA ASP C 264 16.89 -10.53 33.59
C ASP C 264 18.42 -10.68 33.49
N ALA C 265 18.89 -11.42 32.47
CA ALA C 265 20.30 -11.63 32.24
C ALA C 265 21.00 -10.51 31.44
N MET C 266 22.31 -10.47 31.57
CA MET C 266 23.14 -9.45 30.95
C MET C 266 24.44 -10.10 30.56
N LEU C 267 24.92 -9.81 29.35
CA LEU C 267 26.17 -10.39 28.88
C LEU C 267 27.04 -9.36 28.19
N ALA C 268 28.32 -9.30 28.58
CA ALA C 268 29.27 -8.37 27.96
C ALA C 268 29.12 -8.33 26.47
N ASP C 269 29.02 -9.52 25.85
CA ASP C 269 29.16 -9.67 24.40
C ASP C 269 27.86 -9.72 23.59
N ASP C 270 26.73 -9.56 24.25
CA ASP C 270 25.43 -9.63 23.61
C ASP C 270 24.52 -8.60 24.21
N PRO C 271 24.16 -7.58 23.42
CA PRO C 271 23.32 -6.49 23.87
C PRO C 271 21.84 -6.79 23.78
N PHE C 272 21.47 -7.88 23.15
CA PHE C 272 20.10 -8.14 22.79
C PHE C 272 19.52 -9.35 23.52
N LEU C 273 20.33 -10.38 23.67
CA LEU C 273 19.88 -11.67 24.16
C LEU C 273 18.65 -12.12 23.39
N SER C 274 17.57 -12.42 24.11
CA SER C 274 16.32 -12.90 23.50
C SER C 274 15.15 -11.90 23.68
N HIS C 275 15.45 -10.61 23.70
CA HIS C 275 14.41 -9.61 23.77
C HIS C 275 13.83 -9.34 22.39
N ALA C 276 12.63 -8.81 22.35
CA ALA C 276 11.93 -8.65 21.07
C ALA C 276 12.41 -7.46 20.20
N LEU C 277 12.93 -6.40 20.81
CA LEU C 277 13.22 -5.19 20.09
C LEU C 277 12.01 -4.75 19.25
N LEU C 278 10.83 -4.76 19.86
CA LEU C 278 9.58 -4.30 19.23
C LEU C 278 9.03 -2.99 19.83
N SER C 279 9.63 -2.49 20.91
CA SER C 279 9.02 -1.36 21.58
C SER C 279 8.81 -0.13 20.63
N SER C 280 9.80 0.20 19.81
CA SER C 280 9.68 1.34 18.90
C SER C 280 8.56 1.12 17.89
N SER C 281 8.40 -0.09 17.44
CA SER C 281 7.42 -0.35 16.43
C SER C 281 6.01 -0.23 17.00
N MET C 282 5.80 -0.72 18.21
CA MET C 282 4.50 -0.60 18.88
C MET C 282 4.24 0.86 19.21
N ASN C 283 5.22 1.54 19.79
CA ASN C 283 4.99 2.86 20.28
C ASN C 283 4.70 3.83 19.13
N LEU C 284 5.29 3.61 17.95
CA LEU C 284 5.01 4.51 16.80
C LEU C 284 3.75 4.12 16.06
N GLY C 285 3.17 2.98 16.42
CA GLY C 285 1.88 2.61 15.86
C GLY C 285 1.96 1.58 14.75
N LEU C 286 3.18 1.10 14.43
CA LEU C 286 3.38 0.13 13.38
C LEU C 286 2.95 -1.26 13.81
N LEU C 287 2.88 -1.54 15.09
CA LEU C 287 2.30 -2.79 15.59
C LEU C 287 1.25 -2.51 16.62
N GLY C 288 0.33 -3.43 16.82
CA GLY C 288 -0.65 -3.33 17.88
C GLY C 288 -0.37 -4.33 18.98
N PRO C 289 -0.67 -3.96 20.22
CA PRO C 289 -0.43 -4.85 21.34
C PRO C 289 -1.20 -6.14 21.23
N MET C 290 -2.43 -6.07 20.76
CA MET C 290 -3.25 -7.26 20.72
C MET C 290 -2.65 -8.31 19.81
N GLU C 291 -2.31 -7.95 18.59
CA GLU C 291 -1.76 -8.92 17.66
C GLU C 291 -0.48 -9.56 18.19
N VAL C 292 0.34 -8.77 18.87
CA VAL C 292 1.59 -9.26 19.40
C VAL C 292 1.36 -10.27 20.52
N CYS C 293 0.44 -9.98 21.40
CA CYS C 293 0.16 -10.91 22.48
C CYS C 293 -0.49 -12.18 21.96
N ARG C 294 -1.42 -12.06 21.00
CA ARG C 294 -2.10 -13.24 20.48
C ARG C 294 -1.15 -14.18 19.76
N ARG C 295 -0.21 -13.66 18.99
CA ARG C 295 0.78 -14.51 18.33
C ARG C 295 1.59 -15.33 19.34
N ALA C 296 1.97 -14.69 20.44
CA ALA C 296 2.72 -15.34 21.49
C ALA C 296 1.89 -16.41 22.19
N GLU C 297 0.67 -16.04 22.57
CA GLU C 297 -0.29 -17.00 23.13
C GLU C 297 -0.42 -18.26 22.26
N THR C 298 -0.48 -18.10 20.93
CA THR C 298 -0.61 -19.22 20.03
C THR C 298 0.64 -20.13 20.05
N GLU C 299 1.83 -19.60 20.27
CA GLU C 299 3.00 -20.47 20.33
C GLU C 299 2.95 -21.37 21.56
N TRP C 300 2.28 -20.93 22.61
CA TRP C 300 2.15 -21.77 23.77
C TRP C 300 1.15 -22.90 23.50
N ARG C 301 -0.04 -22.53 23.05
CA ARG C 301 -1.07 -23.49 22.66
C ARG C 301 -0.58 -24.57 21.73
N GLU C 302 0.30 -24.26 20.81
CA GLU C 302 0.76 -25.24 19.83
C GLU C 302 2.09 -25.90 20.16
N GLY C 303 2.52 -25.75 21.41
CA GLY C 303 3.68 -26.44 21.95
C GLY C 303 5.02 -26.06 21.39
N ARG C 304 5.14 -24.84 20.90
CA ARG C 304 6.42 -24.35 20.38
C ARG C 304 7.19 -23.49 21.36
N ALA C 305 6.52 -23.03 22.43
CA ALA C 305 7.15 -22.17 23.42
C ALA C 305 6.55 -22.38 24.82
N PRO C 306 7.37 -22.33 25.87
CA PRO C 306 6.86 -22.66 27.19
C PRO C 306 6.04 -21.56 27.81
N LEU C 307 5.16 -21.92 28.73
CA LEU C 307 4.24 -20.98 29.33
C LEU C 307 4.93 -19.86 30.13
N ASN C 308 6.07 -20.13 30.73
CA ASN C 308 6.79 -19.08 31.46
C ASN C 308 7.32 -18.01 30.53
N ALA C 309 7.68 -18.41 29.32
CA ALA C 309 8.13 -17.48 28.29
C ALA C 309 6.96 -16.63 27.82
N VAL C 310 5.86 -17.27 27.52
CA VAL C 310 4.74 -16.60 26.86
C VAL C 310 3.97 -15.69 27.83
N GLU C 311 3.73 -16.19 29.03
CA GLU C 311 3.15 -15.37 30.07
C GLU C 311 4.06 -14.21 30.43
N GLY C 312 5.35 -14.44 30.48
CA GLY C 312 6.26 -13.38 30.87
C GLY C 312 6.23 -12.26 29.86
N PHE C 313 6.34 -12.64 28.61
CA PHE C 313 6.26 -11.71 27.53
C PHE C 313 4.92 -10.94 27.60
N ILE C 314 3.80 -11.68 27.62
CA ILE C 314 2.50 -11.02 27.65
C ILE C 314 2.32 -10.09 28.86
N ARG C 315 2.95 -10.41 29.97
CA ARG C 315 2.80 -9.58 31.17
C ARG C 315 3.38 -8.19 30.91
N GLN C 316 4.42 -8.10 30.11
CA GLN C 316 5.03 -6.81 29.87
C GLN C 316 4.14 -5.91 28.99
N ILE C 317 3.42 -6.49 28.05
CA ILE C 317 2.61 -5.69 27.12
C ILE C 317 1.24 -5.46 27.74
N LEU C 318 0.53 -6.55 28.02
CA LEU C 318 -0.83 -6.51 28.58
C LEU C 318 -0.87 -5.91 30.01
N GLY C 319 0.22 -6.12 30.76
CA GLY C 319 0.36 -5.62 32.15
C GLY C 319 1.07 -4.28 32.21
N TRP C 320 2.41 -4.30 32.23
CA TRP C 320 3.18 -3.06 32.38
C TRP C 320 2.91 -1.94 31.37
N ARG C 321 3.01 -2.23 30.09
CA ARG C 321 2.79 -1.22 29.07
C ARG C 321 1.44 -0.56 29.24
N GLU C 322 0.37 -1.33 29.42
CA GLU C 322 -0.96 -0.73 29.65
C GLU C 322 -1.00 0.03 30.95
N TYR C 323 -0.49 -0.56 32.01
CA TYR C 323 -0.48 0.09 33.31
C TYR C 323 0.26 1.42 33.30
N VAL C 324 1.45 1.41 32.70
CA VAL C 324 2.25 2.62 32.55
C VAL C 324 1.46 3.73 31.83
N ARG C 325 0.75 3.39 30.77
CA ARG C 325 -0.04 4.41 30.06
C ARG C 325 -1.12 4.97 30.96
N GLY C 326 -1.71 4.13 31.77
CA GLY C 326 -2.80 4.57 32.60
C GLY C 326 -2.31 5.53 33.67
N ILE C 327 -1.21 5.16 34.32
CA ILE C 327 -0.64 6.02 35.34
C ILE C 327 -0.20 7.37 34.74
N TRP C 328 0.35 7.33 33.52
CA TRP C 328 0.73 8.56 32.84
C TRP C 328 -0.46 9.49 32.72
N THR C 329 -1.57 8.96 32.23
CA THR C 329 -2.79 9.74 32.07
C THR C 329 -3.36 10.28 33.36
N LEU C 330 -3.51 9.43 34.37
CA LEU C 330 -4.16 9.85 35.61
C LEU C 330 -3.33 10.96 36.24
N SER C 331 -2.00 10.82 36.19
CA SER C 331 -1.07 11.71 36.91
C SER C 331 -0.92 13.13 36.37
N GLY C 332 -1.21 13.32 35.09
CA GLY C 332 -1.19 14.68 34.54
C GLY C 332 0.16 15.35 34.32
N PRO C 333 0.11 16.61 33.88
CA PRO C 333 1.27 17.37 33.46
C PRO C 333 2.26 17.74 34.55
N ASP C 334 1.90 17.62 35.82
CA ASP C 334 2.86 17.94 36.89
C ASP C 334 3.62 16.73 37.32
N TYR C 335 3.40 15.58 36.70
CA TYR C 335 4.07 14.34 37.10
C TYR C 335 5.59 14.44 37.12
N ILE C 336 6.17 14.89 36.02
CA ILE C 336 7.63 14.98 35.87
C ILE C 336 8.30 15.93 36.84
N ARG C 337 7.52 16.63 37.65
CA ARG C 337 8.07 17.48 38.70
C ARG C 337 8.16 16.74 40.05
N SER C 338 7.65 15.51 40.07
CA SER C 338 7.69 14.64 41.25
C SER C 338 9.10 14.42 41.75
N ASN C 339 9.30 14.62 43.06
CA ASN C 339 10.61 14.48 43.64
C ASN C 339 10.44 14.17 45.13
N GLY C 340 9.74 13.08 45.40
CA GLY C 340 9.45 12.61 46.77
C GLY C 340 10.64 12.41 47.68
N LEU C 341 11.80 12.04 47.11
CA LEU C 341 13.01 11.79 47.89
C LEU C 341 13.93 12.99 48.05
N GLY C 342 13.60 14.10 47.38
CA GLY C 342 14.40 15.32 47.47
C GLY C 342 15.81 15.16 46.91
N HIS C 343 15.95 14.33 45.88
CA HIS C 343 17.20 14.19 45.17
C HIS C 343 17.36 15.32 44.18
N SER C 344 18.59 15.79 44.04
CA SER C 344 18.84 17.01 43.30
C SER C 344 20.18 17.11 42.57
N ALA C 345 20.99 16.06 42.54
CA ALA C 345 22.29 16.15 41.94
C ALA C 345 22.21 16.11 40.42
N ALA C 346 23.24 16.63 39.77
CA ALA C 346 23.34 16.61 38.31
C ALA C 346 23.54 15.18 37.87
N LEU C 347 23.37 14.92 36.57
CA LEU C 347 23.63 13.56 36.02
C LEU C 347 25.12 13.46 35.80
N PRO C 348 25.73 12.32 36.17
CA PRO C 348 27.17 12.20 35.92
C PRO C 348 27.45 12.19 34.44
N PRO C 349 28.53 12.85 34.01
CA PRO C 349 28.98 12.86 32.65
C PRO C 349 29.10 11.51 31.96
N LEU C 350 29.35 10.46 32.70
CA LEU C 350 29.38 9.14 32.10
C LEU C 350 28.09 8.81 31.34
N TYR C 351 26.97 9.39 31.74
CA TYR C 351 25.69 9.05 31.10
C TYR C 351 25.65 9.54 29.68
N TRP C 352 26.40 10.59 29.41
CA TRP C 352 26.47 11.16 28.07
C TRP C 352 27.71 10.70 27.31
N GLY C 353 28.33 9.61 27.73
CA GLY C 353 29.38 8.96 26.93
C GLY C 353 30.82 9.08 27.43
N LYS C 354 31.05 9.76 28.54
CA LYS C 354 32.43 9.93 29.03
C LYS C 354 32.88 8.64 29.69
N PRO C 355 34.18 8.34 29.62
CA PRO C 355 34.69 7.07 30.15
C PRO C 355 34.32 6.78 31.60
N THR C 356 33.92 5.54 31.86
CA THR C 356 33.75 5.11 33.24
C THR C 356 34.44 3.80 33.44
N ARG C 357 34.92 3.56 34.65
CA ARG C 357 35.57 2.27 34.94
C ARG C 357 34.63 1.28 35.62
N MET C 358 33.39 1.65 35.84
CA MET C 358 32.36 0.70 36.23
C MET C 358 31.90 -0.06 34.98
N ALA C 359 32.20 -1.35 34.88
CA ALA C 359 32.03 -2.07 33.60
C ALA C 359 30.58 -2.25 33.17
N CYS C 360 29.70 -2.41 34.14
CA CYS C 360 28.26 -2.52 33.89
C CYS C 360 27.68 -1.25 33.27
N LEU C 361 27.97 -0.12 33.91
CA LEU C 361 27.52 1.19 33.45
C LEU C 361 28.11 1.50 32.09
N SER C 362 29.38 1.19 31.94
CA SER C 362 30.07 1.44 30.71
C SER C 362 29.45 0.70 29.56
N ALA C 363 29.12 -0.57 29.75
CA ALA C 363 28.52 -1.41 28.68
C ALA C 363 27.11 -0.93 28.32
N ALA C 364 26.33 -0.53 29.32
CA ALA C 364 24.97 0.00 29.09
C ALA C 364 24.97 1.32 28.33
N VAL C 365 25.81 2.25 28.77
CA VAL C 365 25.90 3.55 28.12
C VAL C 365 26.51 3.39 26.76
N ALA C 366 27.49 2.50 26.58
CA ALA C 366 28.05 2.24 25.22
C ALA C 366 26.96 1.77 24.24
N GLN C 367 26.13 0.83 24.64
CA GLN C 367 25.14 0.31 23.68
C GLN C 367 23.96 1.27 23.48
N THR C 368 23.64 2.03 24.54
CA THR C 368 22.71 3.12 24.39
C THR C 368 23.26 4.02 23.33
N ARG C 369 24.54 4.36 23.43
CA ARG C 369 25.17 5.23 22.44
C ARG C 369 25.06 4.67 21.03
N ASP C 370 25.45 3.42 20.85
CA ASP C 370 25.62 2.88 19.52
C ASP C 370 24.34 2.35 18.89
N LEU C 371 23.43 1.87 19.71
CA LEU C 371 22.29 1.15 19.20
C LEU C 371 20.95 1.86 19.48
N ALA C 372 20.96 2.85 20.36
CA ALA C 372 19.74 3.50 20.81
C ALA C 372 18.85 2.52 21.55
N TYR C 373 19.45 1.50 22.16
CA TYR C 373 18.71 0.45 22.87
C TYR C 373 19.56 -0.14 23.96
N ALA C 374 18.93 -0.32 25.12
CA ALA C 374 19.42 -1.12 26.26
C ALA C 374 18.17 -1.91 26.64
N HIS C 375 18.31 -3.15 27.14
CA HIS C 375 17.10 -3.93 27.50
C HIS C 375 16.69 -3.64 28.93
N HIS C 376 15.51 -4.11 29.29
CA HIS C 376 14.87 -3.66 30.51
C HIS C 376 15.72 -3.69 31.78
N ILE C 377 16.40 -4.80 32.04
CA ILE C 377 17.10 -4.94 33.30
C ILE C 377 18.31 -4.03 33.33
N GLN C 378 18.81 -3.63 32.16
CA GLN C 378 19.86 -2.61 32.10
C GLN C 378 19.33 -1.24 32.52
N ARG C 379 18.13 -0.93 32.03
CA ARG C 379 17.52 0.38 32.28
C ARG C 379 17.10 0.52 33.76
N LEU C 380 16.62 -0.59 34.32
CA LEU C 380 16.13 -0.63 35.69
C LEU C 380 17.28 -0.77 36.70
N MET C 381 18.04 -1.85 36.58
CA MET C 381 19.00 -2.25 37.58
C MET C 381 20.46 -1.83 37.32
N VAL C 382 20.78 -1.27 36.15
CA VAL C 382 22.15 -0.70 35.96
C VAL C 382 22.12 0.83 35.96
N THR C 383 21.65 1.44 34.88
CA THR C 383 21.69 2.91 34.76
C THR C 383 20.70 3.59 35.71
N GLY C 384 19.54 2.99 35.88
CA GLY C 384 18.51 3.53 36.76
C GLY C 384 18.88 3.41 38.23
N ASN C 385 19.16 2.20 38.64
CA ASN C 385 19.65 1.85 39.96
C ASN C 385 20.77 2.83 40.38
N PHE C 386 21.75 3.02 39.52
CA PHE C 386 22.90 3.87 39.87
C PHE C 386 22.54 5.35 40.05
N ALA C 387 21.69 5.87 39.18
CA ALA C 387 21.23 7.24 39.28
C ALA C 387 20.41 7.49 40.57
N LEU C 388 19.55 6.55 40.94
CA LEU C 388 18.78 6.68 42.20
C LEU C 388 19.71 6.68 43.42
N LEU C 389 20.64 5.73 43.39
CA LEU C 389 21.57 5.55 44.48
C LEU C 389 22.44 6.79 44.66
N ALA C 390 22.77 7.45 43.56
CA ALA C 390 23.74 8.55 43.55
C ALA C 390 23.02 9.85 43.77
N GLY C 391 21.71 9.80 43.99
CA GLY C 391 20.96 10.97 44.36
C GLY C 391 20.74 11.96 43.23
N VAL C 392 20.69 11.47 41.99
CA VAL C 392 20.48 12.35 40.86
C VAL C 392 19.07 12.89 40.88
N ASP C 393 18.91 14.19 40.61
CA ASP C 393 17.56 14.72 40.38
C ASP C 393 16.78 13.85 39.40
N PRO C 394 15.55 13.47 39.76
CA PRO C 394 14.75 12.71 38.80
C PRO C 394 14.46 13.46 37.53
N ALA C 395 14.38 14.79 37.58
CA ALA C 395 14.20 15.56 36.35
C ALA C 395 15.37 15.27 35.39
N GLU C 396 16.55 15.00 35.93
CA GLU C 396 17.70 14.79 35.07
C GLU C 396 17.70 13.39 34.53
N VAL C 397 17.20 12.45 35.31
CA VAL C 397 17.14 11.06 34.85
C VAL C 397 16.12 10.99 33.75
N HIS C 398 15.05 11.75 33.91
CA HIS C 398 13.95 11.80 32.97
C HIS C 398 14.43 12.30 31.64
N GLU C 399 15.12 13.41 31.63
CA GLU C 399 15.61 13.97 30.37
C GLU C 399 16.42 12.92 29.60
N TRP C 400 17.20 12.13 30.33
CA TRP C 400 18.13 11.19 29.68
C TRP C 400 17.35 10.04 29.05
N TYR C 401 16.52 9.39 29.86
CA TYR C 401 15.73 8.29 29.34
C TYR C 401 14.84 8.77 28.19
N LEU C 402 14.29 9.97 28.28
CA LEU C 402 13.39 10.40 27.23
C LEU C 402 14.21 10.70 25.98
N SER C 403 15.47 11.04 26.17
CA SER C 403 16.31 11.37 25.05
C SER C 403 16.88 10.13 24.34
N VAL C 404 17.49 9.23 25.09
CA VAL C 404 18.51 8.36 24.50
C VAL C 404 18.05 7.05 23.84
N TYR C 405 16.81 6.62 24.08
CA TYR C 405 16.35 5.30 23.64
C TYR C 405 15.35 5.42 22.55
N ILE C 406 15.49 4.51 21.58
CA ILE C 406 14.72 4.53 20.34
C ILE C 406 13.22 4.53 20.58
N ASP C 407 12.82 4.04 21.74
CA ASP C 407 11.42 3.79 21.98
C ASP C 407 10.81 4.80 22.92
N ALA C 408 11.54 5.91 23.15
CA ALA C 408 11.23 6.84 24.26
C ALA C 408 10.30 7.95 23.78
N LEU C 409 9.12 7.98 24.38
CA LEU C 409 8.16 9.07 24.26
C LEU C 409 7.62 9.33 25.67
N GLU C 410 7.11 10.52 25.95
CA GLU C 410 6.76 10.82 27.34
C GLU C 410 5.87 9.80 28.01
N TRP C 411 4.87 9.29 27.31
CA TRP C 411 3.83 8.57 28.02
C TRP C 411 4.36 7.28 28.59
N VAL C 412 5.29 6.65 27.90
CA VAL C 412 5.83 5.38 28.34
C VAL C 412 7.13 5.56 29.09
N GLU C 413 7.95 6.53 28.71
CA GLU C 413 9.21 6.72 29.46
C GLU C 413 8.99 7.23 30.90
N ALA C 414 8.05 8.14 31.09
CA ALA C 414 7.98 8.93 32.34
C ALA C 414 7.61 8.12 33.56
N PRO C 415 6.63 7.24 33.45
CA PRO C 415 6.27 6.49 34.65
C PRO C 415 7.29 5.44 34.97
N ASN C 416 7.85 4.83 33.93
CA ASN C 416 9.00 3.94 34.13
C ASN C 416 10.16 4.61 34.82
N THR C 417 10.37 5.90 34.56
CA THR C 417 11.59 6.55 35.05
C THR C 417 11.39 7.26 36.38
N ILE C 418 10.39 8.14 36.43
CA ILE C 418 10.06 8.88 37.64
C ILE C 418 9.58 7.91 38.70
N GLY C 419 8.73 6.96 38.30
CA GLY C 419 8.08 6.01 39.22
C GLY C 419 8.88 4.77 39.58
N MET C 420 8.87 3.79 38.68
CA MET C 420 9.49 2.50 38.88
C MET C 420 10.98 2.64 39.24
N SER C 421 11.74 3.31 38.40
CA SER C 421 13.18 3.43 38.62
C SER C 421 13.61 4.38 39.72
N GLN C 422 13.13 5.61 39.72
CA GLN C 422 13.69 6.61 40.62
C GLN C 422 12.88 6.83 41.90
N PHE C 423 11.73 6.19 41.98
CA PHE C 423 10.97 6.09 43.21
C PHE C 423 10.66 7.47 43.75
N ALA C 424 10.23 8.35 42.85
CA ALA C 424 10.08 9.78 43.12
C ALA C 424 8.61 10.20 43.28
N ASP C 425 7.69 9.27 43.07
CA ASP C 425 6.28 9.60 43.02
C ASP C 425 5.53 8.98 44.19
N HIS C 426 4.20 8.86 44.07
CA HIS C 426 3.37 8.36 45.15
C HIS C 426 3.40 6.83 45.26
N GLY C 427 4.16 6.19 44.37
CA GLY C 427 4.49 4.77 44.49
C GLY C 427 3.58 3.81 43.74
N LEU C 428 2.86 4.27 42.72
CA LEU C 428 1.89 3.41 42.06
C LEU C 428 2.54 2.34 41.15
N LEU C 429 3.85 2.41 40.90
CA LEU C 429 4.54 1.37 40.11
C LEU C 429 5.45 0.43 40.96
N GLY C 430 5.31 0.52 42.27
CA GLY C 430 6.11 -0.32 43.15
C GLY C 430 6.22 0.39 44.47
N SER C 431 6.12 -0.39 45.55
CA SER C 431 6.28 0.14 46.92
C SER C 431 7.67 -0.20 47.47
N LYS C 432 8.47 -0.84 46.62
CA LYS C 432 9.89 -1.09 46.87
C LYS C 432 10.69 -0.41 45.77
N PRO C 433 11.79 0.25 46.12
CA PRO C 433 12.66 0.77 45.09
C PRO C 433 13.47 -0.32 44.46
N TYR C 434 13.79 -0.16 43.19
CA TYR C 434 14.62 -1.12 42.48
C TYR C 434 16.06 -0.62 42.55
N VAL C 435 16.71 -0.98 43.66
CA VAL C 435 18.11 -0.63 43.89
C VAL C 435 18.80 -1.86 44.40
N SER C 436 20.12 -1.88 44.31
CA SER C 436 20.85 -2.99 44.80
C SER C 436 22.32 -2.68 45.00
N SER C 437 23.00 -3.60 45.68
CA SER C 437 24.44 -3.60 45.79
C SER C 437 24.95 -4.26 44.53
N GLY C 438 26.26 -4.49 44.45
CA GLY C 438 26.82 -5.04 43.24
C GLY C 438 26.56 -6.53 43.10
N ALA C 439 26.13 -7.17 44.17
CA ALA C 439 25.94 -8.61 44.16
C ALA C 439 24.85 -8.98 43.13
N TYR C 440 23.79 -8.18 43.06
CA TYR C 440 22.74 -8.44 42.12
C TYR C 440 23.29 -8.42 40.70
N ILE C 441 24.15 -7.46 40.38
CA ILE C 441 24.65 -7.30 39.00
C ILE C 441 25.63 -8.41 38.63
N ASP C 442 26.41 -8.84 39.62
CA ASP C 442 27.37 -9.92 39.45
C ASP C 442 26.70 -11.26 39.39
N ARG C 443 25.45 -11.33 39.80
CA ARG C 443 24.74 -12.59 39.79
C ARG C 443 24.08 -12.78 38.44
N MET C 444 23.56 -11.69 37.89
CA MET C 444 22.73 -11.74 36.70
C MET C 444 23.54 -11.44 35.47
N SER C 445 24.85 -11.32 35.62
CA SER C 445 25.70 -11.10 34.48
C SER C 445 27.12 -11.56 34.65
N ASP C 446 27.92 -11.31 33.62
CA ASP C 446 29.37 -11.57 33.65
C ASP C 446 30.20 -10.28 33.42
N TYR C 447 29.71 -9.17 33.95
CA TYR C 447 30.42 -7.90 33.83
C TYR C 447 31.55 -7.77 34.82
N CYS C 448 31.28 -8.16 36.05
CA CYS C 448 32.20 -7.95 37.14
C CYS C 448 33.51 -8.69 36.94
N ARG C 449 33.54 -9.68 36.03
CA ARG C 449 34.72 -10.56 35.85
C ARG C 449 35.90 -9.76 35.34
N GLY C 450 35.64 -8.82 34.42
CA GLY C 450 36.71 -7.94 33.87
C GLY C 450 36.68 -6.45 34.30
N CYS C 451 36.05 -6.16 35.44
CA CYS C 451 35.87 -4.78 35.91
C CYS C 451 37.05 -4.39 36.79
N ALA C 452 37.38 -3.11 36.80
CA ALA C 452 38.44 -2.59 37.68
C ALA C 452 38.03 -2.63 39.15
N TYR C 453 36.73 -2.54 39.44
CA TYR C 453 36.25 -2.66 40.82
C TYR C 453 36.17 -4.12 41.23
N ALA C 454 36.08 -4.37 42.53
CA ALA C 454 35.99 -5.74 43.04
C ALA C 454 34.66 -5.85 43.74
N VAL C 455 33.78 -6.68 43.15
CA VAL C 455 32.38 -6.70 43.49
C VAL C 455 32.19 -7.32 44.83
N LYS C 456 33.17 -8.10 45.26
CA LYS C 456 33.09 -8.77 46.55
C LYS C 456 33.67 -7.95 47.69
N ASP C 457 34.50 -6.96 47.39
CA ASP C 457 34.97 -5.99 48.39
C ASP C 457 33.83 -5.05 48.81
N ARG C 458 33.47 -5.06 50.08
CA ARG C 458 32.40 -4.22 50.60
C ARG C 458 32.93 -2.84 51.08
N THR C 459 34.26 -2.71 51.23
CA THR C 459 35.01 -1.44 51.50
C THR C 459 36.42 -1.50 50.90
N GLY C 460 37.09 -0.35 50.86
CA GLY C 460 38.42 -0.23 50.25
C GLY C 460 38.39 0.60 48.97
N PRO C 461 39.56 0.84 48.37
CA PRO C 461 39.66 1.49 47.04
C PRO C 461 38.84 0.78 45.97
N ARG C 462 38.84 -0.55 46.01
CA ARG C 462 38.29 -1.35 44.91
C ARG C 462 36.85 -1.71 45.12
N ALA C 463 36.30 -1.34 46.27
CA ALA C 463 34.88 -1.51 46.53
C ALA C 463 33.98 -1.08 45.34
N CYS C 464 33.18 -2.01 44.82
CA CYS C 464 32.16 -1.70 43.85
C CYS C 464 31.36 -0.56 44.43
N PRO C 465 31.09 0.48 43.63
CA PRO C 465 30.36 1.62 44.13
C PRO C 465 28.91 1.36 44.52
N PHE C 466 28.30 0.36 43.89
CA PHE C 466 26.96 -0.02 44.24
C PHE C 466 26.97 -0.54 45.68
N ASN C 467 28.02 -1.29 46.04
CA ASN C 467 28.21 -1.74 47.41
C ASN C 467 28.26 -0.62 48.42
N LEU C 468 28.83 0.51 48.05
CA LEU C 468 28.89 1.67 48.91
C LEU C 468 27.56 2.42 48.89
N LEU C 469 27.09 2.78 47.70
CA LEU C 469 25.91 3.64 47.58
C LEU C 469 24.62 2.99 48.05
N TYR C 470 24.47 1.68 47.86
CA TYR C 470 23.27 1.00 48.30
C TYR C 470 23.00 1.31 49.78
N TRP C 471 24.01 1.13 50.61
CA TRP C 471 23.86 1.36 52.06
C TRP C 471 23.73 2.85 52.37
N HIS C 472 24.52 3.69 51.71
CA HIS C 472 24.35 5.13 51.87
C HIS C 472 22.91 5.59 51.64
N PHE C 473 22.36 5.10 50.54
CA PHE C 473 21.03 5.42 50.10
C PHE C 473 20.06 5.02 51.18
N LEU C 474 20.17 3.78 51.65
CA LEU C 474 19.23 3.31 52.66
C LEU C 474 19.39 4.11 53.93
N ASN C 475 20.64 4.37 54.30
CA ASN C 475 20.90 5.15 55.48
C ASN C 475 20.29 6.56 55.41
N ARG C 476 20.40 7.24 54.28
CA ARG C 476 19.96 8.63 54.26
C ARG C 476 18.45 8.78 54.26
N HIS C 477 17.74 7.75 53.80
CA HIS C 477 16.27 7.78 53.73
C HIS C 477 15.58 6.88 54.78
N ARG C 478 16.30 6.53 55.82
CA ARG C 478 15.79 5.64 56.86
C ARG C 478 14.50 6.12 57.55
N ALA C 479 14.45 7.38 57.97
CA ALA C 479 13.27 7.91 58.65
C ALA C 479 11.98 7.64 57.87
N ARG C 480 12.10 7.54 56.54
CA ARG C 480 10.95 7.21 55.68
C ARG C 480 10.82 5.70 55.37
N PHE C 481 11.92 5.08 55.00
CA PHE C 481 11.92 3.70 54.53
C PHE C 481 11.74 2.68 55.64
N GLU C 482 12.03 3.09 56.87
CA GLU C 482 11.96 2.25 58.05
C GLU C 482 10.51 1.95 58.33
N ARG C 483 9.67 2.93 58.04
CA ARG C 483 8.25 2.83 58.27
C ARG C 483 7.55 2.09 57.13
N ASN C 484 8.32 1.42 56.27
CA ASN C 484 7.79 0.71 55.10
C ASN C 484 8.02 -0.80 55.24
N PRO C 485 6.96 -1.59 55.35
CA PRO C 485 7.09 -3.04 55.59
C PRO C 485 8.03 -3.83 54.65
N ARG C 486 7.98 -3.58 53.35
CA ARG C 486 8.76 -4.37 52.38
C ARG C 486 10.26 -4.06 52.45
N MET C 487 10.62 -3.12 53.32
CA MET C 487 11.98 -2.57 53.42
C MET C 487 12.65 -2.78 54.76
N VAL C 488 11.89 -2.88 55.83
CA VAL C 488 12.44 -2.94 57.19
C VAL C 488 13.41 -4.13 57.39
N GLN C 489 13.26 -5.18 56.59
CA GLN C 489 14.20 -6.32 56.57
C GLN C 489 15.65 -5.95 56.27
N MET C 490 15.86 -5.06 55.31
CA MET C 490 17.20 -4.67 54.86
C MET C 490 17.96 -3.83 55.94
N TYR C 491 17.21 -3.10 56.77
CA TYR C 491 17.76 -2.37 57.91
C TYR C 491 18.11 -3.24 59.14
N ARG C 492 17.69 -4.50 59.14
CA ARG C 492 18.02 -5.43 60.22
C ARG C 492 19.38 -6.05 59.88
N THR C 493 19.61 -6.39 58.61
CA THR C 493 20.92 -6.93 58.21
C THR C 493 22.04 -5.87 58.33
N TRP C 494 21.64 -4.60 58.36
CA TRP C 494 22.55 -3.47 58.50
C TRP C 494 22.92 -3.21 59.95
N ASP C 495 21.97 -3.29 60.85
CA ASP C 495 22.29 -3.08 62.25
C ASP C 495 22.96 -4.27 62.89
N ARG C 496 22.94 -5.40 62.20
CA ARG C 496 23.62 -6.58 62.67
C ARG C 496 25.08 -6.58 62.19
N MET C 497 25.64 -5.39 61.93
CA MET C 497 27.08 -5.30 61.69
C MET C 497 27.74 -4.22 62.51
N GLU C 498 29.02 -4.43 62.77
CA GLU C 498 29.79 -3.64 63.71
C GLU C 498 29.77 -2.19 63.29
N GLU C 499 29.86 -1.28 64.25
CA GLU C 499 29.89 0.14 63.92
C GLU C 499 31.12 0.51 63.11
N THR C 500 32.21 -0.23 63.31
CA THR C 500 33.44 0.01 62.58
C THR C 500 33.22 -0.11 61.08
N HIS C 501 32.50 -1.16 60.66
CA HIS C 501 32.24 -1.43 59.23
C HIS C 501 31.22 -0.45 58.60
N ARG C 502 30.18 -0.10 59.34
CA ARG C 502 29.16 0.85 58.88
C ARG C 502 29.78 2.19 58.54
N ALA C 503 30.20 2.93 59.56
CA ALA C 503 31.05 4.12 59.43
C ALA C 503 32.02 4.08 58.23
N ARG C 504 32.80 3.01 58.12
CA ARG C 504 33.76 2.88 57.01
C ARG C 504 33.00 3.01 55.71
N VAL C 505 31.93 2.24 55.55
CA VAL C 505 31.11 2.22 54.32
C VAL C 505 30.44 3.57 54.00
N LEU C 506 29.87 4.25 54.98
CA LEU C 506 29.25 5.53 54.75
C LEU C 506 30.27 6.64 54.43
N THR C 507 31.45 6.55 55.04
CA THR C 507 32.55 7.44 54.73
C THR C 507 33.03 7.26 53.29
N GLU C 508 33.25 6.03 52.84
CA GLU C 508 33.78 5.84 51.47
C GLU C 508 32.70 6.09 50.39
N ALA C 509 31.43 5.88 50.76
CA ALA C 509 30.31 6.25 49.90
C ALA C 509 30.27 7.77 49.71
N GLU C 510 30.48 8.50 50.80
CA GLU C 510 30.40 9.93 50.74
C GLU C 510 31.59 10.52 49.96
N ALA C 511 32.77 9.90 50.09
CA ALA C 511 33.94 10.30 49.26
C ALA C 511 33.67 10.03 47.78
N PHE C 512 33.04 8.91 47.48
CA PHE C 512 32.80 8.53 46.11
C PHE C 512 31.85 9.50 45.44
N LEU C 513 30.78 9.86 46.13
CA LEU C 513 29.83 10.84 45.62
C LEU C 513 30.48 12.20 45.36
N GLY C 514 31.46 12.57 46.16
CA GLY C 514 32.24 13.78 45.92
C GLY C 514 32.95 13.75 44.59
N ARG C 515 33.58 12.64 44.28
CA ARG C 515 34.26 12.55 43.01
C ARG C 515 33.23 12.38 41.91
N LEU C 516 32.22 11.54 42.16
CA LEU C 516 31.19 11.33 41.17
C LEU C 516 30.66 12.66 40.71
N HIS C 517 30.22 13.48 41.64
CA HIS C 517 29.47 14.68 41.27
C HIS C 517 30.30 15.88 40.91
N ALA C 518 31.62 15.77 41.09
CA ALA C 518 32.55 16.78 40.62
C ALA C 518 32.93 16.45 39.18
N GLY C 519 32.40 15.35 38.66
CA GLY C 519 32.64 14.93 37.28
C GLY C 519 33.94 14.17 37.06
N GLU C 520 34.54 13.69 38.14
CA GLU C 520 35.79 12.96 38.03
C GLU C 520 35.48 11.55 37.51
N PRO C 521 36.37 10.96 36.69
CA PRO C 521 36.14 9.63 36.15
C PRO C 521 36.13 8.59 37.26
N VAL C 522 35.29 7.57 37.18
CA VAL C 522 35.03 6.73 38.33
C VAL C 522 34.59 5.32 37.91
#